data_8R65
#
_entry.id   8R65
#
_cell.length_a   1.00
_cell.length_b   1.00
_cell.length_c   1.00
_cell.angle_alpha   90.00
_cell.angle_beta   90.00
_cell.angle_gamma   90.00
#
_symmetry.space_group_name_H-M   'P 1'
#
loop_
_entity.id
_entity.type
_entity.pdbx_description
1 polymer 'Polymerase acidic protein'
2 polymer 'Polymerase basic protein 2'
3 polymer "RNA (5'-R(P*AP*GP*UP*AP*GP*AP*AP*AP*CP*AP*AP*GP*GP*CP*C)-3')"
4 polymer "RNA (5'-R(P*GP*GP*CP*CP*UP*GP*CP*U)-3')"
5 polymer 'RNA polymerase II 4 repeat peptide with serine5 phosphorylation'
6 polymer 'RNA-directed RNA polymerase catalytic subunit'
#
loop_
_entity_poly.entity_id
_entity_poly.type
_entity_poly.pdbx_seq_one_letter_code
_entity_poly.pdbx_strand_id
1 'polypeptide(L)'
;MEDFVRQCFNPMIVELAEKAMKEYGEDLKIETNKFAAICTHLEVCFMYSDFHFINERGESIIVESGDPNALLKHRFEIIE
GRDRTMAWTVVNSICNTTGAEKPKFLPALYDYKENRFIEIGVTRREVHIYYLEKANKIKSEKTHIHIFSFTGEEMATKAD
YTLDEESRARIKTRLFTIRQEMASRGLWDSFRQSERGEETIEERFEITGTMRRLADQSLPPNFSSLENFRAYVDGFEPNG
YIEGKLSQMSKEVNARIEPFLKTTPRPLRLPDGPPCSQRSKFLLMDALKLSIEDPSHEGEGIPLYDAIKCMRTFFGWKEP
NVVKPHEKGINPNYLLAWKQVLAELQDIENEEKIPKTKNMKKTSQLKWALGENMAPEKVDFDDCKDVSDLKQYDSDEPEL
RSLASWIQSEFNKACELTDSSWIELDEIGEDVAPIEHIASMRRNYFTAEVSHCRATEYIMKGVYINTALLNASCAAMDDF
QLIPMISKCRTKEGRRKTNLYGFIIKGRSHLRNDTDVVNFVSMEFSLTDPRLEPHKWEKYCVLEIGDMLLRSAIGQVSRP
MFLYVRTNGTSKIKMKWGMEMRRCLLQSLQQIESMIEAESSVKEKDMTKEFFENKSETWPIGESPKGVEEGSIGKVCRTL
LAKSVFNSLYASPQLEGFSAESRKLLLIVQALRDNLEPGTFDLGGLYEAIEECLINDPWVLLNASWFNSFLTHALR
;
A
2 'polypeptide(L)'
;MERIKELRDLMSQSRTREILTKTTVDHMAIIKKYTSGRQEKNPALRMKWMMAMKYPITADKRIMEMIPERNEQGQTLWSK
TNDAGSDRVMVSPLAVTWWNRNGPTTSAVHYPKIYKTYFEKVERLKHGTFGPVHFRNQVKIRRRVDINPGHADLSAKEAQ
DVIMEVVFPNEVGARILTSESQLTITKEKKEELQDCKISPLMVAYMLERELVRKTRFLPVAGGTSSVYIEVLHLTQGTCW
EQMYTPGGEVRNDDVDQSLIIAARNIVRRATVSADPLASLLEMCHSTQIGGIRMVDILRQNPTEEQAVDICKAAMGLRIS
SSFSFGGFTFKRTSGSSVKREEEVLTGNLQTLKIRVHEGYEEFTMVGRRATAILRKATRRLIQLIVSGRDEQSIAEAIIV
AMVFSQEDCMIKAVRGDLNFVNRANQRLNPMHQLLRHFQKDAKVLFQNWGIEPIDNVMGMIGILPDMTPSTEMSMRGVRV
SKMGVDEYSSTERVVVSIDRFLRVRDQRGNVLLSPEEVSETQGTEKLTITYSSSMMWEVNGPESVLVNTYQWIIRNWETV
KIQWSQNPTMLYNKMEFEPFQSLVPKAARGQYSGFVRTLFQQMRDVLGTFDTVQIIKLLPFAAAPPKQSRMQFSSLTVNV
RGSGMRILVRGNSPVFNYNKATKRLTVLGKDAGALTEDPDEGTAGVESAVLRGFLILGKEDRRYGPALSINELSNLAKGE
KANVLIGQGDVVLVMKRKRDSSILTDSQTATKRIRMAINENLYFQGELKTAALAQHDEAVDNKFNKEQQNAFYEILHLPN
LNEEQRNAFIQSLKDDPSQSANLLAEAKKLNDAQAPKVDNKFNKEQQNAFYEILHLPNLNEEQRNAFIQSLKADPSQSAN
LLAEAKKLNGAQAPKVDANSAGKST
;
C
3 'polyribonucleotide' AGUAGAAACAAGGCC D
4 'polyribonucleotide' GGCCUGCUUUUGCUAUU E
5 'polypeptide(L)' YSPT(SEP)PSYSPT(SEP)PSYSPT(SEP)PSYSPT(SEP)PS X
6 'polypeptide(L)'
;MDVNPTLLFLKVPAQNAISTTFPYTGDPPYSHGTGTGYTMDTVNRTHQYSEKGRWTTNTETGAPQLNPIDGPLPEDNEPS
GYAQTDCVLEAMAFLEESHPGIFENSCLETMEVVQQTRVDKLTQGRQTYDWTLNRNQPAATALANTIEVFRSNGLTANES
GRLIDFLKDVMESMDKEEMEITTHFQRKRRVRDNMTKKMVTQRTIGKKKQRLNKRSYLIRALTLNTMTKDAERGKLKRRA
IATPGMQIRGFVYFVETLARSICEKLEQSGLPVGGNEKKAKLANVVRKMMTNSQDTELSFTITGDNTKWNENQNPRMFLA
MITYITRNQPEWFRNVLSIAPIMFSNKMARLGKGYMFESKSMKLRTQIPAEMLASIDLKYFNDSTRKKIEKIRPLLIDGT
ASLSPGMMMGMFNMLSTVLGVSILNLGQKRYTKTTYWWDGLQSSDDFALIVNAPNHEGIQAGVDRFYRTCKLLGINMSKK
KSYINRTGTFEFTSFFYRYGFVANFSMELPSFGVSGINESADMSIGVTVIKNNMINNDLGPATAQMALQLFIKDYRYTYR
CHRGDTQIQTRRSFEIKKLWEQTRSKAGLLVSDGGPNLYNIRNLHIPEVCLKWELMDEDYQGRLCNPLNPFVSHKEIESV
NNAVMMPAHGPAKNMEYDAVATTHSWIPKRNRSILNTSQRGILEDEQMYQKCCNLFEKFFPSSSYRRPVGISSMVEAMVS
RARIDARIDFESGRIKKEEFAEIMKICSTIEELRRQK
;
B
#
# COMPACT_ATOMS: atom_id res chain seq x y z
N MET A 1 41.59 -35.44 -18.70
CA MET A 1 40.84 -36.14 -19.78
C MET A 1 40.18 -35.13 -20.72
N GLU A 2 40.32 -33.84 -20.41
CA GLU A 2 39.75 -32.80 -21.26
C GLU A 2 40.28 -32.88 -22.69
N ASP A 3 41.49 -33.40 -22.87
CA ASP A 3 42.05 -33.51 -24.22
C ASP A 3 41.19 -34.41 -25.10
N PHE A 4 40.73 -35.54 -24.57
CA PHE A 4 39.91 -36.45 -25.35
C PHE A 4 38.65 -35.75 -25.84
N VAL A 5 37.92 -35.10 -24.93
CA VAL A 5 36.66 -34.48 -25.32
C VAL A 5 36.92 -33.31 -26.26
N ARG A 6 38.03 -32.59 -26.05
CA ARG A 6 38.33 -31.43 -26.89
C ARG A 6 38.80 -31.83 -28.29
N GLN A 7 39.37 -33.02 -28.46
CA GLN A 7 39.96 -33.42 -29.73
C GLN A 7 39.06 -34.34 -30.54
N CYS A 8 38.49 -35.37 -29.92
CA CYS A 8 37.79 -36.39 -30.69
C CYS A 8 36.50 -35.89 -31.31
N PHE A 9 36.03 -34.71 -30.91
CA PHE A 9 34.79 -34.15 -31.42
C PHE A 9 35.08 -32.84 -32.16
N ASN A 10 34.09 -32.40 -32.94
CA ASN A 10 34.21 -31.16 -33.68
C ASN A 10 34.20 -29.97 -32.73
N PRO A 11 34.77 -28.84 -33.16
CA PRO A 11 34.78 -27.66 -32.28
C PRO A 11 33.39 -27.15 -31.93
N MET A 12 32.47 -27.15 -32.90
CA MET A 12 31.14 -26.62 -32.64
C MET A 12 30.39 -27.47 -31.63
N ILE A 13 30.53 -28.80 -31.73
CA ILE A 13 29.84 -29.69 -30.80
C ILE A 13 30.33 -29.44 -29.38
N VAL A 14 31.65 -29.37 -29.20
CA VAL A 14 32.17 -29.12 -27.87
C VAL A 14 31.77 -27.75 -27.36
N GLU A 15 31.70 -26.76 -28.26
CA GLU A 15 31.30 -25.43 -27.84
C GLU A 15 29.87 -25.42 -27.31
N LEU A 16 28.94 -26.01 -28.07
CA LEU A 16 27.56 -26.00 -27.63
C LEU A 16 27.36 -26.89 -26.41
N ALA A 17 28.15 -27.96 -26.28
CA ALA A 17 28.11 -28.77 -25.06
C ALA A 17 28.60 -27.97 -23.85
N GLU A 18 29.64 -27.16 -24.05
CA GLU A 18 30.09 -26.25 -23.00
C GLU A 18 28.97 -25.29 -22.61
N LYS A 19 28.27 -24.75 -23.60
CA LYS A 19 27.15 -23.86 -23.31
C LYS A 19 26.08 -24.58 -22.49
N ALA A 20 25.76 -25.82 -22.87
CA ALA A 20 24.75 -26.58 -22.13
C ALA A 20 25.19 -26.82 -20.68
N MET A 21 26.45 -27.24 -20.49
CA MET A 21 26.93 -27.49 -19.14
C MET A 21 26.89 -26.23 -18.30
N LYS A 22 27.30 -25.09 -18.88
CA LYS A 22 27.21 -23.83 -18.17
C LYS A 22 25.77 -23.49 -17.83
N GLU A 23 24.84 -23.78 -18.75
CA GLU A 23 23.43 -23.55 -18.47
C GLU A 23 22.97 -24.32 -17.25
N TYR A 24 23.24 -25.62 -17.22
CA TYR A 24 22.80 -26.45 -16.10
C TYR A 24 23.58 -26.17 -14.81
N GLY A 25 24.68 -25.42 -14.88
CA GLY A 25 25.42 -25.02 -13.70
C GLY A 25 26.63 -25.86 -13.37
N GLU A 26 26.80 -27.02 -14.02
CA GLU A 26 27.92 -27.89 -13.67
C GLU A 26 29.24 -27.26 -14.08
N ASP A 27 30.32 -27.82 -13.56
CA ASP A 27 31.68 -27.43 -13.91
C ASP A 27 32.34 -28.61 -14.62
N LEU A 28 32.84 -28.36 -15.83
CA LEU A 28 33.49 -29.44 -16.59
C LEU A 28 34.74 -29.95 -15.90
N LYS A 29 35.38 -29.13 -15.07
CA LYS A 29 36.61 -29.56 -14.41
C LYS A 29 36.36 -30.78 -13.53
N ILE A 30 35.22 -30.81 -12.84
CA ILE A 30 34.92 -31.92 -11.93
C ILE A 30 34.18 -33.04 -12.65
N GLU A 31 33.07 -32.72 -13.31
CA GLU A 31 32.24 -33.74 -13.96
C GLU A 31 32.60 -33.85 -15.43
N THR A 32 33.83 -34.30 -15.67
CA THR A 32 34.31 -34.45 -17.03
C THR A 32 33.51 -35.53 -17.79
N ASN A 33 33.16 -36.62 -17.10
CA ASN A 33 32.43 -37.69 -17.75
C ASN A 33 31.08 -37.20 -18.25
N LYS A 34 30.42 -36.34 -17.49
CA LYS A 34 29.17 -35.76 -17.95
C LYS A 34 29.39 -34.91 -19.20
N PHE A 35 30.50 -34.17 -19.24
CA PHE A 35 30.82 -33.38 -20.43
C PHE A 35 30.98 -34.28 -21.65
N ALA A 36 31.72 -35.37 -21.49
CA ALA A 36 31.91 -36.30 -22.61
C ALA A 36 30.59 -36.91 -23.03
N ALA A 37 29.74 -37.29 -22.07
CA ALA A 37 28.45 -37.87 -22.40
C ALA A 37 27.58 -36.89 -23.17
N ILE A 38 27.57 -35.62 -22.74
CA ILE A 38 26.78 -34.61 -23.42
C ILE A 38 27.28 -34.43 -24.86
N CYS A 39 28.60 -34.35 -25.03
CA CYS A 39 29.16 -34.20 -26.37
C CYS A 39 28.80 -35.38 -27.25
N THR A 40 28.90 -36.59 -26.71
CA THR A 40 28.58 -37.79 -27.48
C THR A 40 27.11 -37.80 -27.90
N HIS A 41 26.21 -37.47 -26.97
CA HIS A 41 24.79 -37.43 -27.31
C HIS A 41 24.52 -36.39 -28.39
N LEU A 42 25.14 -35.22 -28.27
CA LEU A 42 24.93 -34.18 -29.27
C LEU A 42 25.43 -34.64 -30.64
N GLU A 43 26.60 -35.28 -30.68
CA GLU A 43 27.10 -35.78 -31.95
C GLU A 43 26.15 -36.83 -32.53
N VAL A 44 25.64 -37.72 -31.69
CA VAL A 44 24.71 -38.74 -32.17
C VAL A 44 23.50 -38.08 -32.80
N CYS A 45 22.91 -37.10 -32.11
CA CYS A 45 21.70 -36.47 -32.63
C CYS A 45 21.99 -35.69 -33.90
N PHE A 46 23.15 -35.02 -33.97
CA PHE A 46 23.48 -34.27 -35.18
C PHE A 46 23.67 -35.20 -36.37
N MET A 47 24.37 -36.32 -36.17
CA MET A 47 24.52 -37.29 -37.26
C MET A 47 23.17 -37.86 -37.66
N TYR A 48 22.27 -38.01 -36.69
CA TYR A 48 20.91 -38.43 -37.01
C TYR A 48 20.21 -37.41 -37.89
N SER A 49 20.38 -36.12 -37.59
CA SER A 49 19.65 -35.08 -38.30
C SER A 49 20.21 -34.83 -39.69
N ASP A 50 21.53 -34.78 -39.81
CA ASP A 50 22.16 -34.28 -41.03
C ASP A 50 21.93 -35.24 -42.19
N PHE A 51 22.10 -34.71 -43.40
CA PHE A 51 21.99 -35.49 -44.63
C PHE A 51 20.57 -35.99 -44.86
N HIS A 52 19.59 -35.11 -44.64
CA HIS A 52 18.19 -35.44 -44.90
C HIS A 52 17.48 -34.16 -45.29
N PHE A 53 16.91 -34.14 -46.50
CA PHE A 53 16.22 -32.97 -47.02
C PHE A 53 14.97 -33.44 -47.75
N ILE A 54 13.80 -33.16 -47.18
CA ILE A 54 12.53 -33.53 -47.81
C ILE A 54 12.33 -32.62 -49.03
N ASN A 55 11.36 -32.97 -49.88
CA ASN A 55 11.07 -32.20 -51.07
C ASN A 55 9.56 -32.01 -51.23
N GLU A 56 9.13 -31.57 -52.41
CA GLU A 56 7.72 -31.31 -52.69
C GLU A 56 6.83 -32.39 -52.07
N ARG A 57 7.18 -33.65 -52.28
CA ARG A 57 6.44 -34.78 -51.76
C ARG A 57 7.25 -35.46 -50.66
N GLY A 58 6.72 -36.58 -50.15
CA GLY A 58 7.34 -37.27 -49.04
C GLY A 58 8.51 -38.16 -49.42
N GLU A 59 9.63 -37.55 -49.77
CA GLU A 59 10.86 -38.29 -50.04
C GLU A 59 12.04 -37.37 -49.80
N SER A 60 13.22 -37.97 -49.67
CA SER A 60 14.45 -37.23 -49.37
C SER A 60 15.55 -37.65 -50.32
N ILE A 61 16.46 -36.71 -50.58
CA ILE A 61 17.60 -36.99 -51.43
C ILE A 61 18.78 -37.58 -50.64
N ILE A 62 18.84 -37.34 -49.34
CA ILE A 62 19.90 -37.85 -48.46
C ILE A 62 21.25 -37.75 -49.15
N VAL A 63 21.71 -36.52 -49.41
CA VAL A 63 22.99 -36.29 -50.06
C VAL A 63 24.11 -36.62 -49.07
N GLU A 64 25.34 -36.71 -49.57
CA GLU A 64 26.46 -37.05 -48.71
C GLU A 64 27.14 -35.82 -48.11
N SER A 65 27.35 -34.78 -48.90
CA SER A 65 27.99 -33.57 -48.41
C SER A 65 27.95 -32.50 -49.48
N GLY A 66 27.72 -31.25 -49.05
CA GLY A 66 27.82 -30.10 -49.94
C GLY A 66 26.93 -30.17 -51.16
N ASP A 67 25.66 -30.51 -50.98
CA ASP A 67 24.68 -30.55 -52.07
C ASP A 67 23.43 -29.80 -51.64
N PRO A 68 23.50 -28.47 -51.59
CA PRO A 68 22.32 -27.67 -51.23
C PRO A 68 21.43 -27.44 -52.45
N ASN A 69 20.29 -26.78 -52.21
CA ASN A 69 19.36 -26.45 -53.27
C ASN A 69 18.46 -25.33 -52.82
N ALA A 70 17.83 -24.66 -53.78
CA ALA A 70 16.88 -23.60 -53.46
C ALA A 70 15.69 -24.15 -52.68
N LEU A 71 15.31 -25.40 -52.94
CA LEU A 71 14.25 -26.08 -52.19
C LEU A 71 14.89 -26.82 -51.02
N LEU A 72 15.29 -26.03 -50.01
CA LEU A 72 15.98 -26.57 -48.84
C LEU A 72 15.12 -27.65 -48.19
N LYS A 73 13.95 -27.26 -47.69
CA LYS A 73 12.96 -28.18 -47.15
C LYS A 73 13.63 -29.25 -46.30
N HIS A 74 14.26 -28.80 -45.22
CA HIS A 74 15.00 -29.71 -44.35
C HIS A 74 14.08 -30.81 -43.83
N ARG A 75 14.56 -32.06 -43.91
CA ARG A 75 13.77 -33.19 -43.46
C ARG A 75 13.66 -33.24 -41.94
N PHE A 76 14.69 -32.79 -41.24
CA PHE A 76 14.73 -32.79 -39.78
C PHE A 76 14.87 -31.37 -39.25
N GLU A 77 14.32 -31.15 -38.05
CA GLU A 77 14.48 -29.90 -37.33
C GLU A 77 15.03 -30.24 -35.95
N ILE A 78 16.34 -30.06 -35.78
CA ILE A 78 16.99 -30.43 -34.54
C ILE A 78 16.35 -29.67 -33.39
N ILE A 79 16.12 -30.38 -32.28
CA ILE A 79 15.61 -29.79 -31.06
C ILE A 79 16.64 -29.79 -29.96
N GLU A 80 17.45 -30.85 -29.89
CA GLU A 80 18.48 -30.94 -28.87
C GLU A 80 19.57 -29.90 -29.11
N GLY A 81 20.22 -29.47 -28.03
CA GLY A 81 21.30 -28.51 -28.14
C GLY A 81 20.89 -27.15 -28.64
N ARG A 82 19.71 -26.66 -28.19
CA ARG A 82 19.24 -25.33 -28.55
C ARG A 82 19.07 -24.41 -27.36
N ASP A 83 19.24 -24.91 -26.13
CA ASP A 83 18.91 -24.20 -24.90
C ASP A 83 17.48 -24.51 -24.52
N ARG A 84 17.17 -24.56 -23.22
CA ARG A 84 15.84 -24.96 -22.80
C ARG A 84 14.78 -24.02 -23.34
N THR A 85 15.02 -22.71 -23.25
CA THR A 85 14.00 -21.75 -23.65
C THR A 85 13.69 -21.88 -25.13
N MET A 86 14.72 -21.85 -25.98
CA MET A 86 14.50 -21.94 -27.42
C MET A 86 13.92 -23.30 -27.80
N ALA A 87 14.41 -24.37 -27.16
CA ALA A 87 13.88 -25.70 -27.46
C ALA A 87 12.39 -25.76 -27.17
N TRP A 88 11.97 -25.28 -26.00
CA TRP A 88 10.56 -25.32 -25.67
C TRP A 88 9.75 -24.39 -26.55
N THR A 89 10.31 -23.23 -26.92
CA THR A 89 9.60 -22.32 -27.81
C THR A 89 9.33 -22.99 -29.15
N VAL A 90 10.33 -23.64 -29.72
CA VAL A 90 10.13 -24.29 -31.01
C VAL A 90 9.17 -25.46 -30.87
N VAL A 91 9.27 -26.22 -29.77
CA VAL A 91 8.38 -27.36 -29.57
C VAL A 91 6.93 -26.88 -29.49
N ASN A 92 6.68 -25.83 -28.71
CA ASN A 92 5.32 -25.30 -28.60
C ASN A 92 4.84 -24.75 -29.94
N SER A 93 5.71 -24.08 -30.69
CA SER A 93 5.29 -23.53 -31.97
C SER A 93 4.88 -24.64 -32.93
N ILE A 94 5.71 -25.69 -33.04
CA ILE A 94 5.40 -26.76 -33.97
C ILE A 94 4.18 -27.54 -33.51
N CYS A 95 4.03 -27.74 -32.20
CA CYS A 95 2.86 -28.44 -31.68
C CYS A 95 1.59 -27.65 -31.95
N ASN A 96 1.65 -26.33 -31.78
CA ASN A 96 0.50 -25.48 -32.07
C ASN A 96 0.14 -25.53 -33.54
N THR A 97 1.13 -25.34 -34.42
CA THR A 97 0.84 -25.32 -35.85
C THR A 97 0.29 -26.66 -36.31
N THR A 98 0.92 -27.76 -35.89
CA THR A 98 0.42 -29.08 -36.24
C THR A 98 -0.79 -29.47 -35.41
N GLY A 99 -0.82 -29.08 -34.14
CA GLY A 99 -1.89 -29.47 -33.25
C GLY A 99 -1.70 -30.81 -32.57
N ALA A 100 -0.48 -31.31 -32.50
CA ALA A 100 -0.22 -32.60 -31.85
C ALA A 100 -0.22 -32.41 -30.33
N GLU A 101 0.18 -33.45 -29.62
CA GLU A 101 0.27 -33.40 -28.16
C GLU A 101 1.72 -33.14 -27.76
N LYS A 102 1.93 -32.09 -26.98
CA LYS A 102 3.29 -31.71 -26.62
C LYS A 102 3.90 -32.77 -25.71
N PRO A 103 5.08 -33.29 -26.03
CA PRO A 103 5.73 -34.24 -25.12
C PRO A 103 6.04 -33.58 -23.79
N LYS A 104 5.88 -34.35 -22.71
CA LYS A 104 6.15 -33.80 -21.38
C LYS A 104 7.61 -33.41 -21.22
N PHE A 105 8.52 -34.25 -21.72
CA PHE A 105 9.95 -34.00 -21.66
C PHE A 105 10.47 -33.59 -23.02
N LEU A 106 11.64 -32.96 -23.01
CA LEU A 106 12.21 -32.42 -24.25
C LEU A 106 12.66 -33.56 -25.16
N PRO A 107 12.15 -33.64 -26.38
CA PRO A 107 12.64 -34.64 -27.34
C PRO A 107 13.99 -34.23 -27.91
N ALA A 108 14.46 -35.00 -28.88
CA ALA A 108 15.74 -34.76 -29.54
C ALA A 108 15.58 -34.11 -30.91
N LEU A 109 14.78 -34.72 -31.78
CA LEU A 109 14.55 -34.21 -33.13
C LEU A 109 13.06 -34.25 -33.43
N TYR A 110 12.70 -33.90 -34.65
CA TYR A 110 11.31 -33.89 -35.08
C TYR A 110 11.23 -34.40 -36.52
N ASP A 111 10.10 -35.04 -36.85
CA ASP A 111 9.82 -35.53 -38.18
C ASP A 111 8.72 -34.67 -38.79
N TYR A 112 9.02 -34.05 -39.93
CA TYR A 112 8.06 -33.18 -40.58
C TYR A 112 7.10 -33.93 -41.50
N LYS A 113 7.61 -34.88 -42.29
CA LYS A 113 6.74 -35.63 -43.18
C LYS A 113 5.73 -36.46 -42.40
N GLU A 114 6.16 -37.07 -41.30
CA GLU A 114 5.29 -37.88 -40.46
C GLU A 114 4.67 -37.11 -39.31
N ASN A 115 5.25 -35.96 -38.95
CA ASN A 115 4.72 -35.11 -37.88
C ASN A 115 4.75 -35.85 -36.53
N ARG A 116 5.96 -36.23 -36.12
CA ARG A 116 6.16 -36.81 -34.79
C ARG A 116 7.59 -36.53 -34.36
N PHE A 117 7.81 -36.60 -33.06
CA PHE A 117 9.14 -36.39 -32.48
C PHE A 117 9.92 -37.70 -32.47
N ILE A 118 11.21 -37.58 -32.21
CA ILE A 118 12.10 -38.74 -32.09
C ILE A 118 13.04 -38.48 -30.92
N GLU A 119 13.23 -39.51 -30.09
CA GLU A 119 14.11 -39.44 -28.93
C GLU A 119 15.28 -40.41 -29.14
N ILE A 120 16.49 -39.90 -28.95
CA ILE A 120 17.71 -40.68 -29.14
C ILE A 120 18.56 -40.57 -27.88
N GLY A 121 19.09 -41.71 -27.42
CA GLY A 121 19.91 -41.73 -26.23
C GLY A 121 21.14 -42.59 -26.41
N VAL A 122 22.11 -42.36 -25.53
CA VAL A 122 23.33 -43.15 -25.47
C VAL A 122 23.45 -43.72 -24.06
N THR A 123 23.66 -45.03 -23.97
CA THR A 123 23.59 -45.74 -22.70
C THR A 123 24.82 -46.59 -22.49
N ARG A 124 25.32 -46.58 -21.26
CA ARG A 124 26.35 -47.54 -20.83
C ARG A 124 25.78 -48.71 -20.05
N ARG A 125 24.59 -48.54 -19.45
CA ARG A 125 23.93 -49.61 -18.73
C ARG A 125 23.30 -50.57 -19.75
N GLU A 126 22.49 -51.52 -19.25
CA GLU A 126 21.79 -52.41 -20.16
C GLU A 126 20.81 -51.62 -21.01
N VAL A 127 20.73 -51.99 -22.29
CA VAL A 127 19.95 -51.19 -23.23
C VAL A 127 18.45 -51.34 -22.96
N HIS A 128 17.99 -52.53 -22.63
CA HIS A 128 16.56 -52.77 -22.49
C HIS A 128 15.97 -51.95 -21.34
N ILE A 129 16.68 -51.88 -20.21
CA ILE A 129 16.16 -51.10 -19.07
C ILE A 129 16.07 -49.62 -19.44
N TYR A 130 17.10 -49.10 -20.11
CA TYR A 130 17.06 -47.70 -20.52
C TYR A 130 15.91 -47.45 -21.50
N TYR A 131 15.71 -48.37 -22.44
CA TYR A 131 14.64 -48.20 -23.42
C TYR A 131 13.28 -48.21 -22.74
N LEU A 132 13.05 -49.13 -21.80
CA LEU A 132 11.75 -49.18 -21.14
C LEU A 132 11.55 -47.96 -20.24
N GLU A 133 12.61 -47.45 -19.61
CA GLU A 133 12.48 -46.21 -18.86
C GLU A 133 12.11 -45.06 -19.78
N LYS A 134 12.73 -44.99 -20.96
CA LYS A 134 12.36 -43.97 -21.93
C LYS A 134 10.90 -44.11 -22.36
N ALA A 135 10.46 -45.34 -22.63
CA ALA A 135 9.10 -45.57 -23.11
C ALA A 135 8.08 -45.18 -22.04
N ASN A 136 8.31 -45.58 -20.79
CA ASN A 136 7.34 -45.27 -19.74
C ASN A 136 7.41 -43.80 -19.35
N LYS A 137 8.58 -43.16 -19.51
CA LYS A 137 8.68 -41.73 -19.26
C LYS A 137 7.83 -40.94 -20.25
N ILE A 138 7.83 -41.35 -21.51
CA ILE A 138 7.04 -40.68 -22.54
C ILE A 138 5.61 -41.18 -22.46
N LYS A 139 4.78 -40.47 -21.70
CA LYS A 139 3.41 -40.90 -21.49
C LYS A 139 2.60 -40.78 -22.77
N SER A 140 1.77 -41.79 -23.03
CA SER A 140 0.97 -41.85 -24.25
C SER A 140 1.84 -41.56 -25.48
N GLU A 141 3.00 -42.20 -25.50
CA GLU A 141 4.02 -41.87 -26.50
C GLU A 141 3.45 -41.98 -27.91
N LYS A 142 3.41 -40.84 -28.60
CA LYS A 142 3.20 -40.79 -30.04
C LYS A 142 4.51 -40.54 -30.78
N THR A 143 5.64 -40.56 -30.07
CA THR A 143 6.92 -40.19 -30.62
C THR A 143 7.82 -41.43 -30.69
N HIS A 144 8.51 -41.58 -31.81
CA HIS A 144 9.44 -42.69 -31.98
C HIS A 144 10.59 -42.56 -30.99
N ILE A 145 11.08 -43.71 -30.52
CA ILE A 145 12.21 -43.78 -29.60
C ILE A 145 13.29 -44.64 -30.23
N HIS A 146 14.53 -44.18 -30.12
CA HIS A 146 15.66 -44.88 -30.70
C HIS A 146 16.80 -44.87 -29.70
N ILE A 147 17.49 -45.99 -29.56
CA ILE A 147 18.57 -46.14 -28.60
C ILE A 147 19.79 -46.68 -29.32
N PHE A 148 20.94 -46.08 -29.03
CA PHE A 148 22.22 -46.47 -29.64
C PHE A 148 23.22 -46.72 -28.52
N SER A 149 23.52 -47.98 -28.27
CA SER A 149 24.57 -48.33 -27.33
C SER A 149 25.91 -48.44 -28.04
N PHE A 150 26.98 -48.25 -27.27
CA PHE A 150 28.32 -48.28 -27.84
C PHE A 150 28.64 -49.64 -28.43
N THR A 151 28.25 -50.72 -27.73
CA THR A 151 28.55 -52.06 -28.21
C THR A 151 27.84 -52.38 -29.51
N GLY A 152 26.86 -51.56 -29.92
CA GLY A 152 26.17 -51.73 -31.18
C GLY A 152 24.73 -52.16 -31.04
N GLU A 153 24.29 -52.57 -29.86
CA GLU A 153 22.91 -52.98 -29.69
C GLU A 153 21.97 -51.82 -29.96
N GLU A 154 20.94 -52.07 -30.76
CA GLU A 154 19.98 -51.06 -31.16
C GLU A 154 18.57 -51.52 -30.85
N MET A 155 17.69 -50.56 -30.58
CA MET A 155 16.29 -50.85 -30.30
C MET A 155 15.46 -49.62 -30.63
N ALA A 156 14.15 -49.81 -30.63
CA ALA A 156 13.20 -48.73 -30.90
C ALA A 156 11.80 -49.26 -30.61
N THR A 157 10.81 -48.41 -30.82
CA THR A 157 9.41 -48.77 -30.65
C THR A 157 8.83 -49.20 -31.99
N LYS A 158 8.27 -50.42 -32.03
CA LYS A 158 7.73 -51.04 -33.23
C LYS A 158 8.82 -51.33 -34.26
N ALA A 159 10.09 -51.09 -33.93
CA ALA A 159 11.19 -51.29 -34.87
C ALA A 159 10.99 -50.46 -36.14
N ASP A 160 10.39 -49.29 -35.98
CA ASP A 160 10.13 -48.40 -37.13
C ASP A 160 11.29 -47.42 -37.28
N TYR A 161 12.43 -47.97 -37.70
CA TYR A 161 13.64 -47.18 -37.92
C TYR A 161 13.50 -46.45 -39.25
N THR A 162 12.92 -45.25 -39.18
CA THR A 162 12.71 -44.41 -40.36
C THR A 162 13.98 -43.61 -40.64
N LEU A 163 15.02 -44.35 -41.05
CA LEU A 163 16.29 -43.73 -41.39
C LEU A 163 17.05 -44.67 -42.33
N ASP A 164 17.95 -44.09 -43.11
CA ASP A 164 18.76 -44.87 -44.05
C ASP A 164 19.77 -45.70 -43.27
N GLU A 165 19.85 -46.99 -43.61
CA GLU A 165 20.75 -47.89 -42.88
C GLU A 165 22.20 -47.47 -43.01
N GLU A 166 22.55 -46.71 -44.05
CA GLU A 166 23.92 -46.19 -44.16
C GLU A 166 24.21 -45.21 -43.03
N SER A 167 23.24 -44.38 -42.67
CA SER A 167 23.41 -43.49 -41.52
C SER A 167 23.59 -44.29 -40.24
N ARG A 168 22.82 -45.38 -40.10
CA ARG A 168 22.97 -46.24 -38.93
C ARG A 168 24.37 -46.83 -38.87
N ALA A 169 24.89 -47.28 -40.01
CA ALA A 169 26.24 -47.83 -40.05
C ALA A 169 27.27 -46.77 -39.74
N ARG A 170 27.07 -45.55 -40.23
CA ARG A 170 28.01 -44.47 -39.94
C ARG A 170 28.05 -44.16 -38.45
N ILE A 171 26.88 -44.10 -37.81
CA ILE A 171 26.84 -43.82 -36.38
C ILE A 171 27.44 -44.98 -35.61
N LYS A 172 27.22 -46.20 -36.07
CA LYS A 172 27.83 -47.37 -35.42
C LYS A 172 29.35 -47.30 -35.51
N THR A 173 29.87 -46.91 -36.67
CA THR A 173 31.32 -46.76 -36.83
C THR A 173 31.86 -45.66 -35.92
N ARG A 174 31.14 -44.54 -35.83
CA ARG A 174 31.58 -43.46 -34.95
C ARG A 174 31.62 -43.92 -33.50
N LEU A 175 30.58 -44.61 -33.05
CA LEU A 175 30.55 -45.09 -31.67
C LEU A 175 31.65 -46.13 -31.43
N PHE A 176 31.88 -47.01 -32.41
CA PHE A 176 32.93 -48.01 -32.25
C PHE A 176 34.30 -47.37 -32.16
N THR A 177 34.56 -46.37 -33.00
CA THR A 177 35.83 -45.65 -32.94
C THR A 177 35.99 -44.94 -31.60
N ILE A 178 34.92 -44.30 -31.11
CA ILE A 178 34.98 -43.65 -29.81
C ILE A 178 35.29 -44.66 -28.72
N ARG A 179 34.67 -45.84 -28.81
CA ARG A 179 34.95 -46.90 -27.83
C ARG A 179 36.40 -47.34 -27.91
N GLN A 180 36.94 -47.46 -29.12
CA GLN A 180 38.34 -47.83 -29.27
C GLN A 180 39.24 -46.80 -28.59
N GLU A 181 38.98 -45.52 -28.84
CA GLU A 181 39.80 -44.47 -28.24
C GLU A 181 39.68 -44.49 -26.73
N MET A 182 38.47 -44.67 -26.21
CA MET A 182 38.27 -44.72 -24.76
C MET A 182 39.01 -45.90 -24.15
N ALA A 183 38.91 -47.07 -24.79
CA ALA A 183 39.60 -48.25 -24.28
C ALA A 183 41.11 -48.06 -24.29
N SER A 184 41.64 -47.45 -25.35
CA SER A 184 43.07 -47.13 -25.37
C SER A 184 43.42 -46.20 -24.22
N ARG A 185 42.59 -45.18 -23.98
CA ARG A 185 42.83 -44.29 -22.85
C ARG A 185 42.66 -45.02 -21.52
N GLY A 186 41.53 -45.70 -21.35
CA GLY A 186 41.25 -46.44 -20.14
C GLY A 186 40.17 -45.88 -19.25
N LEU A 187 39.44 -44.86 -19.70
CA LEU A 187 38.33 -44.29 -18.93
C LEU A 187 36.99 -44.96 -19.23
N TRP A 188 36.99 -46.01 -20.06
CA TRP A 188 35.73 -46.63 -20.46
C TRP A 188 35.01 -47.25 -19.27
N ASP A 189 35.74 -47.93 -18.40
CA ASP A 189 35.12 -48.51 -17.21
C ASP A 189 34.53 -47.42 -16.32
N SER A 190 35.27 -46.32 -16.12
CA SER A 190 34.77 -45.23 -15.30
C SER A 190 33.48 -44.67 -15.90
N PHE A 191 33.44 -44.50 -17.22
CA PHE A 191 32.21 -44.05 -17.88
C PHE A 191 31.08 -45.04 -17.66
N ARG A 192 31.38 -46.34 -17.76
CA ARG A 192 30.34 -47.35 -17.58
C ARG A 192 29.76 -47.31 -16.17
N GLN A 193 30.61 -47.12 -15.16
CA GLN A 193 30.17 -47.15 -13.77
C GLN A 193 29.79 -45.77 -13.24
N SER A 194 29.86 -44.73 -14.07
CA SER A 194 29.57 -43.37 -13.64
C SER A 194 28.26 -42.83 -14.19
N GLU A 195 27.52 -43.61 -14.97
CA GLU A 195 26.29 -43.10 -15.57
C GLU A 195 25.18 -42.92 -14.55
N ARG A 196 25.27 -43.63 -13.42
CA ARG A 196 24.18 -43.58 -12.43
C ARG A 196 24.02 -42.17 -11.85
N GLY A 197 25.13 -41.51 -11.53
CA GLY A 197 25.08 -40.21 -10.90
C GLY A 197 25.08 -39.02 -11.84
N GLU A 198 25.03 -39.25 -13.15
CA GLU A 198 25.10 -38.14 -14.09
C GLU A 198 23.81 -37.34 -14.12
N GLU A 199 22.67 -38.01 -13.96
CA GLU A 199 21.39 -37.32 -14.05
C GLU A 199 21.20 -36.34 -12.90
N THR A 200 21.60 -36.73 -11.69
CA THR A 200 21.43 -35.87 -10.52
C THR A 200 22.50 -34.80 -10.51
N ILE A 201 22.13 -33.61 -10.04
CA ILE A 201 23.02 -32.47 -9.93
C ILE A 201 23.06 -32.04 -8.47
N GLU A 202 24.26 -31.95 -7.91
CA GLU A 202 24.47 -31.51 -6.54
C GLU A 202 25.18 -30.16 -6.55
N GLU A 203 24.64 -29.21 -5.79
CA GLU A 203 25.27 -27.90 -5.69
C GLU A 203 26.60 -28.02 -4.97
N ARG A 204 27.64 -27.38 -5.52
CA ARG A 204 28.99 -27.46 -4.97
C ARG A 204 29.52 -26.09 -4.60
N PHE A 205 28.69 -25.28 -3.95
CA PHE A 205 29.18 -24.04 -3.38
C PHE A 205 30.12 -24.33 -2.23
N GLU A 206 31.18 -23.54 -2.12
CA GLU A 206 32.21 -23.81 -1.11
C GLU A 206 32.95 -22.53 -0.79
N ILE A 207 33.69 -22.57 0.32
CA ILE A 207 34.51 -21.47 0.79
C ILE A 207 35.96 -21.91 0.78
N THR A 208 36.81 -21.18 0.06
CA THR A 208 38.23 -21.51 0.01
C THR A 208 39.03 -20.24 -0.21
N GLY A 209 40.31 -20.30 0.13
CA GLY A 209 41.20 -19.19 -0.13
C GLY A 209 40.90 -18.00 0.76
N THR A 210 40.83 -16.82 0.15
CA THR A 210 40.69 -15.59 0.92
C THR A 210 39.39 -15.57 1.71
N MET A 211 38.31 -16.11 1.14
CA MET A 211 37.05 -16.13 1.87
C MET A 211 37.16 -16.98 3.13
N ARG A 212 37.81 -18.13 3.04
CA ARG A 212 38.00 -18.96 4.23
C ARG A 212 38.93 -18.28 5.23
N ARG A 213 39.95 -17.58 4.74
CA ARG A 213 40.86 -16.90 5.66
C ARG A 213 40.18 -15.71 6.34
N LEU A 214 39.15 -15.13 5.72
CA LEU A 214 38.34 -14.13 6.40
C LEU A 214 37.35 -14.78 7.36
N ALA A 215 36.81 -15.94 7.00
CA ALA A 215 35.85 -16.62 7.86
C ALA A 215 36.51 -17.10 9.14
N ASP A 216 37.78 -17.50 9.06
CA ASP A 216 38.48 -17.95 10.25
C ASP A 216 38.75 -16.82 11.23
N GLN A 217 38.55 -15.57 10.81
CA GLN A 217 38.77 -14.41 11.67
C GLN A 217 37.48 -13.73 12.08
N SER A 218 36.34 -14.38 11.87
CA SER A 218 35.03 -13.81 12.16
C SER A 218 34.24 -14.72 13.06
N LEU A 219 34.87 -15.14 14.15
CA LEU A 219 34.29 -16.04 15.14
C LEU A 219 34.45 -15.44 16.52
N PRO A 220 33.73 -15.94 17.51
CA PRO A 220 33.97 -15.53 18.89
C PRO A 220 35.45 -15.64 19.22
N PRO A 221 35.91 -14.95 20.26
CA PRO A 221 37.37 -14.81 20.46
C PRO A 221 38.10 -16.12 20.65
N ASN A 222 37.49 -17.10 21.31
CA ASN A 222 38.21 -18.30 21.72
C ASN A 222 38.22 -19.40 20.69
N PHE A 223 37.68 -19.16 19.49
CA PHE A 223 37.69 -20.14 18.42
C PHE A 223 38.71 -19.76 17.35
N SER A 224 39.25 -20.80 16.69
CA SER A 224 40.36 -20.64 15.77
C SER A 224 40.00 -20.83 14.31
N SER A 225 39.04 -21.71 14.01
CA SER A 225 38.66 -21.99 12.63
C SER A 225 37.15 -22.12 12.54
N LEU A 226 36.63 -21.85 11.35
CA LEU A 226 35.18 -21.91 11.15
C LEU A 226 34.65 -23.32 11.37
N GLU A 227 35.39 -24.33 10.92
CA GLU A 227 34.93 -25.71 11.08
C GLU A 227 34.79 -26.08 12.54
N ASN A 228 35.75 -25.66 13.37
CA ASN A 228 35.66 -25.95 14.79
C ASN A 228 34.45 -25.27 15.41
N PHE A 229 34.18 -24.02 15.01
CA PHE A 229 33.02 -23.30 15.53
C PHE A 229 31.72 -24.01 15.14
N ARG A 230 31.64 -24.46 13.89
CA ARG A 230 30.44 -25.18 13.46
C ARG A 230 30.29 -26.49 14.21
N ALA A 231 31.39 -27.20 14.45
CA ALA A 231 31.32 -28.44 15.22
C ALA A 231 30.84 -28.17 16.63
N TYR A 232 31.32 -27.09 17.24
CA TYR A 232 30.85 -26.73 18.58
C TYR A 232 29.38 -26.39 18.58
N VAL A 233 28.92 -25.58 17.63
CA VAL A 233 27.51 -25.18 17.62
C VAL A 233 26.62 -26.38 17.36
N ASP A 234 27.02 -27.27 16.46
CA ASP A 234 26.19 -28.43 16.15
C ASP A 234 26.01 -29.33 17.38
N GLY A 235 27.06 -29.49 18.17
CA GLY A 235 26.98 -30.26 19.39
C GLY A 235 26.42 -29.50 20.57
N PHE A 236 26.00 -28.26 20.37
CA PHE A 236 25.52 -27.44 21.47
C PHE A 236 24.18 -27.96 21.99
N GLU A 237 24.02 -27.94 23.31
CA GLU A 237 22.78 -28.30 23.97
C GLU A 237 22.60 -27.40 25.18
N PRO A 238 21.39 -26.90 25.42
CA PRO A 238 21.22 -25.91 26.49
C PRO A 238 21.44 -26.52 27.87
N ASN A 239 22.26 -25.83 28.68
CA ASN A 239 22.61 -26.30 30.01
C ASN A 239 22.61 -25.16 31.03
N GLY A 240 21.62 -24.28 30.95
CA GLY A 240 21.50 -23.20 31.91
C GLY A 240 22.64 -22.21 31.87
N TYR A 241 23.04 -21.77 30.68
CA TYR A 241 24.10 -20.76 30.56
C TYR A 241 23.57 -19.39 30.95
N ILE A 242 22.37 -19.04 30.52
CA ILE A 242 21.81 -17.73 30.83
C ILE A 242 21.63 -17.56 32.32
N GLU A 243 21.00 -18.56 32.96
CA GLU A 243 20.79 -18.48 34.40
C GLU A 243 22.09 -18.54 35.16
N GLY A 244 23.12 -19.16 34.59
CA GLY A 244 24.44 -19.16 35.21
C GLY A 244 25.16 -17.83 35.11
N LYS A 245 24.99 -17.12 34.01
CA LYS A 245 25.65 -15.82 33.83
C LYS A 245 24.89 -14.70 34.52
N LEU A 246 23.59 -14.86 34.74
CA LEU A 246 22.84 -13.81 35.42
C LEU A 246 23.38 -13.57 36.82
N SER A 247 23.56 -14.65 37.59
CA SER A 247 24.12 -14.49 38.93
C SER A 247 25.54 -13.96 38.88
N GLN A 248 26.34 -14.44 37.94
CA GLN A 248 27.72 -13.98 37.81
C GLN A 248 27.78 -12.49 37.50
N MET A 249 26.79 -11.97 36.77
CA MET A 249 26.81 -10.55 36.40
C MET A 249 26.62 -9.68 37.63
N SER A 250 27.13 -8.45 37.53
CA SER A 250 27.05 -7.51 38.65
C SER A 250 25.60 -7.19 38.97
N LYS A 251 25.33 -6.91 40.25
CA LYS A 251 24.00 -6.56 40.70
C LYS A 251 23.70 -5.08 40.56
N GLU A 252 24.68 -4.29 40.11
CA GLU A 252 24.43 -2.88 39.85
C GLU A 252 23.66 -2.67 38.56
N VAL A 253 23.66 -3.66 37.67
CA VAL A 253 22.92 -3.59 36.41
C VAL A 253 21.47 -3.99 36.69
N ASN A 254 20.59 -3.00 36.88
CA ASN A 254 19.20 -3.26 37.20
C ASN A 254 18.33 -2.24 36.49
N ALA A 255 17.02 -2.44 36.58
CA ALA A 255 16.02 -1.61 35.92
C ALA A 255 15.00 -1.11 36.94
N ARG A 256 15.50 -0.54 38.04
CA ARG A 256 14.65 -0.13 39.14
C ARG A 256 13.53 0.77 38.66
N ILE A 257 12.31 0.47 39.09
CA ILE A 257 11.12 1.24 38.72
C ILE A 257 10.95 2.36 39.74
N GLU A 258 10.95 3.60 39.26
CA GLU A 258 10.74 4.75 40.13
C GLU A 258 9.31 5.25 39.95
N PRO A 259 8.44 5.10 40.95
CA PRO A 259 7.04 5.50 40.74
C PRO A 259 6.91 6.96 40.35
N PHE A 260 5.96 7.23 39.47
CA PHE A 260 5.66 8.58 39.01
C PHE A 260 4.41 9.03 39.75
N LEU A 261 4.52 10.14 40.47
CA LEU A 261 3.47 10.64 41.34
C LEU A 261 3.13 12.08 40.99
N LYS A 262 2.07 12.58 41.63
CA LYS A 262 1.60 13.94 41.35
C LYS A 262 2.69 14.97 41.59
N THR A 263 3.66 14.67 42.45
CA THR A 263 4.73 15.61 42.77
C THR A 263 5.99 15.40 41.95
N THR A 264 6.11 14.26 41.26
CA THR A 264 7.35 13.96 40.56
C THR A 264 7.67 14.96 39.45
N PRO A 265 6.77 15.28 38.53
CA PRO A 265 7.15 16.16 37.42
C PRO A 265 7.46 17.56 37.90
N ARG A 266 8.35 18.22 37.17
CA ARG A 266 8.77 19.58 37.46
C ARG A 266 8.70 20.40 36.19
N PRO A 267 8.56 21.73 36.31
CA PRO A 267 8.49 22.56 35.10
C PRO A 267 9.76 22.45 34.27
N LEU A 268 9.57 22.48 32.95
CA LEU A 268 10.71 22.43 32.05
C LEU A 268 11.57 23.67 32.19
N ARG A 269 12.86 23.51 31.95
CA ARG A 269 13.84 24.58 32.17
C ARG A 269 14.03 25.33 30.86
N LEU A 270 13.27 26.41 30.68
CA LEU A 270 13.40 27.20 29.47
C LEU A 270 14.76 27.90 29.42
N PRO A 271 15.37 28.01 28.25
CA PRO A 271 16.67 28.67 28.15
C PRO A 271 16.63 30.12 28.60
N ASP A 272 17.81 30.71 28.70
CA ASP A 272 17.97 32.10 29.09
C ASP A 272 18.90 32.81 28.13
N GLY A 273 18.56 34.04 27.78
CA GLY A 273 19.33 34.82 26.84
C GLY A 273 18.54 35.98 26.30
N PRO A 274 19.03 36.65 25.26
CA PRO A 274 18.29 37.75 24.68
C PRO A 274 16.97 37.27 24.13
N PRO A 275 15.91 38.09 24.20
CA PRO A 275 14.61 37.63 23.72
C PRO A 275 14.63 37.30 22.24
N CYS A 276 13.80 36.34 21.86
CA CYS A 276 13.75 35.89 20.48
C CYS A 276 13.02 36.90 19.61
N SER A 277 13.18 36.76 18.30
CA SER A 277 12.64 37.70 17.33
C SER A 277 11.87 36.96 16.25
N GLN A 278 11.13 37.73 15.46
CA GLN A 278 10.32 37.15 14.40
C GLN A 278 11.19 36.47 13.37
N ARG A 279 10.71 35.34 12.84
CA ARG A 279 11.46 34.60 11.83
C ARG A 279 10.61 34.12 10.66
N SER A 280 9.30 34.35 10.68
CA SER A 280 8.46 33.93 9.58
C SER A 280 8.76 34.78 8.34
N LYS A 281 8.40 34.23 7.18
CA LYS A 281 8.74 34.87 5.91
C LYS A 281 7.83 36.04 5.57
N PHE A 282 6.78 36.28 6.36
CA PHE A 282 5.90 37.42 6.16
C PHE A 282 5.27 37.79 7.49
N LEU A 283 5.05 39.09 7.70
CA LEU A 283 4.45 39.54 8.95
C LEU A 283 3.09 38.88 9.14
N LEU A 284 2.83 38.42 10.37
CA LEU A 284 1.59 37.73 10.67
C LEU A 284 0.57 38.66 11.36
N MET A 285 0.93 39.22 12.50
CA MET A 285 -0.01 40.06 13.22
C MET A 285 -0.03 41.48 12.66
N ASP A 286 1.12 42.02 12.27
CA ASP A 286 1.22 43.38 11.76
C ASP A 286 1.30 43.34 10.24
N ALA A 287 0.15 43.12 9.61
CA ALA A 287 0.07 43.00 8.14
C ALA A 287 -1.07 43.87 7.65
N LEU A 288 -0.72 45.06 7.15
CA LEU A 288 -1.72 45.92 6.54
C LEU A 288 -2.15 45.32 5.20
N LYS A 289 -3.30 45.77 4.72
CA LYS A 289 -3.81 45.31 3.43
C LYS A 289 -4.40 46.50 2.69
N LEU A 290 -3.85 46.82 1.52
CA LEU A 290 -4.45 47.81 0.65
C LEU A 290 -5.38 47.10 -0.32
N SER A 291 -6.68 47.16 -0.07
CA SER A 291 -7.67 46.37 -0.79
C SER A 291 -8.42 47.22 -1.80
N ILE A 292 -8.99 46.54 -2.79
CA ILE A 292 -9.84 47.18 -3.79
C ILE A 292 -10.85 46.15 -4.27
N GLU A 293 -12.13 46.49 -4.17
CA GLU A 293 -13.17 45.57 -4.61
C GLU A 293 -12.97 45.22 -6.08
N ASP A 294 -13.02 43.92 -6.39
CA ASP A 294 -12.71 43.45 -7.73
C ASP A 294 -13.42 42.13 -8.00
N PRO A 295 -14.27 42.05 -9.02
CA PRO A 295 -14.97 40.78 -9.28
C PRO A 295 -14.09 39.75 -9.98
N SER A 296 -13.18 39.16 -9.20
CA SER A 296 -12.27 38.14 -9.71
C SER A 296 -12.08 37.08 -8.64
N HIS A 297 -11.69 35.89 -9.09
CA HIS A 297 -11.57 34.72 -8.22
C HIS A 297 -10.13 34.20 -8.25
N GLU A 298 -9.64 33.81 -7.08
CA GLU A 298 -8.39 33.05 -6.96
C GLU A 298 -7.28 33.65 -7.82
N GLY A 299 -7.02 33.04 -8.98
CA GLY A 299 -5.90 33.41 -9.82
C GLY A 299 -6.22 34.34 -10.96
N GLU A 300 -7.49 34.66 -11.19
CA GLU A 300 -7.85 35.55 -12.28
C GLU A 300 -7.15 36.89 -12.12
N GLY A 301 -6.62 37.42 -13.21
CA GLY A 301 -6.00 38.72 -13.22
C GLY A 301 -4.47 38.62 -13.21
N ILE A 302 -3.85 39.70 -13.66
CA ILE A 302 -2.39 39.80 -13.69
C ILE A 302 -1.93 40.36 -12.35
N PRO A 303 -1.07 39.66 -11.61
CA PRO A 303 -0.74 40.14 -10.25
C PRO A 303 -0.17 41.54 -10.24
N LEU A 304 0.66 41.91 -11.22
CA LEU A 304 1.25 43.25 -11.22
C LEU A 304 0.17 44.32 -11.38
N TYR A 305 -0.78 44.11 -12.28
CA TYR A 305 -1.84 45.09 -12.48
C TYR A 305 -2.69 45.21 -11.23
N ASP A 306 -3.01 44.09 -10.60
CA ASP A 306 -3.77 44.12 -9.35
C ASP A 306 -3.01 44.89 -8.28
N ALA A 307 -1.70 44.64 -8.16
CA ALA A 307 -0.90 45.31 -7.15
C ALA A 307 -0.88 46.81 -7.38
N ILE A 308 -0.67 47.24 -8.63
CA ILE A 308 -0.61 48.67 -8.90
C ILE A 308 -1.96 49.32 -8.65
N LYS A 309 -3.05 48.64 -9.03
CA LYS A 309 -4.38 49.18 -8.75
C LYS A 309 -4.60 49.36 -7.26
N CYS A 310 -4.21 48.37 -6.45
CA CYS A 310 -4.33 48.50 -5.01
C CYS A 310 -3.49 49.67 -4.49
N MET A 311 -2.27 49.82 -5.02
CA MET A 311 -1.41 50.91 -4.59
C MET A 311 -2.00 52.26 -4.94
N ARG A 312 -2.77 52.35 -6.02
CA ARG A 312 -3.35 53.61 -6.44
C ARG A 312 -4.61 53.99 -5.66
N THR A 313 -4.88 53.33 -4.54
CA THR A 313 -6.03 53.67 -3.69
C THR A 313 -5.63 54.49 -2.47
N PHE A 314 -4.45 54.26 -1.93
CA PHE A 314 -3.96 55.01 -0.76
C PHE A 314 -3.17 56.21 -1.25
N PHE A 315 -3.62 57.41 -0.91
CA PHE A 315 -3.08 58.65 -1.43
C PHE A 315 -2.17 59.37 -0.44
N GLY A 316 -1.79 58.71 0.65
CA GLY A 316 -1.05 59.39 1.70
C GLY A 316 0.45 59.17 1.67
N TRP A 317 0.99 58.76 0.52
CA TRP A 317 2.42 58.46 0.44
C TRP A 317 3.25 59.68 0.82
N LYS A 318 4.26 59.47 1.66
CA LYS A 318 5.22 60.51 2.01
C LYS A 318 6.61 60.11 1.57
N GLU A 319 7.61 60.92 1.91
CA GLU A 319 8.99 60.58 1.57
C GLU A 319 9.53 59.60 2.61
N PRO A 320 9.90 58.39 2.22
CA PRO A 320 10.30 57.40 3.22
C PRO A 320 11.54 57.80 3.98
N ASN A 321 11.60 57.42 5.25
CA ASN A 321 12.79 57.59 6.07
C ASN A 321 12.81 56.47 7.11
N VAL A 322 14.01 56.13 7.56
CA VAL A 322 14.19 55.00 8.46
C VAL A 322 13.79 55.40 9.87
N VAL A 323 13.08 54.49 10.56
CA VAL A 323 12.64 54.71 11.93
C VAL A 323 13.02 53.56 12.85
N LYS A 324 13.75 52.56 12.36
CA LYS A 324 14.22 51.46 13.19
C LYS A 324 15.31 50.70 12.45
N PRO A 325 16.54 51.23 12.40
CA PRO A 325 17.56 50.64 11.52
C PRO A 325 17.83 49.16 11.78
N HIS A 326 18.61 48.53 10.90
CA HIS A 326 18.81 47.09 10.95
C HIS A 326 19.84 46.67 11.98
N GLU A 327 20.69 47.59 12.42
CA GLU A 327 21.70 47.35 13.44
C GLU A 327 22.85 46.50 12.92
N LYS A 328 22.71 45.91 11.73
CA LYS A 328 23.79 45.14 11.13
C LYS A 328 23.99 45.42 9.64
N GLY A 329 23.07 46.15 9.01
CA GLY A 329 23.07 46.33 7.59
C GLY A 329 23.51 47.71 7.14
N ILE A 330 23.05 48.08 5.95
CA ILE A 330 23.44 49.29 5.25
C ILE A 330 22.20 50.12 4.97
N ASN A 331 21.31 50.22 5.97
CA ASN A 331 19.90 50.61 5.82
C ASN A 331 19.63 51.57 4.67
N PRO A 332 20.46 52.62 4.46
CA PRO A 332 20.31 53.41 3.23
C PRO A 332 20.06 52.55 2.01
N ASN A 333 20.66 51.36 1.97
CA ASN A 333 20.39 50.44 0.88
C ASN A 333 18.94 49.99 0.86
N TYR A 334 18.36 49.72 2.03
CA TYR A 334 16.94 49.36 2.08
C TYR A 334 16.07 50.51 1.63
N LEU A 335 16.40 51.73 2.06
CA LEU A 335 15.63 52.90 1.64
C LEU A 335 15.67 53.06 0.14
N LEU A 336 16.86 52.93 -0.46
CA LEU A 336 16.97 53.04 -1.91
C LEU A 336 16.27 51.88 -2.61
N ALA A 337 16.26 50.70 -2.01
CA ALA A 337 15.52 49.58 -2.61
C ALA A 337 14.03 49.89 -2.68
N TRP A 338 13.47 50.43 -1.60
CA TRP A 338 12.06 50.81 -1.63
C TRP A 338 11.81 51.91 -2.66
N LYS A 339 12.69 52.92 -2.71
CA LYS A 339 12.55 53.96 -3.71
C LYS A 339 12.53 53.36 -5.11
N GLN A 340 13.45 52.42 -5.38
CA GLN A 340 13.53 51.82 -6.70
C GLN A 340 12.28 51.00 -7.01
N VAL A 341 11.75 50.28 -6.03
CA VAL A 341 10.53 49.51 -6.28
C VAL A 341 9.38 50.43 -6.62
N LEU A 342 9.26 51.54 -5.90
CA LEU A 342 8.16 52.48 -6.18
C LEU A 342 8.33 53.10 -7.56
N ALA A 343 9.56 53.49 -7.91
CA ALA A 343 9.80 54.04 -9.24
C ALA A 343 9.50 53.02 -10.32
N GLU A 344 9.83 51.76 -10.08
CA GLU A 344 9.58 50.71 -11.06
C GLU A 344 8.09 50.46 -11.23
N LEU A 345 7.33 50.54 -10.13
CA LEU A 345 5.88 50.42 -10.25
C LEU A 345 5.30 51.56 -11.07
N GLN A 346 5.78 52.78 -10.83
CA GLN A 346 5.34 53.90 -11.67
C GLN A 346 5.70 53.65 -13.13
N ASP A 347 6.90 53.14 -13.39
CA ASP A 347 7.33 52.86 -14.76
C ASP A 347 6.39 51.87 -15.43
N ILE A 348 6.14 50.73 -14.78
CA ILE A 348 5.27 49.73 -15.39
C ILE A 348 3.87 50.28 -15.59
N GLU A 349 3.40 51.11 -14.66
CA GLU A 349 2.07 51.71 -14.83
C GLU A 349 2.02 52.60 -16.06
N ASN A 350 3.08 53.39 -16.30
CA ASN A 350 3.08 54.27 -17.46
C ASN A 350 3.06 53.50 -18.78
N GLU A 351 3.51 52.25 -18.77
CA GLU A 351 3.60 51.48 -20.00
C GLU A 351 2.21 51.11 -20.53
N GLU A 352 2.16 50.81 -21.83
CA GLU A 352 0.90 50.45 -22.46
C GLU A 352 0.33 49.18 -21.85
N LYS A 353 1.04 48.06 -21.99
CA LYS A 353 0.60 46.77 -21.49
C LYS A 353 1.36 46.41 -20.22
N ILE A 354 0.75 45.57 -19.40
CA ILE A 354 1.33 45.14 -18.13
C ILE A 354 2.00 43.80 -18.37
N PRO A 355 3.33 43.70 -18.29
CA PRO A 355 3.98 42.39 -18.44
C PRO A 355 3.55 41.44 -17.33
N LYS A 356 3.54 40.15 -17.66
CA LYS A 356 3.19 39.14 -16.66
C LYS A 356 4.12 39.23 -15.47
N THR A 357 5.43 39.34 -15.72
CA THR A 357 6.42 39.47 -14.66
C THR A 357 7.40 40.57 -15.03
N LYS A 358 7.92 41.25 -14.02
CA LYS A 358 8.82 42.37 -14.19
C LYS A 358 10.16 42.04 -13.55
N ASN A 359 11.24 42.24 -14.29
CA ASN A 359 12.58 42.00 -13.80
C ASN A 359 13.22 43.32 -13.39
N MET A 360 13.63 43.42 -12.13
CA MET A 360 14.20 44.63 -11.58
C MET A 360 15.61 44.85 -12.11
N LYS A 361 16.03 46.11 -12.12
CA LYS A 361 17.36 46.45 -12.59
C LYS A 361 18.39 46.07 -11.54
N LYS A 362 19.55 45.59 -12.00
CA LYS A 362 20.60 45.07 -11.12
C LYS A 362 21.42 46.24 -10.60
N THR A 363 20.87 46.94 -9.62
CA THR A 363 21.56 48.07 -9.00
C THR A 363 22.30 47.62 -7.75
N SER A 364 23.12 48.53 -7.21
CA SER A 364 23.94 48.19 -6.06
C SER A 364 23.08 47.85 -4.85
N GLN A 365 21.94 48.52 -4.70
CA GLN A 365 21.12 48.32 -3.51
C GLN A 365 20.54 46.91 -3.47
N LEU A 366 19.90 46.50 -4.58
CA LEU A 366 19.40 45.13 -4.66
C LEU A 366 20.56 44.14 -4.65
N LYS A 367 21.69 44.52 -5.24
CA LYS A 367 22.84 43.61 -5.28
C LYS A 367 23.33 43.30 -3.87
N TRP A 368 23.40 44.31 -3.00
CA TRP A 368 23.80 44.05 -1.62
C TRP A 368 22.69 43.37 -0.84
N ALA A 369 21.46 43.86 -0.94
CA ALA A 369 20.38 43.32 -0.13
C ALA A 369 20.13 41.85 -0.44
N LEU A 370 20.22 41.48 -1.71
CA LEU A 370 20.02 40.11 -2.14
C LEU A 370 21.28 39.27 -2.05
N GLY A 371 22.37 39.83 -1.53
CA GLY A 371 23.58 39.07 -1.32
C GLY A 371 24.13 38.47 -2.60
N GLU A 372 24.59 39.32 -3.51
CA GLU A 372 25.17 38.86 -4.77
C GLU A 372 26.68 39.00 -4.71
N ASN A 373 27.38 38.03 -5.27
CA ASN A 373 28.85 38.00 -5.25
C ASN A 373 29.34 37.79 -3.82
N MET A 374 28.45 37.41 -2.91
CA MET A 374 28.84 37.23 -1.52
C MET A 374 29.57 35.91 -1.30
N ALA A 375 29.22 34.88 -2.04
CA ALA A 375 29.79 33.55 -1.80
C ALA A 375 31.28 33.56 -2.09
N PRO A 376 32.12 33.03 -1.20
CA PRO A 376 33.55 32.94 -1.51
C PRO A 376 33.79 32.06 -2.74
N GLU A 377 34.82 32.41 -3.50
CA GLU A 377 35.12 31.67 -4.72
C GLU A 377 35.66 30.29 -4.37
N LYS A 378 35.16 29.27 -5.08
CA LYS A 378 35.58 27.90 -4.83
C LYS A 378 36.97 27.65 -5.40
N VAL A 379 37.80 26.96 -4.62
CA VAL A 379 39.21 26.75 -4.95
C VAL A 379 39.63 25.39 -4.43
N ASP A 380 40.60 24.80 -5.11
CA ASP A 380 41.14 23.51 -4.69
C ASP A 380 42.15 23.67 -3.56
N PHE A 381 42.33 22.61 -2.79
CA PHE A 381 43.11 22.69 -1.56
C PHE A 381 44.61 22.74 -1.80
N ASP A 382 45.06 22.46 -3.03
CA ASP A 382 46.51 22.36 -3.27
C ASP A 382 47.20 23.69 -2.99
N ASP A 383 46.60 24.79 -3.43
CA ASP A 383 47.21 26.12 -3.25
C ASP A 383 46.72 26.84 -2.02
N CYS A 384 45.43 26.68 -1.68
CA CYS A 384 44.87 27.29 -0.49
C CYS A 384 45.07 26.34 0.70
N LYS A 385 46.33 26.18 1.06
CA LYS A 385 46.74 25.30 2.15
C LYS A 385 47.45 26.03 3.27
N ASP A 386 48.33 26.97 2.94
CA ASP A 386 49.09 27.71 3.94
C ASP A 386 48.36 28.96 4.40
N VAL A 387 47.14 29.21 3.93
CA VAL A 387 46.42 30.41 4.32
C VAL A 387 46.28 30.45 5.83
N SER A 388 46.57 31.62 6.41
CA SER A 388 46.65 31.73 7.86
C SER A 388 45.31 31.44 8.51
N ASP A 389 44.23 31.98 7.95
CA ASP A 389 42.91 31.89 8.56
C ASP A 389 42.06 30.74 8.00
N LEU A 390 42.67 29.83 7.26
CA LEU A 390 41.93 28.68 6.76
C LEU A 390 41.47 27.82 7.92
N LYS A 391 40.17 27.56 7.98
CA LYS A 391 39.59 26.76 9.05
C LYS A 391 38.47 25.90 8.47
N GLN A 392 37.71 25.27 9.35
CA GLN A 392 36.51 24.54 8.99
C GLN A 392 35.32 25.47 9.11
N TYR A 393 34.28 25.21 8.33
CA TYR A 393 33.08 26.04 8.38
C TYR A 393 32.56 26.12 9.81
N ASP A 394 32.24 27.32 10.25
CA ASP A 394 31.72 27.50 11.60
C ASP A 394 30.50 26.62 11.82
N SER A 395 30.64 25.63 12.70
CA SER A 395 29.58 24.69 13.02
C SER A 395 29.48 24.60 14.54
N ASP A 396 28.66 25.46 15.13
CA ASP A 396 28.55 25.56 16.57
C ASP A 396 27.07 25.56 16.96
N GLU A 397 26.81 25.31 18.23
CA GLU A 397 25.44 25.25 18.71
C GLU A 397 24.75 26.60 18.50
N PRO A 398 23.47 26.60 18.14
CA PRO A 398 22.78 27.88 17.91
C PRO A 398 22.78 28.74 19.17
N GLU A 399 22.84 30.05 18.96
CA GLU A 399 22.82 30.99 20.07
C GLU A 399 21.53 30.85 20.86
N LEU A 400 21.66 30.77 22.19
CA LEU A 400 20.48 30.63 23.04
C LEU A 400 19.72 31.94 23.12
N ARG A 401 18.39 31.84 23.15
CA ARG A 401 17.51 33.00 23.27
C ARG A 401 16.31 32.63 24.12
N SER A 402 15.78 33.62 24.83
CA SER A 402 14.70 33.40 25.78
C SER A 402 13.35 33.65 25.14
N LEU A 403 12.29 33.34 25.90
CA LEU A 403 10.93 33.47 25.39
C LEU A 403 10.42 34.89 25.60
N ALA A 404 9.88 35.47 24.54
CA ALA A 404 9.30 36.80 24.60
C ALA A 404 7.79 36.70 24.71
N SER A 405 7.16 37.84 24.96
CA SER A 405 5.72 37.90 25.15
C SER A 405 4.94 38.06 23.84
N TRP A 406 5.63 38.33 22.73
CA TRP A 406 4.92 38.64 21.49
C TRP A 406 4.34 37.38 20.82
N ILE A 407 5.00 36.24 20.97
CA ILE A 407 4.53 35.05 20.26
C ILE A 407 3.18 34.61 20.80
N GLN A 408 2.94 34.76 22.10
CA GLN A 408 1.64 34.44 22.65
C GLN A 408 0.56 35.34 22.07
N SER A 409 0.84 36.64 21.95
CA SER A 409 -0.14 37.54 21.37
C SER A 409 -0.40 37.22 19.91
N GLU A 410 0.64 36.87 19.16
CA GLU A 410 0.43 36.49 17.77
C GLU A 410 -0.43 35.24 17.66
N PHE A 411 -0.18 34.24 18.50
CA PHE A 411 -1.02 33.05 18.47
C PHE A 411 -2.44 33.36 18.90
N ASN A 412 -2.62 34.33 19.80
CA ASN A 412 -3.95 34.75 20.17
C ASN A 412 -4.68 35.35 18.97
N LYS A 413 -4.05 36.30 18.29
CA LYS A 413 -4.68 36.92 17.14
C LYS A 413 -4.88 35.94 15.99
N ALA A 414 -4.09 34.87 15.94
CA ALA A 414 -4.22 33.87 14.90
C ALA A 414 -5.25 32.81 15.21
N CYS A 415 -6.20 33.10 16.10
CA CYS A 415 -7.31 32.20 16.36
C CYS A 415 -8.65 32.90 16.35
N GLU A 416 -8.69 34.23 16.23
CA GLU A 416 -9.94 34.95 16.27
C GLU A 416 -10.70 34.78 14.95
N LEU A 417 -11.99 35.08 15.00
CA LEU A 417 -12.86 35.01 13.83
C LEU A 417 -12.83 36.37 13.13
N THR A 418 -12.46 36.36 11.86
CA THR A 418 -12.44 37.58 11.07
C THR A 418 -13.85 37.81 10.50
N ASP A 419 -13.99 38.88 9.71
CA ASP A 419 -15.28 39.17 9.06
C ASP A 419 -15.14 39.05 7.56
N SER A 420 -14.44 38.02 7.09
CA SER A 420 -14.24 37.79 5.67
C SER A 420 -14.36 36.29 5.43
N SER A 421 -13.96 35.86 4.24
CA SER A 421 -14.01 34.44 3.87
C SER A 421 -12.74 34.16 3.07
N TRP A 422 -11.73 33.63 3.76
CA TRP A 422 -10.40 33.51 3.18
C TRP A 422 -10.21 32.27 2.33
N ILE A 423 -11.11 31.31 2.37
CA ILE A 423 -11.01 30.10 1.58
C ILE A 423 -12.34 29.85 0.89
N GLU A 424 -12.29 29.62 -0.42
CA GLU A 424 -13.49 29.36 -1.22
C GLU A 424 -13.21 28.09 -2.03
N LEU A 425 -13.73 26.96 -1.55
CA LEU A 425 -13.46 25.67 -2.15
C LEU A 425 -14.44 25.37 -3.27
N ASP A 426 -13.96 24.65 -4.27
CA ASP A 426 -14.74 24.32 -5.45
C ASP A 426 -15.88 23.37 -5.09
N GLU A 427 -16.69 23.04 -6.09
CA GLU A 427 -17.82 22.14 -5.88
C GLU A 427 -17.33 20.69 -5.81
N ILE A 428 -18.20 19.82 -5.31
CA ILE A 428 -17.94 18.40 -5.18
C ILE A 428 -19.08 17.65 -5.85
N GLY A 429 -18.83 16.39 -6.18
CA GLY A 429 -19.83 15.57 -6.83
C GLY A 429 -21.16 15.58 -6.11
N GLU A 430 -22.25 15.61 -6.87
CA GLU A 430 -23.57 15.70 -6.27
C GLU A 430 -23.81 14.54 -5.31
N ASP A 431 -24.39 14.85 -4.15
CA ASP A 431 -24.60 13.85 -3.12
C ASP A 431 -25.84 13.03 -3.39
N VAL A 432 -25.77 11.73 -3.11
CA VAL A 432 -26.87 10.81 -3.31
C VAL A 432 -27.18 10.05 -2.03
N ALA A 433 -26.18 9.37 -1.49
CA ALA A 433 -26.38 8.57 -0.29
C ALA A 433 -26.63 9.45 0.93
N PRO A 434 -27.41 8.99 1.90
CA PRO A 434 -27.61 9.79 3.12
C PRO A 434 -26.33 10.17 3.82
N ILE A 435 -25.31 9.31 3.82
CA ILE A 435 -24.04 9.69 4.41
C ILE A 435 -23.51 10.95 3.75
N GLU A 436 -23.71 11.08 2.44
CA GLU A 436 -23.25 12.25 1.74
C GLU A 436 -23.99 13.50 2.20
N HIS A 437 -25.28 13.39 2.50
CA HIS A 437 -26.04 14.55 2.99
C HIS A 437 -25.58 14.94 4.39
N ILE A 438 -25.42 13.96 5.28
CA ILE A 438 -24.94 14.28 6.63
C ILE A 438 -23.55 14.90 6.55
N ALA A 439 -22.68 14.34 5.70
CA ALA A 439 -21.34 14.88 5.53
C ALA A 439 -21.40 16.29 4.98
N SER A 440 -22.32 16.56 4.06
CA SER A 440 -22.43 17.92 3.52
C SER A 440 -22.85 18.91 4.58
N MET A 441 -23.80 18.54 5.44
CA MET A 441 -24.20 19.43 6.53
C MET A 441 -23.01 19.71 7.45
N ARG A 442 -22.34 18.64 7.89
CA ARG A 442 -21.21 18.81 8.79
C ARG A 442 -20.09 19.62 8.13
N ARG A 443 -19.89 19.43 6.83
CA ARG A 443 -18.85 20.15 6.12
C ARG A 443 -19.20 21.62 5.97
N ASN A 444 -20.49 21.93 5.78
CA ASN A 444 -20.90 23.33 5.81
C ASN A 444 -20.54 23.96 7.15
N TYR A 445 -20.85 23.25 8.24
CA TYR A 445 -20.48 23.77 9.55
C TYR A 445 -18.98 24.03 9.65
N PHE A 446 -18.18 23.03 9.27
CA PHE A 446 -16.72 23.17 9.42
C PHE A 446 -16.19 24.31 8.56
N THR A 447 -16.54 24.32 7.28
CA THR A 447 -16.02 25.33 6.37
C THR A 447 -16.52 26.73 6.71
N ALA A 448 -17.65 26.83 7.42
CA ALA A 448 -18.04 28.14 7.95
C ALA A 448 -17.18 28.52 9.15
N GLU A 449 -16.90 27.57 10.03
CA GLU A 449 -16.14 27.85 11.24
C GLU A 449 -14.65 28.00 10.99
N VAL A 450 -14.16 27.63 9.81
CA VAL A 450 -12.74 27.68 9.51
C VAL A 450 -12.42 28.68 8.40
N SER A 451 -13.37 28.99 7.53
CA SER A 451 -13.10 29.96 6.47
C SER A 451 -12.92 31.37 7.04
N HIS A 452 -13.53 31.66 8.18
CA HIS A 452 -13.46 32.98 8.77
C HIS A 452 -12.31 33.17 9.74
N CYS A 453 -11.60 32.10 10.08
CA CYS A 453 -10.44 32.20 10.95
C CYS A 453 -9.31 32.93 10.26
N ARG A 454 -8.49 33.64 11.04
CA ARG A 454 -7.35 34.32 10.46
C ARG A 454 -6.21 33.36 10.14
N ALA A 455 -6.14 32.23 10.83
CA ALA A 455 -5.17 31.21 10.47
C ALA A 455 -5.32 30.80 9.01
N THR A 456 -6.54 30.83 8.49
CA THR A 456 -6.73 30.54 7.08
C THR A 456 -6.18 31.67 6.20
N GLU A 457 -6.26 32.90 6.66
CA GLU A 457 -5.59 33.98 5.93
C GLU A 457 -4.10 33.73 5.86
N TYR A 458 -3.50 33.31 6.97
CA TYR A 458 -2.07 32.99 6.94
C TYR A 458 -1.79 31.82 6.00
N ILE A 459 -2.66 30.81 6.01
CA ILE A 459 -2.48 29.68 5.09
C ILE A 459 -2.44 30.18 3.65
N MET A 460 -3.43 30.98 3.27
CA MET A 460 -3.50 31.44 1.88
C MET A 460 -2.31 32.33 1.53
N LYS A 461 -1.92 33.23 2.44
CA LYS A 461 -0.74 34.05 2.19
C LYS A 461 0.48 33.17 1.95
N GLY A 462 0.71 32.20 2.81
CA GLY A 462 1.87 31.35 2.64
C GLY A 462 1.84 30.58 1.34
N VAL A 463 0.68 30.00 1.02
CA VAL A 463 0.58 29.22 -0.21
C VAL A 463 0.89 30.10 -1.42
N TYR A 464 0.28 31.28 -1.48
CA TYR A 464 0.53 32.15 -2.62
C TYR A 464 1.97 32.58 -2.70
N ILE A 465 2.55 32.98 -1.56
CA ILE A 465 3.93 33.48 -1.59
C ILE A 465 4.88 32.39 -2.05
N ASN A 466 4.73 31.19 -1.50
CA ASN A 466 5.64 30.11 -1.87
C ASN A 466 5.44 29.69 -3.32
N THR A 467 4.19 29.60 -3.79
CA THR A 467 3.96 29.26 -5.19
C THR A 467 4.61 30.28 -6.10
N ALA A 468 4.39 31.57 -5.83
CA ALA A 468 4.95 32.61 -6.69
C ALA A 468 6.47 32.56 -6.67
N LEU A 469 7.06 32.41 -5.49
CA LEU A 469 8.52 32.36 -5.41
C LEU A 469 9.07 31.16 -6.15
N LEU A 470 8.44 30.00 -6.01
CA LEU A 470 8.93 28.80 -6.70
C LEU A 470 8.86 28.97 -8.21
N ASN A 471 7.70 29.40 -8.71
CA ASN A 471 7.56 29.56 -10.15
C ASN A 471 8.51 30.62 -10.69
N ALA A 472 8.74 31.70 -9.95
CA ALA A 472 9.62 32.76 -10.44
C ALA A 472 11.08 32.33 -10.39
N SER A 473 11.47 31.58 -9.37
CA SER A 473 12.85 31.12 -9.26
C SER A 473 13.16 29.97 -10.18
N CYS A 474 12.15 29.26 -10.66
CA CYS A 474 12.39 28.19 -11.62
C CYS A 474 12.48 28.68 -13.06
N ALA A 475 12.11 29.92 -13.32
CA ALA A 475 12.10 30.46 -14.68
C ALA A 475 13.15 31.56 -14.87
N ALA A 476 13.13 32.60 -14.04
CA ALA A 476 14.08 33.70 -14.13
C ALA A 476 15.19 33.46 -13.11
N MET A 477 16.04 32.48 -13.41
CA MET A 477 17.11 32.11 -12.50
C MET A 477 18.27 33.10 -12.48
N ASP A 478 18.18 34.20 -13.21
CA ASP A 478 19.28 35.14 -13.27
C ASP A 478 18.87 36.60 -13.21
N ASP A 479 17.61 36.91 -12.93
CA ASP A 479 17.14 38.28 -12.86
C ASP A 479 16.35 38.49 -11.57
N PHE A 480 16.37 39.72 -11.07
CA PHE A 480 15.65 40.07 -9.86
C PHE A 480 14.22 40.42 -10.23
N GLN A 481 13.29 39.52 -9.94
CA GLN A 481 11.89 39.75 -10.27
C GLN A 481 11.28 40.70 -9.24
N LEU A 482 9.96 40.83 -9.27
CA LEU A 482 9.24 41.69 -8.33
C LEU A 482 7.86 41.10 -8.15
N ILE A 483 7.68 40.33 -7.07
CA ILE A 483 6.51 39.47 -6.90
C ILE A 483 5.59 40.05 -5.84
N PRO A 484 4.61 40.87 -6.19
CA PRO A 484 3.73 41.43 -5.17
C PRO A 484 2.92 40.34 -4.47
N MET A 485 2.70 40.54 -3.17
CA MET A 485 1.89 39.62 -2.40
C MET A 485 0.42 39.96 -2.60
N ILE A 486 -0.40 38.93 -2.81
CA ILE A 486 -1.82 39.11 -3.10
C ILE A 486 -2.62 38.08 -2.34
N SER A 487 -3.83 38.46 -1.95
CA SER A 487 -4.76 37.56 -1.29
C SER A 487 -6.16 38.12 -1.46
N LYS A 488 -7.12 37.24 -1.73
CA LYS A 488 -8.48 37.62 -2.11
C LYS A 488 -9.48 36.98 -1.16
N CYS A 489 -10.55 37.71 -0.84
CA CYS A 489 -11.51 37.26 0.14
C CYS A 489 -12.87 37.87 -0.16
N ARG A 490 -13.91 37.26 0.41
CA ARG A 490 -15.28 37.75 0.33
C ARG A 490 -15.63 38.46 1.63
N THR A 491 -16.13 39.69 1.52
CA THR A 491 -16.53 40.41 2.71
C THR A 491 -17.78 39.77 3.32
N LYS A 492 -18.24 40.36 4.42
CA LYS A 492 -19.42 39.82 5.10
C LYS A 492 -20.67 39.89 4.21
N GLU A 493 -20.72 40.87 3.31
CA GLU A 493 -21.84 41.01 2.39
C GLU A 493 -21.63 40.27 1.08
N GLY A 494 -20.54 39.50 0.95
CA GLY A 494 -20.30 38.70 -0.22
C GLY A 494 -19.51 39.38 -1.32
N ARG A 495 -19.22 40.67 -1.19
CA ARG A 495 -18.45 41.37 -2.21
C ARG A 495 -17.02 40.85 -2.25
N ARG A 496 -16.51 40.62 -3.46
CA ARG A 496 -15.15 40.15 -3.62
C ARG A 496 -14.14 41.27 -3.40
N LYS A 497 -12.95 40.90 -2.94
CA LYS A 497 -11.87 41.85 -2.70
C LYS A 497 -10.54 41.23 -3.08
N THR A 498 -9.56 42.08 -3.33
CA THR A 498 -8.19 41.66 -3.54
C THR A 498 -7.29 42.53 -2.67
N ASN A 499 -6.27 41.90 -2.08
CA ASN A 499 -5.45 42.53 -1.06
C ASN A 499 -4.00 42.56 -1.50
N LEU A 500 -3.25 43.52 -0.95
CA LEU A 500 -1.85 43.70 -1.30
C LEU A 500 -1.06 43.97 -0.02
N TYR A 501 -0.41 42.94 0.50
CA TYR A 501 0.37 43.08 1.72
C TYR A 501 1.67 43.83 1.48
N GLY A 502 2.40 43.49 0.43
CA GLY A 502 3.68 44.11 0.15
C GLY A 502 4.30 43.63 -1.14
N PHE A 503 5.62 43.54 -1.20
CA PHE A 503 6.31 43.08 -2.39
C PHE A 503 7.49 42.20 -2.01
N ILE A 504 7.82 41.27 -2.90
CA ILE A 504 9.00 40.42 -2.78
C ILE A 504 9.86 40.65 -4.01
N ILE A 505 11.17 40.63 -3.82
CA ILE A 505 12.12 40.83 -4.92
C ILE A 505 13.07 39.63 -4.90
N LYS A 506 12.71 38.59 -5.63
CA LYS A 506 13.55 37.40 -5.69
C LYS A 506 14.93 37.75 -6.23
N GLY A 507 15.96 37.14 -5.65
CA GLY A 507 17.32 37.30 -6.13
C GLY A 507 17.71 36.20 -7.08
N ARG A 508 19.00 36.17 -7.42
CA ARG A 508 19.50 35.07 -8.24
C ARG A 508 19.20 33.76 -7.54
N SER A 509 18.63 32.81 -8.28
CA SER A 509 18.04 31.61 -7.69
C SER A 509 18.49 30.36 -8.43
N HIS A 510 19.79 30.21 -8.60
CA HIS A 510 20.34 28.98 -9.19
C HIS A 510 20.36 27.90 -8.11
N LEU A 511 19.22 27.26 -7.90
CA LEU A 511 19.06 26.24 -6.88
C LEU A 511 19.41 24.88 -7.47
N ARG A 512 20.33 24.17 -6.82
CA ARG A 512 20.76 22.85 -7.26
C ARG A 512 20.34 21.75 -6.29
N ASN A 513 20.82 21.81 -5.06
CA ASN A 513 20.34 20.88 -4.05
C ASN A 513 19.01 21.37 -3.49
N ASP A 514 18.26 20.45 -2.87
CA ASP A 514 17.02 20.87 -2.22
C ASP A 514 17.28 21.40 -0.82
N THR A 515 18.31 22.22 -0.67
CA THR A 515 18.51 23.02 0.53
C THR A 515 19.15 24.36 0.22
N ASP A 516 19.39 24.69 -1.05
CA ASP A 516 20.06 25.95 -1.37
C ASP A 516 19.16 27.11 -0.98
N VAL A 517 19.68 28.33 -1.07
CA VAL A 517 18.99 29.51 -0.57
C VAL A 517 18.81 30.48 -1.72
N VAL A 518 17.59 30.99 -1.88
CA VAL A 518 17.29 32.09 -2.79
C VAL A 518 16.90 33.28 -1.93
N ASN A 519 17.72 34.32 -1.95
CA ASN A 519 17.49 35.48 -1.11
C ASN A 519 16.45 36.38 -1.76
N PHE A 520 15.48 36.82 -0.98
CA PHE A 520 14.44 37.72 -1.46
C PHE A 520 14.18 38.78 -0.42
N VAL A 521 14.44 40.05 -0.76
CA VAL A 521 14.17 41.15 0.13
C VAL A 521 12.66 41.36 0.16
N SER A 522 12.06 41.23 1.34
CA SER A 522 10.62 41.25 1.50
C SER A 522 10.19 42.59 2.08
N MET A 523 9.39 43.34 1.32
CA MET A 523 8.89 44.64 1.74
C MET A 523 7.41 44.51 2.08
N GLU A 524 7.04 44.91 3.29
CA GLU A 524 5.68 44.70 3.77
C GLU A 524 5.16 45.97 4.41
N PHE A 525 3.87 46.22 4.21
CA PHE A 525 3.17 47.31 4.86
C PHE A 525 2.79 46.89 6.27
N SER A 526 2.53 47.89 7.11
CA SER A 526 2.08 47.63 8.47
C SER A 526 1.71 48.95 9.13
N LEU A 527 0.92 48.85 10.20
CA LEU A 527 0.47 50.02 10.94
C LEU A 527 1.05 50.06 12.35
N THR A 528 1.84 49.07 12.75
CA THR A 528 2.34 48.97 14.12
C THR A 528 3.72 49.61 14.19
N ASP A 529 3.89 50.52 15.16
CA ASP A 529 5.14 51.23 15.30
C ASP A 529 6.19 50.30 15.90
N PRO A 530 7.36 50.14 15.29
CA PRO A 530 8.36 49.22 15.85
C PRO A 530 8.88 49.64 17.21
N ARG A 531 8.74 50.91 17.59
CA ARG A 531 9.24 51.35 18.90
C ARG A 531 8.25 51.00 20.01
N LEU A 532 7.78 49.78 20.02
CA LEU A 532 7.01 49.23 21.14
C LEU A 532 7.55 47.86 21.55
N GLU A 533 8.01 47.06 20.60
CA GLU A 533 8.60 45.75 20.87
C GLU A 533 9.90 45.63 20.08
N PRO A 534 10.87 46.48 20.37
CA PRO A 534 12.08 46.53 19.53
C PRO A 534 12.85 45.22 19.50
N HIS A 535 12.76 44.41 20.55
CA HIS A 535 13.46 43.13 20.57
C HIS A 535 12.87 42.12 19.60
N LYS A 536 11.69 42.41 19.04
CA LYS A 536 11.04 41.51 18.10
C LYS A 536 11.43 41.79 16.66
N TRP A 537 11.63 43.05 16.29
CA TRP A 537 12.01 43.43 14.93
C TRP A 537 13.52 43.57 14.82
N GLU A 538 14.24 42.50 15.15
CA GLU A 538 15.69 42.56 15.15
C GLU A 538 16.27 42.63 13.74
N LYS A 539 15.64 41.95 12.80
CA LYS A 539 16.21 41.77 11.47
C LYS A 539 15.52 42.60 10.39
N TYR A 540 14.58 43.47 10.75
CA TYR A 540 13.90 44.34 9.80
C TYR A 540 14.54 45.73 9.80
N CYS A 541 14.07 46.57 8.88
CA CYS A 541 14.58 47.93 8.70
C CYS A 541 13.44 48.91 8.52
N VAL A 542 12.48 48.89 9.44
CA VAL A 542 11.23 49.62 9.31
C VAL A 542 11.46 51.03 8.77
N LEU A 543 10.61 51.45 7.83
CA LEU A 543 10.57 52.80 7.31
C LEU A 543 9.17 53.36 7.50
N GLU A 544 9.06 54.70 7.46
CA GLU A 544 7.79 55.38 7.57
C GLU A 544 7.47 56.00 6.23
N ILE A 545 6.49 55.44 5.53
CA ILE A 545 6.25 55.74 4.13
C ILE A 545 5.06 56.67 3.94
N GLY A 546 4.03 56.55 4.77
CA GLY A 546 2.82 57.31 4.56
C GLY A 546 2.12 57.58 5.87
N ASP A 547 0.92 58.14 5.76
CA ASP A 547 0.11 58.48 6.93
C ASP A 547 -1.35 58.25 6.56
N MET A 548 -1.88 57.09 6.93
CA MET A 548 -3.25 56.75 6.58
C MET A 548 -4.23 57.63 7.36
N LEU A 549 -5.48 57.66 6.88
CA LEU A 549 -6.58 58.31 7.58
C LEU A 549 -7.75 57.32 7.65
N LEU A 550 -7.69 56.45 8.65
CA LEU A 550 -8.69 55.39 8.75
C LEU A 550 -9.90 55.87 9.56
N ARG A 551 -11.02 55.20 9.36
CA ARG A 551 -12.26 55.52 10.06
C ARG A 551 -12.53 54.45 11.11
N SER A 552 -12.83 54.88 12.33
CA SER A 552 -13.04 54.00 13.46
C SER A 552 -14.40 54.31 14.10
N ALA A 553 -14.64 53.73 15.28
CA ALA A 553 -15.82 54.09 16.05
C ALA A 553 -15.81 55.57 16.43
N ILE A 554 -14.64 56.20 16.42
CA ILE A 554 -14.54 57.64 16.65
C ILE A 554 -14.46 58.44 15.36
N GLY A 555 -14.14 57.80 14.23
CA GLY A 555 -13.99 58.49 12.97
C GLY A 555 -12.55 58.55 12.53
N GLN A 556 -12.13 59.71 12.02
CA GLN A 556 -10.75 59.87 11.56
C GLN A 556 -9.79 59.80 12.74
N VAL A 557 -8.69 59.07 12.56
CA VAL A 557 -7.70 58.87 13.62
C VAL A 557 -6.32 59.29 13.10
N SER A 558 -6.03 58.99 11.85
CA SER A 558 -4.78 59.38 11.22
C SER A 558 -3.53 58.78 11.89
N ARG A 559 -3.36 57.46 11.81
CA ARG A 559 -2.15 56.81 12.28
C ARG A 559 -1.10 56.79 11.18
N PRO A 560 0.19 56.79 11.51
CA PRO A 560 1.21 56.67 10.49
C PRO A 560 1.31 55.23 9.97
N MET A 561 1.83 55.09 8.75
CA MET A 561 2.02 53.80 8.11
C MET A 561 3.50 53.49 7.96
N PHE A 562 3.85 52.22 8.12
CA PHE A 562 5.24 51.80 8.17
C PHE A 562 5.48 50.71 7.13
N LEU A 563 6.74 50.58 6.72
CA LEU A 563 7.18 49.54 5.78
C LEU A 563 8.28 48.73 6.44
N TYR A 564 8.03 47.43 6.64
CA TYR A 564 8.99 46.55 7.31
C TYR A 564 9.83 45.84 6.27
N VAL A 565 10.94 46.45 5.87
CA VAL A 565 11.84 45.86 4.89
C VAL A 565 12.78 44.92 5.59
N ARG A 566 13.11 43.80 4.94
CA ARG A 566 14.14 42.90 5.45
C ARG A 566 14.62 42.01 4.31
N THR A 567 15.83 41.51 4.46
CA THR A 567 16.29 40.41 3.64
C THR A 567 15.81 39.11 4.25
N ASN A 568 15.82 38.05 3.46
CA ASN A 568 15.40 36.75 3.95
C ASN A 568 15.78 35.71 2.92
N GLY A 569 15.54 34.45 3.25
CA GLY A 569 15.84 33.37 2.34
C GLY A 569 14.99 32.15 2.57
N THR A 570 14.79 31.35 1.54
CA THR A 570 14.02 30.13 1.64
C THR A 570 14.56 29.12 0.64
N SER A 571 14.55 27.85 1.00
CA SER A 571 15.15 26.83 0.16
C SER A 571 14.09 26.16 -0.71
N LYS A 572 14.53 25.24 -1.57
CA LYS A 572 13.61 24.56 -2.46
C LYS A 572 12.73 23.55 -1.75
N ILE A 573 13.06 23.21 -0.50
CA ILE A 573 12.22 22.31 0.28
C ILE A 573 11.25 23.09 1.15
N LYS A 574 11.71 24.21 1.72
CA LYS A 574 10.80 25.06 2.47
C LYS A 574 9.71 25.62 1.56
N MET A 575 10.06 25.98 0.33
CA MET A 575 9.06 26.46 -0.62
C MET A 575 8.03 25.38 -0.93
N LYS A 576 8.48 24.14 -1.13
CA LYS A 576 7.54 23.07 -1.39
C LYS A 576 6.61 22.84 -0.22
N TRP A 577 7.16 22.77 0.99
CA TRP A 577 6.33 22.52 2.16
C TRP A 577 5.53 23.73 2.59
N GLY A 578 5.80 24.90 2.01
CA GLY A 578 4.94 26.04 2.20
C GLY A 578 3.83 26.08 1.18
N MET A 579 4.12 25.61 -0.03
CA MET A 579 3.07 25.44 -1.04
C MET A 579 2.07 24.38 -0.62
N GLU A 580 2.52 23.38 0.14
CA GLU A 580 1.65 22.31 0.62
C GLU A 580 1.08 22.60 2.00
N MET A 581 0.80 23.86 2.31
CA MET A 581 0.37 24.28 3.64
C MET A 581 -1.10 24.03 3.90
N ARG A 582 -1.87 23.59 2.92
CA ARG A 582 -3.31 23.44 3.10
C ARG A 582 -3.68 22.20 3.91
N ARG A 583 -2.72 21.36 4.29
CA ARG A 583 -3.03 20.19 5.11
C ARG A 583 -3.32 20.54 6.55
N CYS A 584 -3.06 21.77 6.98
CA CYS A 584 -3.42 22.17 8.33
C CYS A 584 -4.93 22.07 8.53
N LEU A 585 -5.69 22.50 7.53
CA LEU A 585 -7.14 22.37 7.60
C LEU A 585 -7.54 20.92 7.81
N LEU A 586 -6.92 20.01 7.06
CA LEU A 586 -7.25 18.59 7.21
C LEU A 586 -6.94 18.10 8.62
N GLN A 587 -5.78 18.47 9.14
CA GLN A 587 -5.41 17.99 10.48
C GLN A 587 -6.42 18.45 11.52
N SER A 588 -6.69 19.75 11.56
CA SER A 588 -7.59 20.28 12.58
C SER A 588 -9.01 19.73 12.40
N LEU A 589 -9.49 19.67 11.16
CA LEU A 589 -10.85 19.20 10.93
C LEU A 589 -10.99 17.72 11.22
N GLN A 590 -9.95 16.92 10.95
CA GLN A 590 -10.02 15.51 11.31
C GLN A 590 -10.10 15.35 12.82
N GLN A 591 -9.33 16.15 13.56
CA GLN A 591 -9.43 16.07 15.02
C GLN A 591 -10.84 16.43 15.48
N ILE A 592 -11.41 17.52 14.94
CA ILE A 592 -12.75 17.94 15.36
C ILE A 592 -13.79 16.91 14.99
N GLU A 593 -13.67 16.33 13.80
CA GLU A 593 -14.59 15.27 13.37
C GLU A 593 -14.51 14.08 14.31
N SER A 594 -13.29 13.70 14.70
CA SER A 594 -13.14 12.59 15.63
C SER A 594 -13.84 12.89 16.95
N MET A 595 -13.67 14.10 17.47
CA MET A 595 -14.31 14.44 18.74
C MET A 595 -15.83 14.40 18.61
N ILE A 596 -16.37 14.99 17.55
CA ILE A 596 -17.82 15.05 17.39
C ILE A 596 -18.39 13.65 17.21
N GLU A 597 -17.75 12.81 16.40
CA GLU A 597 -18.24 11.45 16.22
C GLU A 597 -18.15 10.66 17.52
N ALA A 598 -17.08 10.84 18.27
CA ALA A 598 -16.95 10.14 19.55
C ALA A 598 -18.09 10.50 20.48
N GLU A 599 -18.44 11.78 20.55
CA GLU A 599 -19.56 12.17 21.41
C GLU A 599 -20.87 11.61 20.86
N SER A 600 -21.08 11.70 19.54
CA SER A 600 -22.36 11.30 18.97
C SER A 600 -22.56 9.79 19.00
N SER A 601 -21.49 9.00 19.14
CA SER A 601 -21.68 7.56 19.26
C SER A 601 -22.49 7.22 20.50
N VAL A 602 -22.19 7.88 21.62
CA VAL A 602 -22.87 7.57 22.88
C VAL A 602 -24.35 7.88 22.76
N LYS A 603 -24.70 9.03 22.19
CA LYS A 603 -26.08 9.44 22.00
C LYS A 603 -26.48 9.14 20.57
N GLU A 604 -27.43 8.20 20.40
CA GLU A 604 -27.69 7.65 19.07
C GLU A 604 -28.37 8.67 18.18
N LYS A 605 -27.65 9.73 17.82
CA LYS A 605 -28.12 10.75 16.89
C LYS A 605 -26.97 11.72 16.64
N ASP A 606 -27.03 12.41 15.51
CA ASP A 606 -25.98 13.36 15.16
C ASP A 606 -25.95 14.49 16.17
N MET A 607 -24.75 14.91 16.55
CA MET A 607 -24.56 15.93 17.57
C MET A 607 -23.91 17.20 17.03
N THR A 608 -23.62 17.27 15.73
CA THR A 608 -22.89 18.43 15.21
C THR A 608 -23.70 19.71 15.37
N LYS A 609 -25.00 19.66 15.11
CA LYS A 609 -25.80 20.88 15.08
C LYS A 609 -25.76 21.59 16.42
N GLU A 610 -26.09 20.88 17.50
CA GLU A 610 -26.08 21.50 18.82
C GLU A 610 -24.66 21.81 19.27
N PHE A 611 -23.68 21.04 18.80
CA PHE A 611 -22.29 21.34 19.13
C PHE A 611 -21.89 22.72 18.61
N PHE A 612 -22.27 23.03 17.37
CA PHE A 612 -21.85 24.28 16.75
C PHE A 612 -22.81 25.44 17.02
N GLU A 613 -24.06 25.17 17.37
CA GLU A 613 -25.07 26.21 17.51
C GLU A 613 -25.58 26.38 18.93
N ASN A 614 -25.91 25.29 19.62
CA ASN A 614 -26.43 25.39 20.98
C ASN A 614 -25.37 25.83 21.99
N LYS A 615 -24.11 25.93 21.59
CA LYS A 615 -23.03 26.23 22.51
C LYS A 615 -23.05 25.23 23.67
N SER A 616 -23.17 23.96 23.29
CA SER A 616 -23.24 22.85 24.23
C SER A 616 -21.85 22.52 24.75
N GLU A 617 -21.70 21.32 25.31
CA GLU A 617 -20.48 20.90 26.01
C GLU A 617 -19.23 21.55 25.44
N THR A 618 -18.43 22.15 26.31
CA THR A 618 -17.26 22.93 25.92
C THR A 618 -15.99 22.28 26.45
N TRP A 619 -14.86 22.60 25.80
CA TRP A 619 -13.58 22.04 26.16
C TRP A 619 -12.68 23.09 26.80
N PRO A 620 -11.75 22.69 27.66
CA PRO A 620 -10.85 23.65 28.30
C PRO A 620 -9.74 24.06 27.35
N ILE A 621 -9.83 25.29 26.85
CA ILE A 621 -8.84 25.82 25.91
C ILE A 621 -8.49 27.23 26.38
N GLY A 622 -7.21 27.48 26.58
CA GLY A 622 -6.75 28.79 27.03
C GLY A 622 -6.65 28.86 28.54
N GLU A 623 -6.09 29.98 29.01
CA GLU A 623 -5.80 30.16 30.43
C GLU A 623 -5.85 31.64 30.75
N SER A 624 -6.84 32.05 31.51
CA SER A 624 -7.03 33.42 31.94
C SER A 624 -6.73 33.56 33.43
N PRO A 625 -6.61 34.78 33.93
CA PRO A 625 -6.35 34.96 35.37
C PRO A 625 -7.40 34.32 36.25
N LYS A 626 -8.64 34.24 35.79
CA LYS A 626 -9.70 33.60 36.55
C LYS A 626 -9.54 32.08 36.59
N GLY A 627 -8.64 31.51 35.80
CA GLY A 627 -8.42 30.09 35.70
C GLY A 627 -8.43 29.65 34.26
N VAL A 628 -8.72 28.38 34.04
CA VAL A 628 -8.85 27.85 32.68
C VAL A 628 -10.21 28.26 32.14
N GLU A 629 -10.22 28.78 30.91
CA GLU A 629 -11.44 29.23 30.25
C GLU A 629 -11.90 28.18 29.26
N GLU A 630 -13.16 27.77 29.38
CA GLU A 630 -13.73 26.83 28.44
C GLU A 630 -13.93 27.47 27.07
N GLY A 631 -13.98 26.65 26.05
CA GLY A 631 -14.25 27.12 24.71
C GLY A 631 -15.15 26.15 23.97
N SER A 632 -16.00 26.70 23.12
CA SER A 632 -16.91 25.88 22.33
C SER A 632 -16.14 25.12 21.26
N ILE A 633 -16.84 24.19 20.61
CA ILE A 633 -16.19 23.36 19.60
C ILE A 633 -15.63 24.23 18.48
N GLY A 634 -16.29 25.35 18.18
CA GLY A 634 -15.76 26.24 17.17
C GLY A 634 -14.38 26.75 17.53
N LYS A 635 -14.21 27.20 18.77
CA LYS A 635 -12.92 27.74 19.18
C LYS A 635 -11.87 26.64 19.25
N VAL A 636 -12.27 25.42 19.61
CA VAL A 636 -11.33 24.31 19.59
C VAL A 636 -10.84 24.04 18.18
N CYS A 637 -11.76 24.05 17.20
CA CYS A 637 -11.37 23.85 15.82
C CYS A 637 -10.41 24.95 15.37
N ARG A 638 -10.75 26.20 15.67
CA ARG A 638 -9.90 27.30 15.24
C ARG A 638 -8.53 27.25 15.92
N THR A 639 -8.49 26.90 17.21
CA THR A 639 -7.22 26.82 17.91
C THR A 639 -6.34 25.70 17.35
N LEU A 640 -6.92 24.53 17.08
CA LEU A 640 -6.13 23.46 16.49
C LEU A 640 -5.63 23.84 15.11
N LEU A 641 -6.47 24.50 14.31
CA LEU A 641 -6.02 24.96 13.00
C LEU A 641 -4.88 25.95 13.12
N ALA A 642 -4.97 26.88 14.07
CA ALA A 642 -3.90 27.84 14.27
C ALA A 642 -2.62 27.15 14.70
N LYS A 643 -2.73 26.14 15.57
CA LYS A 643 -1.55 25.39 15.99
C LYS A 643 -0.89 24.72 14.80
N SER A 644 -1.68 24.09 13.93
CA SER A 644 -1.10 23.46 12.75
C SER A 644 -0.45 24.47 11.83
N VAL A 645 -1.10 25.62 11.62
CA VAL A 645 -0.53 26.64 10.76
C VAL A 645 0.80 27.13 11.31
N PHE A 646 0.88 27.34 12.62
CA PHE A 646 2.13 27.81 13.19
C PHE A 646 3.20 26.72 13.19
N ASN A 647 2.82 25.46 13.32
CA ASN A 647 3.78 24.38 13.12
C ASN A 647 4.37 24.45 11.72
N SER A 648 3.52 24.73 10.73
CA SER A 648 4.02 24.82 9.36
C SER A 648 4.91 26.04 9.16
N LEU A 649 4.55 27.16 9.77
CA LEU A 649 5.29 28.40 9.57
C LEU A 649 6.62 28.43 10.29
N TYR A 650 6.67 27.93 11.53
CA TYR A 650 7.88 27.96 12.36
C TYR A 650 8.53 26.58 12.44
N ALA A 651 8.46 25.80 11.35
CA ALA A 651 9.05 24.48 11.36
C ALA A 651 10.56 24.57 11.54
N SER A 652 11.12 23.59 12.25
CA SER A 652 12.55 23.53 12.51
C SER A 652 12.85 22.23 13.24
N PRO A 653 14.11 21.80 13.26
CA PRO A 653 14.44 20.55 13.96
C PRO A 653 14.08 20.57 15.43
N GLN A 654 14.26 21.73 16.07
CA GLN A 654 13.94 21.83 17.49
C GLN A 654 12.50 21.44 17.75
N LEU A 655 11.59 21.87 16.86
CA LEU A 655 10.18 21.54 17.05
C LEU A 655 9.96 20.03 16.97
N GLU A 656 10.60 19.35 16.03
CA GLU A 656 10.41 17.91 15.92
C GLU A 656 10.90 17.22 17.18
N GLY A 657 12.13 17.54 17.61
CA GLY A 657 12.68 16.88 18.78
C GLY A 657 11.85 17.12 20.01
N PHE A 658 11.48 18.38 20.25
CA PHE A 658 10.66 18.70 21.41
C PHE A 658 9.31 17.99 21.34
N SER A 659 8.69 17.97 20.16
CA SER A 659 7.39 17.34 20.05
C SER A 659 7.45 15.88 20.46
N ALA A 660 8.46 15.14 19.97
CA ALA A 660 8.56 13.74 20.34
C ALA A 660 8.83 13.58 21.84
N GLU A 661 9.87 14.25 22.33
CA GLU A 661 10.29 14.05 23.71
C GLU A 661 9.25 14.55 24.70
N SER A 662 8.35 15.44 24.27
CA SER A 662 7.27 15.90 25.13
C SER A 662 6.02 15.07 25.00
N ARG A 663 5.77 14.46 23.84
CA ARG A 663 4.70 13.49 23.75
C ARG A 663 4.93 12.34 24.70
N LYS A 664 6.20 11.93 24.85
CA LYS A 664 6.49 10.87 25.82
C LYS A 664 6.02 11.26 27.22
N LEU A 665 6.43 12.44 27.68
CA LEU A 665 6.08 12.88 29.04
C LEU A 665 4.57 13.12 29.16
N LEU A 666 3.94 13.60 28.10
CA LEU A 666 2.51 13.81 28.12
C LEU A 666 1.77 12.49 28.30
N LEU A 667 2.22 11.44 27.62
CA LEU A 667 1.59 10.13 27.81
C LEU A 667 1.81 9.62 29.22
N ILE A 668 3.00 9.86 29.78
CA ILE A 668 3.24 9.44 31.17
C ILE A 668 2.27 10.15 32.10
N VAL A 669 2.10 11.47 31.92
CA VAL A 669 1.19 12.23 32.77
C VAL A 669 -0.24 11.74 32.62
N GLN A 670 -0.66 11.47 31.36
CA GLN A 670 -2.00 10.97 31.14
C GLN A 670 -2.20 9.63 31.83
N ALA A 671 -1.21 8.74 31.76
CA ALA A 671 -1.31 7.47 32.47
C ALA A 671 -1.45 7.70 33.96
N LEU A 672 -0.74 8.69 34.50
CA LEU A 672 -0.90 9.02 35.91
C LEU A 672 -2.32 9.47 36.20
N ARG A 673 -2.89 10.31 35.35
CA ARG A 673 -4.22 10.87 35.60
C ARG A 673 -5.33 9.84 35.42
N ASP A 674 -5.03 8.66 34.88
CA ASP A 674 -6.00 7.59 34.74
C ASP A 674 -5.87 6.55 35.83
N ASN A 675 -5.08 6.82 36.86
CA ASN A 675 -4.89 5.88 37.97
C ASN A 675 -4.35 4.54 37.47
N LEU A 676 -3.44 4.60 36.50
CA LEU A 676 -2.78 3.42 35.97
C LEU A 676 -1.44 3.12 36.65
N GLU A 677 -1.06 3.91 37.65
CA GLU A 677 0.16 3.65 38.40
C GLU A 677 1.36 3.65 37.46
N PRO A 678 1.71 4.77 36.84
CA PRO A 678 2.86 4.77 35.95
C PRO A 678 4.16 4.49 36.67
N GLY A 679 5.26 4.47 35.92
CA GLY A 679 6.57 4.22 36.48
C GLY A 679 7.63 4.45 35.43
N THR A 680 8.73 5.08 35.81
CA THR A 680 9.77 5.45 34.86
C THR A 680 11.10 4.91 35.34
N PHE A 681 11.94 4.53 34.38
CA PHE A 681 13.26 4.02 34.71
C PHE A 681 14.26 5.15 34.91
N ASP A 682 14.17 6.19 34.08
CA ASP A 682 15.05 7.36 34.18
C ASP A 682 14.27 8.57 33.68
N LEU A 683 13.62 9.29 34.60
CA LEU A 683 12.87 10.48 34.21
C LEU A 683 13.79 11.67 33.96
N GLY A 684 14.86 11.78 34.73
CA GLY A 684 15.79 12.88 34.54
C GLY A 684 16.37 12.89 33.14
N GLY A 685 16.66 11.73 32.59
CA GLY A 685 17.15 11.67 31.22
C GLY A 685 16.12 12.18 30.23
N LEU A 686 14.85 11.83 30.44
CA LEU A 686 13.81 12.35 29.56
C LEU A 686 13.72 13.87 29.64
N TYR A 687 13.78 14.42 30.85
CA TYR A 687 13.73 15.87 30.99
C TYR A 687 14.93 16.53 30.32
N GLU A 688 16.11 15.95 30.48
CA GLU A 688 17.30 16.53 29.85
C GLU A 688 17.19 16.48 28.34
N ALA A 689 16.63 15.39 27.80
CA ALA A 689 16.43 15.31 26.35
C ALA A 689 15.44 16.35 25.88
N ILE A 690 14.36 16.58 26.63
CA ILE A 690 13.38 17.58 26.25
C ILE A 690 14.01 18.97 26.28
N GLU A 691 14.76 19.27 27.33
CA GLU A 691 15.31 20.62 27.50
C GLU A 691 16.46 20.89 26.54
N GLU A 692 16.99 19.87 25.88
CA GLU A 692 18.04 20.09 24.88
C GLU A 692 17.50 20.64 23.58
N CYS A 693 16.20 20.45 23.31
CA CYS A 693 15.62 20.92 22.06
C CYS A 693 15.27 22.40 22.10
N LEU A 694 14.89 22.92 23.26
CA LEU A 694 14.56 24.33 23.39
C LEU A 694 15.85 25.13 23.33
N ILE A 695 16.11 25.79 22.20
CA ILE A 695 17.32 26.57 22.06
C ILE A 695 17.01 28.03 21.74
N ASN A 696 16.45 28.29 20.56
CA ASN A 696 16.17 29.66 20.16
C ASN A 696 14.90 29.84 19.34
N ASP A 697 14.14 28.79 19.08
CA ASP A 697 12.97 28.92 18.21
C ASP A 697 11.80 29.49 19.01
N PRO A 698 11.21 30.62 18.59
CA PRO A 698 10.09 31.17 19.40
C PRO A 698 8.95 30.19 19.57
N TRP A 699 8.60 29.45 18.53
CA TRP A 699 7.47 28.53 18.64
C TRP A 699 7.75 27.41 19.64
N VAL A 700 8.98 26.88 19.63
CA VAL A 700 9.31 25.81 20.56
C VAL A 700 9.28 26.33 21.99
N LEU A 701 9.79 27.54 22.23
CA LEU A 701 9.71 28.12 23.55
C LEU A 701 8.26 28.29 24.00
N LEU A 702 7.40 28.77 23.10
CA LEU A 702 6.00 28.93 23.46
C LEU A 702 5.35 27.60 23.79
N ASN A 703 5.68 26.56 23.02
CA ASN A 703 5.13 25.24 23.31
C ASN A 703 5.60 24.72 24.66
N ALA A 704 6.86 24.96 25.00
CA ALA A 704 7.35 24.55 26.31
C ALA A 704 6.63 25.30 27.42
N SER A 705 6.35 26.59 27.20
CA SER A 705 5.57 27.34 28.18
C SER A 705 4.18 26.76 28.35
N TRP A 706 3.53 26.41 27.24
CA TRP A 706 2.22 25.76 27.35
C TRP A 706 2.31 24.46 28.11
N PHE A 707 3.37 23.69 27.88
CA PHE A 707 3.50 22.40 28.56
C PHE A 707 3.67 22.61 30.06
N ASN A 708 4.46 23.60 30.46
CA ASN A 708 4.60 23.91 31.88
C ASN A 708 3.26 24.29 32.47
N SER A 709 2.49 25.12 31.77
CA SER A 709 1.16 25.49 32.28
C SER A 709 0.25 24.29 32.40
N PHE A 710 0.30 23.38 31.42
CA PHE A 710 -0.53 22.18 31.48
C PHE A 710 -0.14 21.31 32.67
N LEU A 711 1.17 21.14 32.91
CA LEU A 711 1.60 20.37 34.07
C LEU A 711 1.12 21.02 35.36
N THR A 712 1.19 22.35 35.44
CA THR A 712 0.67 23.04 36.61
C THR A 712 -0.82 22.73 36.80
N HIS A 713 -1.63 22.91 35.76
CA HIS A 713 -3.06 22.71 35.90
C HIS A 713 -3.40 21.24 36.08
N ALA A 714 -2.80 20.36 35.29
CA ALA A 714 -2.93 18.95 35.55
C ALA A 714 -2.26 18.59 36.87
N LEU A 715 -2.55 17.40 37.38
CA LEU A 715 -1.95 16.94 38.63
C LEU A 715 -2.29 17.88 39.78
N ARG A 716 -3.46 18.51 39.72
CA ARG A 716 -3.82 19.52 40.71
C ARG A 716 -5.28 19.93 40.52
N MET B 1 9.11 -9.83 -41.34
CA MET B 1 10.24 -9.77 -42.31
C MET B 1 11.19 -8.64 -41.96
N GLU B 2 10.63 -7.44 -41.75
CA GLU B 2 11.47 -6.29 -41.43
C GLU B 2 12.26 -6.47 -40.15
N ARG B 3 11.85 -7.40 -39.28
CA ARG B 3 12.61 -7.64 -38.06
C ARG B 3 14.04 -7.99 -38.37
N ILE B 4 14.26 -8.92 -39.30
CA ILE B 4 15.61 -9.37 -39.60
C ILE B 4 16.39 -8.28 -40.32
N LYS B 5 15.71 -7.48 -41.15
CA LYS B 5 16.39 -6.35 -41.78
C LYS B 5 16.91 -5.37 -40.74
N GLU B 6 16.06 -5.05 -39.75
CA GLU B 6 16.50 -4.14 -38.69
C GLU B 6 17.62 -4.75 -37.87
N LEU B 7 17.55 -6.07 -37.61
CA LEU B 7 18.63 -6.72 -36.88
C LEU B 7 19.95 -6.63 -37.64
N ARG B 8 19.90 -6.86 -38.95
CA ARG B 8 21.10 -6.75 -39.78
C ARG B 8 21.67 -5.34 -39.73
N ASP B 9 20.80 -4.34 -39.91
CA ASP B 9 21.27 -2.96 -39.87
C ASP B 9 21.89 -2.63 -38.52
N LEU B 10 21.31 -3.16 -37.44
CA LEU B 10 21.80 -2.87 -36.09
C LEU B 10 23.16 -3.52 -35.86
N MET B 11 23.30 -4.79 -36.25
CA MET B 11 24.57 -5.48 -36.05
C MET B 11 25.66 -5.01 -37.00
N SER B 12 25.29 -4.30 -38.08
CA SER B 12 26.30 -3.82 -39.01
C SER B 12 27.37 -2.99 -38.30
N GLN B 13 27.00 -2.24 -37.27
CA GLN B 13 27.94 -1.41 -36.55
C GLN B 13 28.69 -2.21 -35.50
N SER B 14 29.78 -1.64 -35.00
CA SER B 14 30.70 -2.38 -34.13
C SER B 14 30.17 -2.48 -32.71
N ARG B 15 29.82 -1.34 -32.10
CA ARG B 15 29.37 -1.36 -30.71
C ARG B 15 28.07 -2.14 -30.57
N THR B 16 27.13 -1.92 -31.50
CA THR B 16 25.88 -2.66 -31.46
C THR B 16 26.12 -4.15 -31.61
N ARG B 17 27.02 -4.54 -32.52
CA ARG B 17 27.34 -5.96 -32.66
C ARG B 17 27.93 -6.51 -31.37
N GLU B 18 28.81 -5.74 -30.73
CA GLU B 18 29.46 -6.23 -29.52
C GLU B 18 28.42 -6.46 -28.42
N ILE B 19 27.53 -5.49 -28.22
CA ILE B 19 26.50 -5.64 -27.19
C ILE B 19 25.57 -6.80 -27.55
N LEU B 20 25.24 -6.93 -28.83
CA LEU B 20 24.35 -8.01 -29.27
C LEU B 20 24.97 -9.38 -29.01
N THR B 21 26.27 -9.52 -29.27
CA THR B 21 26.90 -10.84 -29.20
C THR B 21 27.28 -11.19 -27.78
N LYS B 22 27.91 -10.26 -27.05
CA LYS B 22 28.37 -10.57 -25.69
C LYS B 22 27.22 -10.89 -24.77
N THR B 23 26.19 -10.04 -24.75
CA THR B 23 25.09 -10.20 -23.80
C THR B 23 24.26 -11.43 -24.13
N THR B 24 23.86 -12.16 -23.10
CA THR B 24 23.01 -13.33 -23.24
C THR B 24 21.56 -12.94 -22.94
N VAL B 25 20.66 -13.91 -23.10
CA VAL B 25 19.24 -13.63 -22.91
C VAL B 25 18.95 -13.29 -21.46
N ASP B 26 19.67 -13.91 -20.52
CA ASP B 26 19.40 -13.66 -19.11
C ASP B 26 19.68 -12.22 -18.72
N HIS B 27 20.75 -11.64 -19.26
CA HIS B 27 21.13 -10.27 -18.92
C HIS B 27 20.22 -9.24 -19.56
N MET B 28 19.15 -9.67 -20.23
CA MET B 28 18.27 -8.71 -20.88
C MET B 28 17.60 -7.80 -19.86
N ALA B 29 17.20 -8.35 -18.71
CA ALA B 29 16.58 -7.51 -17.69
C ALA B 29 17.54 -6.44 -17.19
N ILE B 30 18.79 -6.83 -16.92
CA ILE B 30 19.78 -5.87 -16.44
C ILE B 30 20.01 -4.80 -17.48
N ILE B 31 20.14 -5.20 -18.75
CA ILE B 31 20.40 -4.23 -19.80
C ILE B 31 19.20 -3.30 -19.99
N LYS B 32 17.99 -3.83 -19.87
CA LYS B 32 16.80 -3.01 -19.98
C LYS B 32 16.76 -1.97 -18.88
N LYS B 33 17.05 -2.37 -17.64
CA LYS B 33 17.01 -1.44 -16.52
C LYS B 33 18.30 -0.62 -16.38
N TYR B 34 19.30 -0.88 -17.20
CA TYR B 34 20.53 -0.08 -17.18
C TYR B 34 20.20 1.37 -17.46
N THR B 35 20.36 2.24 -16.47
CA THR B 35 20.11 3.66 -16.66
C THR B 35 20.91 4.44 -15.63
N SER B 36 21.32 5.64 -16.01
CA SER B 36 22.08 6.50 -15.11
C SER B 36 21.18 7.35 -14.21
N GLY B 37 20.02 7.76 -14.72
CA GLY B 37 19.10 8.54 -13.92
C GLY B 37 18.52 7.73 -12.77
N ARG B 38 18.78 8.18 -11.54
CA ARG B 38 18.31 7.47 -10.37
C ARG B 38 16.86 7.84 -10.06
N GLN B 39 16.25 7.05 -9.18
CA GLN B 39 14.86 7.27 -8.81
C GLN B 39 14.73 8.54 -7.99
N GLU B 40 13.53 9.12 -8.02
CA GLU B 40 13.25 10.34 -7.27
C GLU B 40 13.04 9.98 -5.81
N LYS B 41 13.78 10.64 -4.92
CA LYS B 41 13.56 10.46 -3.49
C LYS B 41 12.33 11.21 -3.01
N ASN B 42 12.05 12.37 -3.62
CA ASN B 42 10.89 13.20 -3.27
C ASN B 42 10.14 13.51 -4.56
N PRO B 43 9.33 12.57 -5.04
CA PRO B 43 8.65 12.81 -6.33
C PRO B 43 7.80 14.07 -6.33
N ALA B 44 7.14 14.38 -5.20
CA ALA B 44 6.26 15.54 -5.18
C ALA B 44 7.03 16.83 -5.43
N LEU B 45 8.17 17.01 -4.77
CA LEU B 45 8.96 18.22 -4.95
C LEU B 45 9.41 18.34 -6.41
N ARG B 46 9.90 17.24 -6.98
CA ARG B 46 10.39 17.30 -8.35
C ARG B 46 9.25 17.63 -9.31
N MET B 47 8.08 17.04 -9.09
CA MET B 47 6.96 17.33 -9.98
C MET B 47 6.54 18.79 -9.87
N LYS B 48 6.42 19.30 -8.64
CA LYS B 48 6.02 20.69 -8.47
C LYS B 48 7.03 21.63 -9.08
N TRP B 49 8.32 21.30 -9.01
CA TRP B 49 9.37 22.14 -9.55
C TRP B 49 9.58 21.96 -11.04
N MET B 50 9.05 20.89 -11.64
CA MET B 50 9.28 20.60 -13.04
C MET B 50 8.23 21.23 -13.95
N MET B 51 6.98 21.27 -13.51
CA MET B 51 5.93 21.87 -14.32
C MET B 51 6.12 23.36 -14.52
N ALA B 52 7.01 23.99 -13.75
CA ALA B 52 7.31 25.40 -13.96
C ALA B 52 8.17 25.61 -15.21
N MET B 53 8.96 24.61 -15.59
CA MET B 53 9.84 24.73 -16.74
C MET B 53 9.05 24.53 -18.03
N LYS B 54 9.69 24.88 -19.15
CA LYS B 54 9.14 24.59 -20.46
C LYS B 54 9.61 23.21 -20.90
N TYR B 55 8.69 22.44 -21.48
CA TYR B 55 8.99 21.09 -21.91
C TYR B 55 9.33 20.20 -20.73
N PRO B 56 8.43 20.05 -19.76
CA PRO B 56 8.63 19.07 -18.67
C PRO B 56 8.16 17.67 -18.97
N ILE B 57 7.86 17.34 -20.22
CA ILE B 57 7.38 16.02 -20.60
C ILE B 57 8.24 15.51 -21.75
N THR B 58 8.37 14.19 -21.84
CA THR B 58 9.12 13.53 -22.91
C THR B 58 8.18 12.66 -23.71
N ALA B 59 8.28 12.77 -25.04
CA ALA B 59 7.40 12.02 -25.94
C ALA B 59 8.23 11.42 -27.06
N ASP B 60 7.69 10.38 -27.67
CA ASP B 60 8.38 9.67 -28.74
C ASP B 60 8.71 10.62 -29.88
N LYS B 61 9.63 10.17 -30.74
CA LYS B 61 10.03 10.98 -31.89
C LYS B 61 8.86 11.31 -32.82
N ARG B 62 7.83 10.46 -32.84
CA ARG B 62 6.73 10.66 -33.78
C ARG B 62 6.01 11.99 -33.54
N ILE B 63 6.14 12.58 -32.35
CA ILE B 63 5.59 13.90 -32.12
C ILE B 63 6.10 14.88 -33.17
N MET B 64 7.34 14.69 -33.62
CA MET B 64 7.94 15.64 -34.55
C MET B 64 7.06 15.83 -35.77
N GLU B 65 6.42 14.75 -36.24
CA GLU B 65 5.61 14.80 -37.45
C GLU B 65 4.12 14.73 -37.18
N MET B 66 3.70 14.35 -35.97
CA MET B 66 2.28 14.21 -35.65
C MET B 66 1.67 15.47 -35.06
N ILE B 67 2.48 16.37 -34.51
CA ILE B 67 1.98 17.58 -33.86
C ILE B 67 2.79 18.77 -34.34
N PRO B 68 2.14 19.87 -34.74
CA PRO B 68 2.91 21.01 -35.27
C PRO B 68 3.90 21.55 -34.26
N GLU B 69 4.81 22.39 -34.76
CA GLU B 69 5.79 23.03 -33.89
C GLU B 69 5.11 23.92 -32.87
N ARG B 70 4.10 24.67 -33.30
CA ARG B 70 3.41 25.62 -32.43
C ARG B 70 1.93 25.62 -32.76
N ASN B 71 1.12 25.91 -31.76
CA ASN B 71 -0.33 25.95 -31.92
C ASN B 71 -0.72 27.27 -32.57
N GLU B 72 -2.02 27.59 -32.55
CA GLU B 72 -2.50 28.81 -33.20
C GLU B 72 -1.78 30.04 -32.69
N GLN B 73 -1.70 30.19 -31.36
CA GLN B 73 -1.09 31.40 -30.80
C GLN B 73 0.40 31.45 -31.10
N GLY B 74 1.09 30.32 -30.99
CA GLY B 74 2.52 30.29 -31.25
C GLY B 74 3.32 29.77 -30.08
N GLN B 75 2.65 29.04 -29.19
CA GLN B 75 3.34 28.43 -28.04
C GLN B 75 3.95 27.10 -28.46
N THR B 76 5.25 26.96 -28.28
CA THR B 76 5.95 25.74 -28.71
C THR B 76 5.34 24.52 -28.03
N LEU B 77 5.06 23.49 -28.83
CA LEU B 77 4.51 22.25 -28.32
C LEU B 77 5.57 21.17 -28.13
N TRP B 78 6.66 21.22 -28.90
CA TRP B 78 7.76 20.29 -28.74
C TRP B 78 9.05 20.94 -29.20
N SER B 79 10.16 20.42 -28.69
CA SER B 79 11.48 20.93 -28.99
C SER B 79 12.37 19.81 -29.49
N LYS B 80 13.21 20.11 -30.49
CA LYS B 80 14.04 19.07 -31.09
C LYS B 80 15.08 18.56 -30.12
N THR B 81 15.33 19.26 -29.01
CA THR B 81 16.30 18.78 -28.03
C THR B 81 15.91 17.40 -27.53
N ASN B 82 16.89 16.50 -27.50
CA ASN B 82 16.62 15.12 -27.13
C ASN B 82 16.68 14.95 -25.61
N ASP B 83 16.11 13.84 -25.14
CA ASP B 83 16.14 13.53 -23.73
C ASP B 83 17.57 13.17 -23.32
N ALA B 84 17.77 12.88 -22.04
CA ALA B 84 19.10 12.56 -21.52
C ALA B 84 19.66 11.31 -22.19
N GLY B 85 19.02 10.16 -21.97
CA GLY B 85 19.55 8.90 -22.44
C GLY B 85 18.59 8.13 -23.31
N SER B 86 17.87 8.82 -24.19
CA SER B 86 16.94 8.17 -25.08
C SER B 86 16.67 9.09 -26.26
N ASP B 87 16.09 8.52 -27.30
CA ASP B 87 15.73 9.29 -28.50
C ASP B 87 14.46 10.12 -28.31
N ARG B 88 13.77 9.95 -27.19
CA ARG B 88 12.55 10.70 -26.95
C ARG B 88 12.84 12.20 -26.89
N VAL B 89 11.96 12.99 -27.50
CA VAL B 89 12.12 14.42 -27.55
C VAL B 89 11.27 15.05 -26.45
N MET B 90 11.54 16.31 -26.16
CA MET B 90 10.94 17.00 -25.03
C MET B 90 9.75 17.83 -25.51
N VAL B 91 8.61 17.68 -24.83
CA VAL B 91 7.39 18.39 -25.17
C VAL B 91 6.78 18.95 -23.89
N SER B 92 5.87 19.90 -24.06
CA SER B 92 5.19 20.56 -22.96
C SER B 92 3.74 20.08 -22.88
N PRO B 93 3.09 20.22 -21.72
CA PRO B 93 1.71 19.72 -21.60
C PRO B 93 0.77 20.32 -22.61
N LEU B 94 1.07 21.53 -23.09
CA LEU B 94 0.35 22.05 -24.25
C LEU B 94 0.25 20.98 -25.33
N ALA B 95 1.29 20.16 -25.49
CA ALA B 95 1.24 19.09 -26.48
C ALA B 95 0.16 18.09 -26.14
N VAL B 96 0.03 17.71 -24.86
CA VAL B 96 -0.96 16.71 -24.48
C VAL B 96 -2.37 17.24 -24.74
N THR B 97 -2.63 18.47 -24.30
CA THR B 97 -3.97 19.02 -24.52
C THR B 97 -4.24 19.28 -26.00
N TRP B 98 -3.20 19.64 -26.76
CA TRP B 98 -3.36 19.77 -28.21
C TRP B 98 -3.74 18.44 -28.83
N TRP B 99 -3.12 17.36 -28.39
CA TRP B 99 -3.54 16.04 -28.86
C TRP B 99 -4.98 15.76 -28.50
N ASN B 100 -5.38 16.10 -27.28
CA ASN B 100 -6.72 15.78 -26.83
C ASN B 100 -7.77 16.55 -27.62
N ARG B 101 -7.46 17.78 -28.02
CA ARG B 101 -8.46 18.59 -28.73
C ARG B 101 -8.33 18.52 -30.25
N ASN B 102 -7.22 18.03 -30.78
CA ASN B 102 -7.03 17.98 -32.23
C ASN B 102 -6.38 16.69 -32.73
N GLY B 103 -6.02 15.76 -31.84
CA GLY B 103 -5.29 14.60 -32.25
C GLY B 103 -6.14 13.62 -33.04
N PRO B 104 -5.50 12.66 -33.71
CA PRO B 104 -6.26 11.70 -34.51
C PRO B 104 -7.26 10.94 -33.66
N THR B 105 -8.45 10.74 -34.21
CA THR B 105 -9.51 10.04 -33.50
C THR B 105 -9.28 8.53 -33.59
N THR B 106 -10.25 7.77 -33.09
CA THR B 106 -10.17 6.32 -33.05
C THR B 106 -11.48 5.79 -32.49
N SER B 107 -11.75 4.52 -32.76
CA SER B 107 -12.91 3.84 -32.19
C SER B 107 -12.47 3.15 -30.90
N ALA B 108 -12.97 3.65 -29.77
CA ALA B 108 -12.65 3.10 -28.46
C ALA B 108 -13.70 2.10 -27.98
N VAL B 109 -14.39 1.44 -28.90
CA VAL B 109 -15.48 0.54 -28.54
C VAL B 109 -14.98 -0.65 -27.74
N HIS B 110 -13.70 -1.00 -27.88
CA HIS B 110 -13.15 -2.14 -27.15
C HIS B 110 -12.56 -1.75 -25.79
N TYR B 111 -12.54 -0.46 -25.45
CA TYR B 111 -11.99 -0.06 -24.17
C TYR B 111 -12.75 -0.65 -22.99
N PRO B 112 -14.07 -0.67 -22.96
CA PRO B 112 -14.77 -1.32 -21.84
C PRO B 112 -14.37 -2.78 -21.65
N LYS B 113 -14.10 -3.49 -22.74
CA LYS B 113 -13.71 -4.89 -22.62
C LYS B 113 -12.36 -5.03 -21.93
N ILE B 114 -11.37 -4.26 -22.38
CA ILE B 114 -10.02 -4.40 -21.82
C ILE B 114 -10.04 -4.08 -20.33
N TYR B 115 -10.69 -2.99 -19.95
CA TYR B 115 -10.87 -2.63 -18.54
C TYR B 115 -12.26 -3.04 -18.05
N LYS B 116 -12.53 -4.34 -18.06
CA LYS B 116 -13.86 -4.81 -17.73
C LYS B 116 -14.13 -4.78 -16.23
N THR B 117 -13.09 -4.92 -15.41
CA THR B 117 -13.31 -4.92 -13.96
C THR B 117 -13.81 -3.55 -13.49
N TYR B 118 -13.19 -2.47 -13.98
CA TYR B 118 -13.57 -1.14 -13.51
C TYR B 118 -14.97 -0.77 -13.98
N PHE B 119 -15.31 -1.11 -15.21
CA PHE B 119 -16.64 -0.82 -15.70
C PHE B 119 -17.69 -1.69 -15.02
N GLU B 120 -17.34 -2.93 -14.67
CA GLU B 120 -18.24 -3.73 -13.85
C GLU B 120 -18.44 -3.10 -12.48
N LYS B 121 -17.38 -2.51 -11.92
CA LYS B 121 -17.49 -1.81 -10.65
C LYS B 121 -18.46 -0.64 -10.76
N VAL B 122 -18.32 0.16 -11.82
CA VAL B 122 -19.24 1.28 -12.03
C VAL B 122 -20.66 0.77 -12.22
N GLU B 123 -20.81 -0.34 -12.94
CA GLU B 123 -22.14 -0.91 -13.14
C GLU B 123 -22.77 -1.30 -11.82
N ARG B 124 -21.99 -1.93 -10.93
CA ARG B 124 -22.52 -2.26 -9.61
C ARG B 124 -22.92 -1.01 -8.84
N LEU B 125 -22.07 0.02 -8.86
CA LEU B 125 -22.36 1.22 -8.08
C LEU B 125 -23.61 1.93 -8.62
N LYS B 126 -23.77 1.96 -9.94
CA LYS B 126 -24.88 2.70 -10.53
C LYS B 126 -26.23 2.08 -10.15
N HIS B 127 -26.28 0.76 -10.08
CA HIS B 127 -27.51 0.04 -9.78
C HIS B 127 -27.69 -0.26 -8.30
N GLY B 128 -26.79 0.25 -7.44
CA GLY B 128 -26.93 0.01 -6.03
C GLY B 128 -27.99 0.88 -5.39
N THR B 129 -28.56 0.37 -4.30
CA THR B 129 -29.62 1.04 -3.57
C THR B 129 -29.17 1.28 -2.15
N PHE B 130 -29.44 2.47 -1.62
CA PHE B 130 -29.05 2.85 -0.27
C PHE B 130 -30.24 2.75 0.68
N GLY B 131 -29.95 2.96 1.96
CA GLY B 131 -30.97 2.91 2.99
C GLY B 131 -30.69 3.93 4.08
N PRO B 132 -31.37 3.80 5.21
CA PRO B 132 -31.15 4.75 6.30
C PRO B 132 -29.77 4.60 6.91
N VAL B 133 -29.27 5.70 7.47
CA VAL B 133 -27.97 5.73 8.15
C VAL B 133 -28.20 5.62 9.64
N HIS B 134 -27.49 4.71 10.29
CA HIS B 134 -27.65 4.42 11.71
C HIS B 134 -26.40 4.84 12.46
N PHE B 135 -26.58 5.61 13.54
CA PHE B 135 -25.50 6.00 14.42
C PHE B 135 -25.42 4.98 15.55
N ARG B 136 -24.34 4.21 15.59
CA ARG B 136 -24.20 3.17 16.60
C ARG B 136 -22.76 2.66 16.57
N ASN B 137 -22.28 2.28 17.75
CA ASN B 137 -20.89 1.85 17.88
C ASN B 137 -20.60 0.67 16.96
N GLN B 138 -19.44 0.73 16.30
CA GLN B 138 -19.00 -0.31 15.39
C GLN B 138 -17.81 -1.04 16.00
N VAL B 139 -17.90 -2.36 16.09
CA VAL B 139 -16.82 -3.20 16.63
C VAL B 139 -15.93 -3.56 15.45
N LYS B 140 -15.00 -2.65 15.13
CA LYS B 140 -14.15 -2.79 13.94
C LYS B 140 -13.07 -3.83 14.23
N ILE B 141 -13.41 -5.10 14.03
CA ILE B 141 -12.43 -6.17 14.14
C ILE B 141 -11.60 -6.22 12.87
N ARG B 142 -10.34 -6.63 13.00
CA ARG B 142 -9.42 -6.69 11.87
C ARG B 142 -9.27 -8.14 11.43
N ARG B 143 -9.53 -8.39 10.15
CA ARG B 143 -9.38 -9.73 9.59
C ARG B 143 -9.01 -9.59 8.12
N ARG B 144 -8.56 -10.71 7.54
CA ARG B 144 -8.18 -10.76 6.14
C ARG B 144 -9.41 -11.00 5.27
N VAL B 145 -9.51 -10.25 4.18
CA VAL B 145 -10.66 -10.31 3.28
C VAL B 145 -10.15 -10.37 1.85
N ASP B 146 -11.09 -10.43 0.90
CA ASP B 146 -10.78 -10.45 -0.52
C ASP B 146 -11.23 -9.14 -1.14
N ILE B 147 -10.31 -8.45 -1.81
CA ILE B 147 -10.62 -7.17 -2.42
C ILE B 147 -10.99 -7.29 -3.90
N ASN B 148 -10.70 -8.43 -4.52
CA ASN B 148 -11.04 -8.60 -5.93
C ASN B 148 -12.47 -9.10 -6.06
N PRO B 149 -13.39 -8.31 -6.63
CA PRO B 149 -14.79 -8.75 -6.67
C PRO B 149 -15.00 -10.07 -7.42
N GLY B 150 -14.24 -10.30 -8.49
CA GLY B 150 -14.47 -11.44 -9.34
C GLY B 150 -13.27 -12.36 -9.48
N HIS B 151 -12.55 -12.58 -8.39
CA HIS B 151 -11.40 -13.47 -8.43
C HIS B 151 -11.80 -14.83 -8.99
N ALA B 152 -10.95 -15.38 -9.86
CA ALA B 152 -11.24 -16.63 -10.53
C ALA B 152 -10.67 -17.85 -9.82
N ASP B 153 -10.32 -17.71 -8.54
CA ASP B 153 -9.85 -18.84 -7.74
C ASP B 153 -8.58 -19.45 -8.35
N LEU B 154 -7.54 -18.63 -8.43
CA LEU B 154 -6.27 -19.07 -8.97
C LEU B 154 -5.15 -18.40 -8.20
N SER B 155 -4.04 -19.12 -8.00
CA SER B 155 -2.88 -18.53 -7.39
C SER B 155 -2.18 -17.59 -8.37
N ALA B 156 -1.27 -16.76 -7.84
CA ALA B 156 -0.59 -15.80 -8.69
C ALA B 156 0.21 -16.49 -9.78
N LYS B 157 0.94 -17.56 -9.41
CA LYS B 157 1.73 -18.28 -10.41
C LYS B 157 0.84 -18.99 -11.42
N GLU B 158 -0.22 -19.63 -10.93
CA GLU B 158 -1.15 -20.31 -11.83
C GLU B 158 -1.83 -19.30 -12.75
N ALA B 159 -2.21 -18.15 -12.22
CA ALA B 159 -2.81 -17.11 -13.05
C ALA B 159 -1.82 -16.63 -14.11
N GLN B 160 -0.56 -16.44 -13.72
CA GLN B 160 0.45 -16.02 -14.69
C GLN B 160 0.59 -17.06 -15.80
N ASP B 161 0.60 -18.35 -15.44
CA ASP B 161 0.69 -19.40 -16.45
C ASP B 161 -0.51 -19.35 -17.39
N VAL B 162 -1.71 -19.17 -16.83
CA VAL B 162 -2.90 -19.10 -17.67
C VAL B 162 -2.82 -17.90 -18.62
N ILE B 163 -2.39 -16.75 -18.11
CA ILE B 163 -2.28 -15.57 -18.96
C ILE B 163 -1.29 -15.82 -20.10
N MET B 164 -0.13 -16.40 -19.76
CA MET B 164 0.88 -16.64 -20.78
C MET B 164 0.38 -17.61 -21.84
N GLU B 165 -0.34 -18.66 -21.42
CA GLU B 165 -0.88 -19.58 -22.41
C GLU B 165 -1.95 -18.93 -23.27
N VAL B 166 -2.80 -18.08 -22.68
CA VAL B 166 -3.88 -17.49 -23.45
C VAL B 166 -3.35 -16.46 -24.45
N VAL B 167 -2.42 -15.62 -24.03
CA VAL B 167 -2.01 -14.47 -24.84
C VAL B 167 -0.73 -14.78 -25.60
N PHE B 168 0.11 -15.66 -25.05
CA PHE B 168 1.40 -16.01 -25.65
C PHE B 168 1.47 -17.52 -25.78
N PRO B 169 0.77 -18.10 -26.74
CA PRO B 169 0.73 -19.58 -26.83
C PRO B 169 2.09 -20.21 -26.99
N ASN B 170 2.99 -19.59 -27.77
CA ASN B 170 4.28 -20.20 -28.05
C ASN B 170 5.25 -20.07 -26.88
N GLU B 171 5.13 -19.00 -26.09
CA GLU B 171 6.07 -18.72 -25.01
C GLU B 171 5.70 -19.44 -23.71
N VAL B 172 4.67 -20.27 -23.72
CA VAL B 172 4.23 -20.93 -22.48
C VAL B 172 5.37 -21.72 -21.85
N GLY B 173 6.27 -22.27 -22.65
CA GLY B 173 7.37 -23.02 -22.09
C GLY B 173 6.97 -24.44 -21.72
N ALA B 174 7.70 -25.01 -20.76
CA ALA B 174 7.49 -26.39 -20.36
C ALA B 174 6.16 -26.58 -19.62
N ARG B 175 5.59 -25.53 -19.06
CA ARG B 175 4.39 -25.66 -18.25
C ARG B 175 3.22 -26.20 -19.08
N ILE B 176 2.49 -27.13 -18.49
CA ILE B 176 1.27 -27.67 -19.09
C ILE B 176 0.18 -27.64 -18.03
N LEU B 177 -0.99 -27.12 -18.39
CA LEU B 177 -2.08 -27.00 -17.45
C LEU B 177 -2.57 -28.38 -17.01
N THR B 178 -3.02 -28.46 -15.76
CA THR B 178 -3.43 -29.73 -15.17
C THR B 178 -4.91 -29.74 -14.79
N SER B 179 -5.37 -28.76 -14.03
CA SER B 179 -6.76 -28.78 -13.57
C SER B 179 -7.72 -28.55 -14.72
N GLU B 180 -8.80 -29.33 -14.75
CA GLU B 180 -9.80 -29.17 -15.80
C GLU B 180 -10.45 -27.80 -15.74
N SER B 181 -10.57 -27.21 -14.56
CA SER B 181 -11.13 -25.87 -14.45
C SER B 181 -10.26 -24.86 -15.18
N GLN B 182 -8.95 -25.00 -15.06
CA GLN B 182 -8.04 -24.13 -15.80
C GLN B 182 -8.27 -24.26 -17.29
N LEU B 183 -8.41 -25.49 -17.78
CA LEU B 183 -8.65 -25.70 -19.21
C LEU B 183 -9.97 -25.08 -19.64
N THR B 184 -11.01 -25.22 -18.82
CA THR B 184 -12.31 -24.66 -19.17
C THR B 184 -12.25 -23.14 -19.26
N ILE B 185 -11.64 -22.50 -18.26
CA ILE B 185 -11.55 -21.04 -18.30
C ILE B 185 -10.65 -20.59 -19.43
N THR B 186 -9.59 -21.36 -19.72
CA THR B 186 -8.73 -21.02 -20.85
C THR B 186 -9.49 -21.07 -22.16
N LYS B 187 -10.30 -22.10 -22.36
CA LYS B 187 -11.12 -22.18 -23.56
C LYS B 187 -12.12 -21.04 -23.62
N GLU B 188 -12.77 -20.74 -22.49
CA GLU B 188 -13.73 -19.64 -22.47
C GLU B 188 -13.08 -18.33 -22.89
N LYS B 189 -11.89 -18.06 -22.36
CA LYS B 189 -11.19 -16.83 -22.73
C LYS B 189 -10.74 -16.87 -24.18
N LYS B 190 -10.26 -18.01 -24.65
CA LYS B 190 -9.73 -18.10 -26.02
C LYS B 190 -10.84 -17.91 -27.04
N GLU B 191 -12.03 -18.42 -26.77
CA GLU B 191 -13.14 -18.26 -27.71
C GLU B 191 -13.49 -16.80 -27.90
N GLU B 192 -13.49 -16.03 -26.82
CA GLU B 192 -13.92 -14.63 -26.87
C GLU B 192 -12.82 -13.70 -27.36
N LEU B 193 -11.61 -14.18 -27.55
CA LEU B 193 -10.50 -13.37 -28.05
C LEU B 193 -9.95 -13.93 -29.37
N GLN B 194 -10.79 -14.65 -30.11
CA GLN B 194 -10.35 -15.21 -31.38
C GLN B 194 -9.86 -14.13 -32.33
N ASP B 195 -10.34 -12.89 -32.17
CA ASP B 195 -9.87 -11.78 -33.00
C ASP B 195 -9.99 -10.50 -32.18
N CYS B 196 -8.86 -10.09 -31.58
CA CYS B 196 -8.81 -8.86 -30.81
C CYS B 196 -7.60 -8.06 -31.29
N LYS B 197 -7.82 -6.80 -31.64
CA LYS B 197 -6.79 -5.99 -32.26
C LYS B 197 -5.90 -5.27 -31.26
N ILE B 198 -6.26 -5.24 -29.97
CA ILE B 198 -5.43 -4.58 -28.98
C ILE B 198 -4.15 -5.39 -28.75
N SER B 199 -3.13 -4.72 -28.23
CA SER B 199 -1.84 -5.34 -28.05
C SER B 199 -1.94 -6.54 -27.10
N PRO B 200 -1.12 -7.58 -27.31
CA PRO B 200 -1.15 -8.71 -26.38
C PRO B 200 -0.82 -8.34 -24.95
N LEU B 201 0.07 -7.36 -24.73
CA LEU B 201 0.46 -7.02 -23.37
C LEU B 201 -0.74 -6.49 -22.58
N MET B 202 -1.57 -5.66 -23.20
CA MET B 202 -2.72 -5.14 -22.48
C MET B 202 -3.70 -6.26 -22.13
N VAL B 203 -3.93 -7.19 -23.06
CA VAL B 203 -4.80 -8.32 -22.76
C VAL B 203 -4.25 -9.13 -21.60
N ALA B 204 -2.93 -9.36 -21.61
CA ALA B 204 -2.33 -10.14 -20.53
C ALA B 204 -2.49 -9.43 -19.19
N TYR B 205 -2.26 -8.11 -19.16
CA TYR B 205 -2.41 -7.37 -17.92
C TYR B 205 -3.86 -7.40 -17.44
N MET B 206 -4.82 -7.28 -18.36
CA MET B 206 -6.23 -7.33 -17.97
C MET B 206 -6.58 -8.68 -17.38
N LEU B 207 -6.14 -9.76 -18.02
CA LEU B 207 -6.46 -11.08 -17.51
C LEU B 207 -5.82 -11.29 -16.15
N GLU B 208 -4.59 -10.80 -15.97
CA GLU B 208 -3.93 -10.91 -14.67
C GLU B 208 -4.70 -10.16 -13.60
N ARG B 209 -5.21 -8.96 -13.93
CA ARG B 209 -5.92 -8.19 -12.91
C ARG B 209 -7.26 -8.83 -12.57
N GLU B 210 -7.94 -9.39 -13.56
CA GLU B 210 -9.29 -9.92 -13.34
C GLU B 210 -9.31 -11.41 -13.07
N LEU B 211 -8.15 -12.04 -12.90
CA LEU B 211 -8.09 -13.45 -12.50
C LEU B 211 -7.42 -13.63 -11.15
N VAL B 212 -6.25 -13.03 -10.94
CA VAL B 212 -5.55 -13.19 -9.66
C VAL B 212 -6.43 -12.66 -8.53
N ARG B 213 -6.45 -13.40 -7.42
CA ARG B 213 -7.20 -13.00 -6.24
C ARG B 213 -6.29 -12.19 -5.32
N LYS B 214 -6.82 -11.10 -4.80
CA LYS B 214 -6.08 -10.21 -3.91
C LYS B 214 -6.72 -10.25 -2.53
N THR B 215 -5.88 -10.22 -1.49
CA THR B 215 -6.34 -10.19 -0.12
C THR B 215 -5.58 -9.13 0.65
N ARG B 216 -6.30 -8.38 1.48
CA ARG B 216 -5.72 -7.32 2.29
C ARG B 216 -6.31 -7.39 3.69
N PHE B 217 -5.56 -6.87 4.65
CA PHE B 217 -5.97 -6.84 6.05
C PHE B 217 -6.72 -5.53 6.29
N LEU B 218 -8.00 -5.64 6.62
CA LEU B 218 -8.85 -4.47 6.79
C LEU B 218 -9.61 -4.56 8.10
N PRO B 219 -9.96 -3.42 8.70
CA PRO B 219 -10.87 -3.42 9.87
C PRO B 219 -12.33 -3.41 9.44
N VAL B 220 -12.82 -4.57 9.05
CA VAL B 220 -14.19 -4.73 8.60
C VAL B 220 -15.04 -5.19 9.76
N ALA B 221 -16.31 -4.79 9.73
CA ALA B 221 -17.29 -5.26 10.72
C ALA B 221 -18.64 -5.33 10.01
N GLY B 222 -18.99 -6.52 9.55
CA GLY B 222 -20.21 -6.71 8.78
C GLY B 222 -19.95 -6.72 7.29
N GLY B 223 -20.13 -7.88 6.66
CA GLY B 223 -19.87 -8.02 5.24
C GLY B 223 -18.86 -9.10 4.94
N THR B 224 -17.68 -8.69 4.47
CA THR B 224 -16.55 -9.53 4.06
C THR B 224 -16.76 -10.16 2.69
N SER B 225 -17.95 -10.04 2.09
CA SER B 225 -18.10 -10.46 0.70
C SER B 225 -17.40 -9.46 -0.20
N SER B 226 -16.71 -9.97 -1.22
CA SER B 226 -15.85 -9.11 -2.04
C SER B 226 -16.63 -7.93 -2.62
N VAL B 227 -17.92 -8.11 -2.89
CA VAL B 227 -18.72 -7.00 -3.40
C VAL B 227 -18.92 -5.94 -2.32
N TYR B 228 -19.10 -6.37 -1.07
CA TYR B 228 -19.29 -5.41 0.02
C TYR B 228 -17.99 -4.74 0.41
N ILE B 229 -16.89 -5.50 0.45
CA ILE B 229 -15.60 -4.94 0.84
C ILE B 229 -15.17 -3.86 -0.14
N GLU B 230 -15.65 -3.93 -1.36
CA GLU B 230 -15.30 -2.91 -2.35
C GLU B 230 -15.72 -1.52 -1.90
N VAL B 231 -16.90 -1.41 -1.28
CA VAL B 231 -17.44 -0.12 -0.87
C VAL B 231 -17.34 0.01 0.65
N LEU B 232 -16.32 -0.61 1.24
CA LEU B 232 -16.21 -0.58 2.70
C LEU B 232 -16.15 0.83 3.23
N HIS B 233 -15.58 1.76 2.46
CA HIS B 233 -15.43 3.14 2.93
C HIS B 233 -16.74 3.88 2.99
N LEU B 234 -17.83 3.32 2.45
CA LEU B 234 -19.11 4.00 2.39
C LEU B 234 -20.14 3.44 3.36
N THR B 235 -19.96 2.22 3.84
CA THR B 235 -20.96 1.56 4.70
C THR B 235 -20.40 1.25 6.08
N GLN B 236 -19.32 1.89 6.49
CA GLN B 236 -18.69 1.60 7.76
C GLN B 236 -18.02 2.85 8.28
N GLY B 237 -18.34 3.24 9.52
CA GLY B 237 -17.77 4.40 10.14
C GLY B 237 -17.53 4.18 11.63
N THR B 238 -16.88 5.17 12.24
CA THR B 238 -16.59 5.07 13.67
C THR B 238 -17.86 4.94 14.48
N CYS B 239 -18.85 5.77 14.20
CA CYS B 239 -20.13 5.73 14.88
C CYS B 239 -21.31 5.48 13.95
N TRP B 240 -21.24 5.91 12.70
CA TRP B 240 -22.34 5.76 11.77
C TRP B 240 -22.22 4.45 10.99
N GLU B 241 -23.30 4.09 10.32
CA GLU B 241 -23.39 2.87 9.53
C GLU B 241 -24.48 3.08 8.49
N GLN B 242 -24.45 2.28 7.43
CA GLN B 242 -25.48 2.35 6.41
C GLN B 242 -25.73 1.00 5.79
N MET B 243 -26.96 0.80 5.34
CA MET B 243 -27.34 -0.40 4.60
C MET B 243 -27.13 -0.12 3.11
N TYR B 244 -26.35 -0.98 2.46
CA TYR B 244 -26.05 -0.85 1.04
C TYR B 244 -26.24 -2.21 0.38
N THR B 245 -26.86 -2.20 -0.80
CA THR B 245 -27.13 -3.41 -1.57
C THR B 245 -26.51 -3.25 -2.96
N PRO B 246 -25.31 -3.76 -3.17
CA PRO B 246 -24.67 -3.60 -4.49
C PRO B 246 -25.53 -4.18 -5.59
N GLY B 247 -25.65 -3.40 -6.67
CA GLY B 247 -26.46 -3.81 -7.84
C GLY B 247 -25.64 -4.71 -8.74
N GLY B 248 -25.43 -5.97 -8.34
CA GLY B 248 -24.62 -6.93 -9.12
C GLY B 248 -25.02 -8.37 -8.86
N GLU B 249 -24.60 -9.26 -9.75
CA GLU B 249 -24.64 -10.73 -9.60
C GLU B 249 -25.08 -11.06 -8.17
N VAL B 250 -26.39 -11.10 -7.93
CA VAL B 250 -26.92 -11.51 -6.60
C VAL B 250 -26.74 -13.02 -6.54
N ARG B 251 -25.48 -13.47 -6.45
CA ARG B 251 -25.21 -14.89 -6.54
C ARG B 251 -25.98 -15.65 -5.47
N ASN B 252 -26.56 -16.80 -5.85
CA ASN B 252 -27.31 -17.60 -4.89
C ASN B 252 -26.44 -18.01 -3.71
N ASP B 253 -25.14 -18.24 -3.94
CA ASP B 253 -24.25 -18.63 -2.85
C ASP B 253 -24.22 -17.57 -1.77
N ASP B 254 -23.98 -16.31 -2.15
CA ASP B 254 -23.90 -15.23 -1.17
C ASP B 254 -25.23 -15.04 -0.46
N VAL B 255 -26.33 -15.08 -1.21
CA VAL B 255 -27.65 -14.88 -0.61
C VAL B 255 -27.92 -15.97 0.41
N ASP B 256 -27.62 -17.24 0.07
CA ASP B 256 -27.90 -18.32 1.00
C ASP B 256 -26.97 -18.28 2.21
N GLN B 257 -25.71 -17.86 2.03
CA GLN B 257 -24.83 -17.72 3.18
C GLN B 257 -25.35 -16.65 4.14
N SER B 258 -25.76 -15.50 3.60
CA SER B 258 -26.34 -14.46 4.43
C SER B 258 -27.62 -14.95 5.12
N LEU B 259 -28.44 -15.70 4.37
CA LEU B 259 -29.66 -16.25 4.94
C LEU B 259 -29.35 -17.19 6.10
N ILE B 260 -28.33 -18.04 5.94
CA ILE B 260 -27.98 -19.00 6.98
C ILE B 260 -27.50 -18.29 8.23
N ILE B 261 -26.62 -17.29 8.06
CA ILE B 261 -26.12 -16.59 9.24
C ILE B 261 -27.26 -15.82 9.92
N ALA B 262 -28.14 -15.20 9.14
CA ALA B 262 -29.27 -14.49 9.72
C ALA B 262 -30.17 -15.45 10.48
N ALA B 263 -30.41 -16.64 9.93
CA ALA B 263 -31.21 -17.63 10.62
C ALA B 263 -30.56 -18.03 11.93
N ARG B 264 -29.24 -18.26 11.92
CA ARG B 264 -28.55 -18.62 13.15
C ARG B 264 -28.74 -17.54 14.21
N ASN B 265 -28.53 -16.28 13.83
CA ASN B 265 -28.62 -15.18 14.79
C ASN B 265 -30.04 -15.04 15.33
N ILE B 266 -31.05 -15.10 14.43
CA ILE B 266 -32.43 -14.90 14.86
C ILE B 266 -32.84 -16.03 15.80
N VAL B 267 -32.44 -17.27 15.49
CA VAL B 267 -32.77 -18.39 16.36
C VAL B 267 -32.10 -18.23 17.72
N ARG B 268 -30.83 -17.82 17.72
CA ARG B 268 -30.13 -17.65 18.99
C ARG B 268 -30.82 -16.59 19.85
N ARG B 269 -31.22 -15.48 19.24
CA ARG B 269 -31.89 -14.43 20.00
C ARG B 269 -33.28 -14.87 20.46
N ALA B 270 -34.00 -15.63 19.62
CA ALA B 270 -35.33 -16.10 19.99
C ALA B 270 -35.27 -17.09 21.14
N THR B 271 -34.20 -17.87 21.23
CA THR B 271 -34.07 -18.84 22.32
C THR B 271 -34.28 -18.15 23.67
N VAL B 272 -33.67 -16.98 23.86
CA VAL B 272 -33.82 -16.23 25.11
C VAL B 272 -35.09 -15.40 25.14
N SER B 273 -35.75 -15.21 24.01
CA SER B 273 -36.94 -14.37 23.98
C SER B 273 -38.04 -14.97 24.83
N ALA B 274 -38.82 -14.08 25.47
CA ALA B 274 -39.91 -14.54 26.35
C ALA B 274 -40.96 -15.31 25.56
N ASP B 275 -41.31 -14.83 24.36
CA ASP B 275 -42.27 -15.48 23.47
C ASP B 275 -41.57 -15.73 22.15
N PRO B 276 -40.76 -16.79 22.05
CA PRO B 276 -39.94 -16.96 20.84
C PRO B 276 -40.75 -17.03 19.55
N LEU B 277 -41.93 -17.65 19.58
CA LEU B 277 -42.69 -17.80 18.33
C LEU B 277 -43.15 -16.45 17.79
N ALA B 278 -43.82 -15.66 18.62
CA ALA B 278 -44.33 -14.37 18.17
C ALA B 278 -43.18 -13.42 17.82
N SER B 279 -42.17 -13.35 18.69
CA SER B 279 -41.04 -12.47 18.41
C SER B 279 -40.33 -12.87 17.12
N LEU B 280 -40.14 -14.17 16.91
CA LEU B 280 -39.50 -14.64 15.69
C LEU B 280 -40.34 -14.28 14.47
N LEU B 281 -41.65 -14.47 14.54
CA LEU B 281 -42.51 -14.13 13.42
C LEU B 281 -42.40 -12.63 13.09
N GLU B 282 -42.53 -11.79 14.10
CA GLU B 282 -42.49 -10.35 13.86
C GLU B 282 -41.14 -9.90 13.32
N MET B 283 -40.05 -10.45 13.87
CA MET B 283 -38.72 -10.04 13.43
C MET B 283 -38.42 -10.54 12.02
N CYS B 284 -38.87 -11.75 11.69
CA CYS B 284 -38.72 -12.23 10.31
C CYS B 284 -39.51 -11.34 9.35
N HIS B 285 -40.72 -10.94 9.76
CA HIS B 285 -41.49 -10.00 8.97
C HIS B 285 -40.94 -8.58 9.04
N SER B 286 -39.95 -8.32 9.90
CA SER B 286 -39.41 -7.00 10.14
C SER B 286 -37.89 -6.97 9.91
N THR B 287 -37.44 -7.61 8.82
CA THR B 287 -36.02 -7.57 8.48
C THR B 287 -35.86 -8.02 7.03
N GLN B 288 -34.74 -7.60 6.44
CA GLN B 288 -34.42 -7.96 5.06
C GLN B 288 -32.91 -8.18 4.95
N ILE B 289 -32.50 -8.71 3.80
CA ILE B 289 -31.09 -8.96 3.52
C ILE B 289 -30.80 -8.52 2.10
N GLY B 290 -29.72 -7.75 1.93
CA GLY B 290 -29.32 -7.32 0.60
C GLY B 290 -30.40 -6.59 -0.17
N GLY B 291 -31.32 -5.92 0.53
CA GLY B 291 -32.43 -5.23 -0.09
C GLY B 291 -33.64 -6.11 -0.34
N ILE B 292 -33.49 -7.42 -0.20
CA ILE B 292 -34.59 -8.36 -0.40
C ILE B 292 -35.05 -8.86 0.96
N ARG B 293 -36.36 -8.95 1.13
CA ARG B 293 -36.93 -9.35 2.41
C ARG B 293 -36.65 -10.82 2.68
N MET B 294 -36.58 -11.16 3.98
CA MET B 294 -36.24 -12.52 4.38
C MET B 294 -37.27 -13.52 3.85
N VAL B 295 -38.55 -13.16 3.90
CA VAL B 295 -39.61 -14.09 3.50
C VAL B 295 -39.46 -14.46 2.03
N ASP B 296 -39.14 -13.48 1.18
CA ASP B 296 -39.04 -13.76 -0.25
C ASP B 296 -38.00 -14.85 -0.52
N ILE B 297 -36.78 -14.67 0.00
CA ILE B 297 -35.74 -15.66 -0.20
C ILE B 297 -36.14 -16.99 0.43
N LEU B 298 -36.66 -16.94 1.66
CA LEU B 298 -37.00 -18.17 2.37
C LEU B 298 -37.99 -19.00 1.57
N ARG B 299 -39.09 -18.39 1.14
CA ARG B 299 -40.06 -19.08 0.29
C ARG B 299 -39.48 -19.44 -1.07
N GLN B 300 -38.45 -18.73 -1.53
CA GLN B 300 -37.87 -19.00 -2.84
C GLN B 300 -36.75 -20.04 -2.77
N ASN B 301 -35.70 -19.74 -2.02
CA ASN B 301 -34.52 -20.61 -2.01
C ASN B 301 -34.75 -21.77 -1.04
N PRO B 302 -34.65 -23.03 -1.51
CA PRO B 302 -34.59 -24.16 -0.58
C PRO B 302 -33.16 -24.39 -0.12
N THR B 303 -32.93 -24.27 1.19
CA THR B 303 -31.60 -24.42 1.75
C THR B 303 -31.70 -25.18 3.06
N GLU B 304 -30.91 -26.24 3.18
CA GLU B 304 -30.97 -27.13 4.35
C GLU B 304 -30.05 -26.59 5.43
N GLU B 305 -30.62 -26.17 6.56
CA GLU B 305 -29.87 -25.72 7.70
C GLU B 305 -30.83 -25.61 8.88
N GLN B 306 -30.37 -26.03 10.06
CA GLN B 306 -31.27 -26.12 11.22
C GLN B 306 -31.99 -24.81 11.44
N ALA B 307 -31.24 -23.71 11.54
CA ALA B 307 -31.87 -22.42 11.75
C ALA B 307 -32.74 -22.03 10.55
N VAL B 308 -32.25 -22.27 9.34
CA VAL B 308 -33.02 -21.91 8.15
C VAL B 308 -34.33 -22.68 8.13
N ASP B 309 -34.28 -23.98 8.42
CA ASP B 309 -35.50 -24.78 8.48
C ASP B 309 -36.42 -24.28 9.59
N ILE B 310 -35.84 -23.83 10.71
CA ILE B 310 -36.66 -23.29 11.80
C ILE B 310 -37.41 -22.07 11.33
N CYS B 311 -36.73 -21.16 10.62
CA CYS B 311 -37.42 -20.00 10.06
C CYS B 311 -38.50 -20.42 9.08
N LYS B 312 -38.17 -21.38 8.21
CA LYS B 312 -39.15 -21.81 7.21
C LYS B 312 -40.41 -22.33 7.87
N ALA B 313 -40.25 -23.16 8.91
CA ALA B 313 -41.40 -23.69 9.62
C ALA B 313 -42.16 -22.60 10.37
N ALA B 314 -41.42 -21.66 10.98
CA ALA B 314 -42.07 -20.62 11.79
C ALA B 314 -43.10 -19.85 10.97
N MET B 315 -42.78 -19.54 9.72
CA MET B 315 -43.70 -18.81 8.87
C MET B 315 -44.94 -19.62 8.53
N GLY B 316 -44.96 -20.92 8.81
CA GLY B 316 -46.05 -21.78 8.42
C GLY B 316 -45.96 -22.33 7.03
N LEU B 317 -44.91 -21.99 6.28
CA LEU B 317 -44.72 -22.49 4.93
C LEU B 317 -44.26 -23.94 4.98
N ARG B 318 -44.00 -24.51 3.80
CA ARG B 318 -43.56 -25.90 3.74
C ARG B 318 -42.27 -26.09 4.55
N ILE B 319 -42.19 -27.11 5.42
CA ILE B 319 -41.05 -27.27 6.38
C ILE B 319 -40.30 -28.57 6.11
N SER B 320 -38.98 -28.67 6.29
CA SER B 320 -38.19 -29.91 5.95
C SER B 320 -38.37 -30.97 7.03
N SER B 321 -37.61 -32.08 6.94
CA SER B 321 -37.67 -33.21 7.90
C SER B 321 -36.27 -33.73 8.23
N SER B 322 -36.00 -35.05 8.10
CA SER B 322 -34.66 -35.65 8.33
C SER B 322 -34.08 -35.15 9.64
N PHE B 323 -34.60 -35.61 10.77
CA PHE B 323 -34.17 -35.07 12.06
C PHE B 323 -32.66 -34.96 12.25
N SER B 324 -32.26 -34.02 13.09
CA SER B 324 -30.87 -33.66 13.32
C SER B 324 -30.49 -33.97 14.76
N PHE B 325 -29.19 -34.05 15.02
CA PHE B 325 -28.69 -34.44 16.32
C PHE B 325 -27.29 -33.86 16.51
N GLY B 326 -27.11 -33.09 17.59
CA GLY B 326 -25.81 -32.50 17.86
C GLY B 326 -25.30 -31.61 16.75
N GLY B 327 -26.19 -30.93 16.04
CA GLY B 327 -25.81 -30.11 14.92
C GLY B 327 -25.66 -30.86 13.61
N PHE B 328 -25.79 -32.18 13.63
CA PHE B 328 -25.72 -33.04 12.46
C PHE B 328 -27.12 -33.45 12.05
N THR B 329 -27.26 -33.80 10.77
CA THR B 329 -28.57 -34.08 10.18
C THR B 329 -28.67 -35.58 9.87
N PHE B 330 -29.55 -36.24 10.60
CA PHE B 330 -29.73 -37.69 10.56
C PHE B 330 -30.91 -38.02 9.66
N LYS B 331 -30.75 -39.03 8.80
CA LYS B 331 -31.88 -39.55 8.03
C LYS B 331 -31.98 -41.06 8.24
N ARG B 332 -33.04 -41.50 8.91
CA ARG B 332 -33.28 -42.93 9.06
C ARG B 332 -33.51 -43.56 7.68
N THR B 333 -33.07 -44.81 7.54
CA THR B 333 -33.25 -45.53 6.28
C THR B 333 -33.71 -46.97 6.45
N SER B 334 -33.96 -47.44 7.68
CA SER B 334 -34.41 -48.80 7.88
C SER B 334 -34.89 -48.97 9.31
N GLY B 335 -36.01 -49.65 9.48
CA GLY B 335 -36.42 -50.15 10.78
C GLY B 335 -37.43 -49.24 11.46
N SER B 336 -38.10 -49.81 12.46
CA SER B 336 -39.03 -49.09 13.32
C SER B 336 -38.37 -48.79 14.66
N SER B 337 -39.14 -48.21 15.57
CA SER B 337 -38.60 -47.79 16.86
C SER B 337 -39.74 -47.39 17.78
N VAL B 338 -39.55 -47.65 19.07
CA VAL B 338 -40.50 -47.27 20.11
C VAL B 338 -39.71 -46.89 21.35
N LYS B 339 -40.15 -45.83 22.04
CA LYS B 339 -39.53 -45.42 23.29
C LYS B 339 -40.05 -46.27 24.44
N ARG B 340 -39.33 -46.20 25.58
CA ARG B 340 -39.55 -47.13 26.67
C ARG B 340 -39.69 -46.46 28.04
N GLU B 341 -39.20 -45.24 28.23
CA GLU B 341 -39.44 -44.48 29.46
C GLU B 341 -38.83 -45.21 30.66
N GLU B 342 -37.51 -45.36 30.63
CA GLU B 342 -36.79 -46.20 31.58
C GLU B 342 -35.86 -45.34 32.43
N GLU B 343 -35.18 -46.00 33.38
CA GLU B 343 -34.44 -45.35 34.45
C GLU B 343 -33.09 -46.06 34.57
N VAL B 344 -32.04 -45.31 34.92
CA VAL B 344 -30.71 -45.88 35.06
C VAL B 344 -29.84 -44.92 35.88
N LEU B 345 -28.59 -45.33 36.12
CA LEU B 345 -27.62 -44.60 36.92
C LEU B 345 -26.42 -44.29 36.04
N THR B 346 -25.53 -43.42 36.53
CA THR B 346 -24.35 -43.00 35.78
C THR B 346 -23.09 -43.54 36.46
N GLY B 347 -21.94 -43.13 35.92
CA GLY B 347 -20.68 -43.43 36.57
C GLY B 347 -20.44 -42.56 37.78
N ASN B 348 -20.94 -41.33 37.75
CA ASN B 348 -20.93 -40.44 38.91
C ASN B 348 -22.13 -40.68 39.83
N LEU B 349 -22.83 -41.80 39.66
CA LEU B 349 -23.88 -42.30 40.55
C LEU B 349 -25.15 -41.47 40.48
N GLN B 350 -25.22 -40.44 39.65
CA GLN B 350 -26.44 -39.66 39.50
C GLN B 350 -27.49 -40.49 38.75
N THR B 351 -28.71 -40.50 39.27
CA THR B 351 -29.81 -41.24 38.68
C THR B 351 -30.52 -40.39 37.64
N LEU B 352 -31.05 -41.04 36.61
CA LEU B 352 -31.71 -40.30 35.55
C LEU B 352 -32.68 -41.20 34.81
N LYS B 353 -33.78 -40.62 34.35
CA LYS B 353 -34.73 -41.26 33.47
C LYS B 353 -34.49 -40.80 32.05
N ILE B 354 -34.55 -41.73 31.10
CA ILE B 354 -34.41 -41.43 29.69
C ILE B 354 -35.40 -42.28 28.89
N ARG B 355 -35.45 -42.01 27.60
CA ARG B 355 -36.29 -42.76 26.66
C ARG B 355 -35.37 -43.47 25.69
N VAL B 356 -35.26 -44.79 25.82
CA VAL B 356 -34.43 -45.61 24.95
C VAL B 356 -35.33 -46.21 23.88
N HIS B 357 -34.78 -46.35 22.67
CA HIS B 357 -35.57 -46.72 21.50
C HIS B 357 -35.40 -48.19 21.18
N GLU B 358 -36.36 -48.73 20.43
CA GLU B 358 -36.42 -50.14 20.10
C GLU B 358 -35.87 -50.39 18.70
N GLY B 359 -35.76 -51.66 18.36
CA GLY B 359 -35.55 -52.08 16.99
C GLY B 359 -34.20 -51.75 16.41
N TYR B 360 -33.80 -52.52 15.39
CA TYR B 360 -32.59 -52.22 14.63
C TYR B 360 -32.88 -51.13 13.60
N GLU B 361 -31.94 -50.20 13.44
CA GLU B 361 -32.17 -49.04 12.59
C GLU B 361 -30.84 -48.52 12.04
N GLU B 362 -30.88 -48.05 10.80
CA GLU B 362 -29.75 -47.43 10.14
C GLU B 362 -30.04 -45.95 9.88
N PHE B 363 -28.98 -45.15 9.88
CA PHE B 363 -29.11 -43.70 9.78
C PHE B 363 -28.00 -43.14 8.91
N THR B 364 -28.30 -41.98 8.32
CA THR B 364 -27.46 -41.26 7.37
C THR B 364 -27.16 -39.89 7.97
N MET B 365 -26.08 -39.83 8.74
CA MET B 365 -25.62 -38.58 9.33
C MET B 365 -25.12 -37.60 8.28
N VAL B 366 -25.34 -36.31 8.55
CA VAL B 366 -24.88 -35.23 7.69
C VAL B 366 -24.50 -34.09 8.62
N GLY B 367 -23.65 -33.20 8.13
CA GLY B 367 -23.19 -32.12 8.96
C GLY B 367 -22.55 -31.02 8.13
N ARG B 368 -21.95 -30.07 8.85
CA ARG B 368 -21.31 -28.93 8.18
C ARG B 368 -19.92 -29.30 7.69
N ARG B 369 -19.16 -30.03 8.50
CA ARG B 369 -17.78 -30.38 8.18
C ARG B 369 -17.51 -31.87 8.40
N ALA B 370 -18.51 -32.72 8.21
CA ALA B 370 -18.34 -34.16 8.42
C ALA B 370 -19.53 -34.89 7.82
N THR B 371 -19.57 -36.20 8.02
CA THR B 371 -20.62 -37.07 7.51
C THR B 371 -20.38 -38.48 8.04
N ALA B 372 -21.44 -39.29 8.16
CA ALA B 372 -21.29 -40.62 8.73
C ALA B 372 -22.53 -41.46 8.42
N ILE B 373 -22.39 -42.76 8.63
CA ILE B 373 -23.47 -43.73 8.45
C ILE B 373 -23.44 -44.71 9.62
N LEU B 374 -24.61 -45.00 10.19
CA LEU B 374 -24.69 -45.71 11.47
C LEU B 374 -25.73 -46.82 11.40
N ARG B 375 -25.44 -47.92 12.09
CA ARG B 375 -26.39 -49.02 12.24
C ARG B 375 -26.37 -49.41 13.70
N LYS B 376 -27.55 -49.55 14.30
CA LYS B 376 -27.62 -49.83 15.73
C LYS B 376 -28.87 -50.64 16.05
N ALA B 377 -28.97 -51.04 17.31
CA ALA B 377 -30.09 -51.82 17.84
C ALA B 377 -30.50 -51.20 19.17
N THR B 378 -31.42 -51.86 19.86
CA THR B 378 -31.95 -51.34 21.11
C THR B 378 -30.86 -51.23 22.17
N ARG B 379 -30.43 -50.02 22.48
CA ARG B 379 -29.39 -49.69 23.45
C ARG B 379 -27.99 -50.08 22.96
N ARG B 380 -27.87 -50.73 21.81
CA ARG B 380 -26.61 -51.32 21.37
C ARG B 380 -26.24 -50.77 20.01
N LEU B 381 -24.99 -50.32 19.87
CA LEU B 381 -24.46 -49.94 18.57
C LEU B 381 -24.01 -51.19 17.82
N ILE B 382 -24.22 -51.17 16.51
CA ILE B 382 -23.85 -52.28 15.63
C ILE B 382 -22.65 -51.92 14.76
N GLN B 383 -22.64 -50.73 14.18
CA GLN B 383 -21.54 -50.30 13.33
C GLN B 383 -21.64 -48.80 13.10
N LEU B 384 -20.49 -48.18 12.84
CA LEU B 384 -20.41 -46.76 12.59
C LEU B 384 -19.27 -46.49 11.62
N ILE B 385 -19.59 -45.84 10.50
CA ILE B 385 -18.60 -45.37 9.55
C ILE B 385 -18.68 -43.85 9.50
N VAL B 386 -17.52 -43.21 9.31
CA VAL B 386 -17.42 -41.76 9.43
C VAL B 386 -16.66 -41.22 8.23
N SER B 387 -16.92 -39.96 7.89
CA SER B 387 -16.38 -39.37 6.67
C SER B 387 -15.89 -37.94 6.91
N GLY B 388 -15.38 -37.64 8.09
CA GLY B 388 -15.02 -36.28 8.42
C GLY B 388 -13.84 -35.78 7.60
N ARG B 389 -13.58 -34.48 7.71
CA ARG B 389 -12.49 -33.84 6.98
C ARG B 389 -11.22 -33.81 7.81
N ASP B 390 -11.28 -33.19 8.98
CA ASP B 390 -10.17 -33.15 9.92
C ASP B 390 -10.37 -34.21 11.00
N GLU B 391 -9.32 -34.44 11.78
CA GLU B 391 -9.39 -35.49 12.79
C GLU B 391 -10.39 -35.13 13.89
N GLN B 392 -10.42 -33.86 14.31
CA GLN B 392 -11.38 -33.46 15.32
C GLN B 392 -12.81 -33.52 14.78
N SER B 393 -12.99 -33.38 13.48
CA SER B 393 -14.32 -33.60 12.90
C SER B 393 -14.75 -35.05 13.06
N ILE B 394 -13.85 -35.99 12.79
CA ILE B 394 -14.17 -37.41 13.00
C ILE B 394 -14.40 -37.68 14.48
N ALA B 395 -13.67 -36.99 15.36
CA ALA B 395 -13.89 -37.16 16.79
C ALA B 395 -15.29 -36.70 17.18
N GLU B 396 -15.69 -35.51 16.70
CA GLU B 396 -17.04 -35.02 16.94
C GLU B 396 -18.08 -36.01 16.45
N ALA B 397 -17.93 -36.48 15.21
CA ALA B 397 -18.90 -37.42 14.66
C ALA B 397 -18.96 -38.70 15.51
N ILE B 398 -17.80 -39.15 16.00
CA ILE B 398 -17.76 -40.41 16.74
C ILE B 398 -18.42 -40.23 18.10
N ILE B 399 -18.16 -39.11 18.77
CA ILE B 399 -18.79 -38.90 20.07
C ILE B 399 -20.29 -38.69 19.91
N VAL B 400 -20.71 -38.03 18.83
CA VAL B 400 -22.14 -37.86 18.58
C VAL B 400 -22.79 -39.22 18.38
N ALA B 401 -22.14 -40.09 17.60
CA ALA B 401 -22.67 -41.42 17.36
C ALA B 401 -22.71 -42.24 18.66
N MET B 402 -21.68 -42.10 19.50
CA MET B 402 -21.66 -42.84 20.75
C MET B 402 -22.80 -42.38 21.65
N VAL B 403 -23.05 -41.08 21.71
CA VAL B 403 -24.16 -40.56 22.50
C VAL B 403 -25.49 -41.05 21.95
N PHE B 404 -25.64 -41.00 20.62
CA PHE B 404 -26.85 -41.50 19.98
C PHE B 404 -27.08 -42.98 20.28
N SER B 405 -26.01 -43.75 20.51
CA SER B 405 -26.19 -45.17 20.73
C SER B 405 -26.86 -45.48 22.07
N GLN B 406 -26.77 -44.56 23.04
CA GLN B 406 -27.40 -44.75 24.35
C GLN B 406 -26.85 -45.97 25.07
N GLU B 407 -25.59 -46.30 24.82
CA GLU B 407 -24.98 -47.47 25.43
C GLU B 407 -24.55 -47.17 26.86
N ASP B 408 -24.61 -48.20 27.70
CA ASP B 408 -24.21 -48.04 29.09
C ASP B 408 -22.73 -47.72 29.21
N CYS B 409 -21.94 -48.07 28.20
CA CYS B 409 -20.53 -47.68 28.19
C CYS B 409 -20.37 -46.16 28.18
N MET B 410 -21.37 -45.45 27.68
CA MET B 410 -21.38 -43.99 27.70
C MET B 410 -22.00 -43.45 28.98
N ILE B 411 -23.03 -44.15 29.48
CA ILE B 411 -23.72 -43.72 30.69
C ILE B 411 -22.78 -43.80 31.89
N LYS B 412 -21.96 -44.84 31.96
CA LYS B 412 -21.02 -45.02 33.05
C LYS B 412 -19.70 -44.28 32.81
N ALA B 413 -19.73 -43.24 31.97
CA ALA B 413 -18.58 -42.40 31.72
C ALA B 413 -18.82 -40.94 32.08
N VAL B 414 -20.05 -40.56 32.42
CA VAL B 414 -20.38 -39.17 32.71
C VAL B 414 -19.84 -38.81 34.08
N ARG B 415 -19.01 -37.78 34.15
CA ARG B 415 -18.32 -37.41 35.38
C ARG B 415 -18.23 -35.89 35.48
N GLY B 416 -18.72 -35.34 36.59
CA GLY B 416 -18.66 -33.92 36.86
C GLY B 416 -20.03 -33.32 37.05
N ASP B 417 -20.04 -31.99 37.15
CA ASP B 417 -21.27 -31.20 37.25
C ASP B 417 -21.83 -30.94 35.85
N LEU B 418 -22.83 -31.71 35.45
CA LEU B 418 -23.57 -31.48 34.22
C LEU B 418 -25.04 -31.27 34.59
N ASN B 419 -25.41 -30.01 34.81
CA ASN B 419 -26.75 -29.66 35.25
C ASN B 419 -27.62 -29.36 34.03
N PHE B 420 -28.79 -29.99 33.98
CA PHE B 420 -29.68 -29.87 32.82
C PHE B 420 -30.68 -28.75 33.05
N VAL B 421 -30.16 -27.55 33.24
CA VAL B 421 -30.98 -26.33 33.34
C VAL B 421 -30.25 -25.21 32.60
N ASN B 422 -31.03 -24.37 31.92
CA ASN B 422 -30.50 -23.32 31.05
C ASN B 422 -30.29 -22.04 31.85
N ARG B 423 -29.78 -21.01 31.19
CA ARG B 423 -29.64 -19.71 31.84
C ARG B 423 -30.99 -19.18 32.31
N ALA B 424 -32.05 -19.52 31.60
CA ALA B 424 -33.40 -19.08 31.90
C ALA B 424 -34.07 -19.94 32.97
N ASN B 425 -33.34 -20.87 33.58
CA ASN B 425 -33.89 -21.78 34.59
C ASN B 425 -34.83 -22.79 33.96
N GLN B 426 -34.60 -23.09 32.69
CA GLN B 426 -35.37 -24.06 31.92
C GLN B 426 -34.64 -25.39 31.94
N ARG B 427 -35.30 -26.47 32.36
CA ARG B 427 -34.61 -27.75 32.30
C ARG B 427 -34.17 -28.01 30.86
N LEU B 428 -32.98 -28.56 30.71
CA LEU B 428 -32.37 -28.71 29.39
C LEU B 428 -32.55 -30.13 28.89
N ASN B 429 -32.43 -30.29 27.58
CA ASN B 429 -32.49 -31.63 27.01
C ASN B 429 -31.32 -32.44 27.54
N PRO B 430 -31.54 -33.69 27.96
CA PRO B 430 -30.40 -34.48 28.47
C PRO B 430 -29.38 -34.80 27.39
N MET B 431 -29.87 -35.19 26.21
CA MET B 431 -28.99 -35.60 25.13
C MET B 431 -28.00 -34.50 24.75
N HIS B 432 -28.51 -33.27 24.57
CA HIS B 432 -27.61 -32.17 24.23
C HIS B 432 -26.62 -31.87 25.35
N GLN B 433 -27.00 -32.10 26.59
CA GLN B 433 -26.08 -31.80 27.68
C GLN B 433 -24.96 -32.83 27.73
N LEU B 434 -25.29 -34.11 27.55
CA LEU B 434 -24.26 -35.13 27.38
C LEU B 434 -23.35 -34.80 26.20
N LEU B 435 -23.95 -34.43 25.06
CA LEU B 435 -23.17 -34.18 23.86
C LEU B 435 -22.29 -32.95 23.99
N ARG B 436 -22.70 -31.97 24.80
CA ARG B 436 -21.85 -30.83 25.10
C ARG B 436 -20.75 -31.19 26.09
N HIS B 437 -21.04 -32.09 27.03
CA HIS B 437 -20.03 -32.51 27.99
C HIS B 437 -18.91 -33.28 27.28
N PHE B 438 -19.29 -34.20 26.39
CA PHE B 438 -18.31 -35.02 25.70
C PHE B 438 -17.63 -34.28 24.55
N GLN B 439 -17.78 -32.96 24.45
CA GLN B 439 -17.14 -32.19 23.39
C GLN B 439 -15.89 -31.45 23.86
N LYS B 440 -15.70 -31.32 25.18
CA LYS B 440 -14.42 -30.87 25.71
C LYS B 440 -13.34 -31.93 25.42
N ASP B 441 -13.55 -33.14 25.95
CA ASP B 441 -12.81 -34.30 25.50
C ASP B 441 -13.52 -35.55 26.01
N ALA B 442 -13.59 -36.57 25.18
CA ALA B 442 -14.30 -37.81 25.47
C ALA B 442 -13.34 -38.95 25.81
N LYS B 443 -12.25 -38.65 26.52
CA LYS B 443 -11.28 -39.68 26.86
C LYS B 443 -11.94 -40.87 27.57
N VAL B 444 -12.82 -40.59 28.53
CA VAL B 444 -13.38 -41.67 29.33
C VAL B 444 -14.32 -42.49 28.48
N LEU B 445 -15.00 -41.86 27.52
CA LEU B 445 -15.86 -42.59 26.60
C LEU B 445 -15.05 -43.53 25.72
N PHE B 446 -13.81 -43.15 25.39
CA PHE B 446 -12.96 -44.02 24.58
C PHE B 446 -12.39 -45.18 25.38
N GLN B 447 -11.86 -44.92 26.59
CA GLN B 447 -11.36 -46.07 27.36
C GLN B 447 -12.46 -46.94 27.96
N ASN B 448 -13.74 -46.56 27.84
CA ASN B 448 -14.81 -47.33 28.44
C ASN B 448 -15.75 -47.98 27.42
N TRP B 449 -15.54 -47.75 26.12
CA TRP B 449 -16.44 -48.30 25.11
C TRP B 449 -16.30 -49.82 25.02
N GLY B 450 -15.09 -50.30 24.74
CA GLY B 450 -14.87 -51.73 24.59
C GLY B 450 -13.91 -52.05 23.46
N ILE B 451 -13.62 -53.34 23.26
CA ILE B 451 -12.74 -53.76 22.16
C ILE B 451 -13.29 -55.03 21.53
N GLU B 452 -13.06 -55.17 20.22
CA GLU B 452 -13.46 -56.36 19.48
C GLU B 452 -12.36 -56.78 18.51
N PRO B 453 -12.52 -57.89 17.79
CA PRO B 453 -11.61 -58.21 16.69
C PRO B 453 -12.13 -57.72 15.34
N ILE B 454 -11.23 -57.74 14.35
CA ILE B 454 -11.57 -57.37 12.99
C ILE B 454 -10.98 -58.38 12.02
N ASP B 455 -11.63 -58.53 10.87
CA ASP B 455 -11.20 -59.43 9.82
C ASP B 455 -10.11 -58.85 8.93
N ASN B 456 -9.72 -57.59 9.11
CA ASN B 456 -8.73 -56.93 8.26
C ASN B 456 -9.19 -56.95 6.80
N VAL B 457 -10.49 -56.77 6.60
CA VAL B 457 -11.08 -56.75 5.27
C VAL B 457 -10.89 -55.36 4.66
N MET B 458 -10.64 -55.32 3.35
CA MET B 458 -10.53 -54.10 2.55
C MET B 458 -9.26 -53.31 2.85
N GLY B 459 -8.41 -53.77 3.76
CA GLY B 459 -7.29 -52.96 4.20
C GLY B 459 -7.66 -51.71 4.97
N MET B 460 -8.78 -51.74 5.68
CA MET B 460 -9.25 -50.58 6.40
C MET B 460 -8.31 -50.21 7.55
N ILE B 461 -8.25 -48.90 7.84
CA ILE B 461 -7.34 -48.35 8.84
C ILE B 461 -7.98 -48.52 10.20
N GLY B 462 -7.17 -48.61 11.25
CA GLY B 462 -7.74 -48.76 12.57
C GLY B 462 -8.09 -47.45 13.23
N ILE B 463 -8.80 -47.57 14.35
CA ILE B 463 -9.38 -46.44 15.04
C ILE B 463 -8.30 -45.79 15.89
N LEU B 464 -8.57 -44.59 16.42
CA LEU B 464 -7.62 -43.88 17.27
C LEU B 464 -8.34 -43.34 18.49
N PRO B 465 -8.01 -43.79 19.70
CA PRO B 465 -8.39 -43.05 20.91
C PRO B 465 -7.68 -41.70 20.98
N ASP B 466 -6.35 -41.74 20.86
CA ASP B 466 -5.51 -40.56 20.95
C ASP B 466 -4.47 -40.58 19.84
N MET B 467 -4.94 -40.79 18.61
CA MET B 467 -4.08 -40.89 17.43
C MET B 467 -3.16 -42.11 17.51
N THR B 468 -3.78 -43.29 17.58
CA THR B 468 -3.06 -44.55 17.52
C THR B 468 -3.84 -45.55 16.68
N PRO B 469 -3.65 -45.53 15.35
CA PRO B 469 -4.32 -46.54 14.52
C PRO B 469 -3.92 -47.95 14.93
N SER B 470 -4.91 -48.84 14.98
CA SER B 470 -4.71 -50.24 15.36
C SER B 470 -5.33 -51.13 14.30
N THR B 471 -4.50 -51.77 13.49
CA THR B 471 -4.93 -52.43 12.26
C THR B 471 -5.34 -53.89 12.47
N GLU B 472 -5.39 -54.34 13.72
CA GLU B 472 -5.84 -55.70 14.05
C GLU B 472 -6.80 -55.76 15.22
N MET B 473 -6.83 -54.74 16.07
CA MET B 473 -7.74 -54.65 17.20
C MET B 473 -8.16 -53.20 17.33
N SER B 474 -9.42 -52.95 17.68
CA SER B 474 -9.98 -51.61 17.53
C SER B 474 -11.30 -51.54 18.30
N MET B 475 -11.86 -50.33 18.33
CA MET B 475 -13.10 -50.10 19.06
C MET B 475 -14.18 -51.02 18.49
N ARG B 476 -15.14 -51.40 19.32
CA ARG B 476 -16.14 -52.36 18.88
C ARG B 476 -17.19 -51.67 18.01
N GLY B 477 -17.40 -52.21 16.81
CA GLY B 477 -18.36 -51.67 15.87
C GLY B 477 -17.90 -50.47 15.06
N VAL B 478 -16.97 -49.68 15.60
CA VAL B 478 -16.58 -48.43 14.98
C VAL B 478 -15.61 -48.72 13.83
N ARG B 479 -15.79 -47.99 12.73
CA ARG B 479 -14.95 -48.15 11.54
C ARG B 479 -14.32 -46.81 11.17
N VAL B 480 -13.40 -46.86 10.21
CA VAL B 480 -12.72 -45.67 9.70
C VAL B 480 -12.93 -45.60 8.19
N SER B 481 -13.31 -44.43 7.71
CA SER B 481 -13.57 -44.23 6.29
C SER B 481 -13.47 -42.74 5.98
N LYS B 482 -13.68 -42.38 4.72
CA LYS B 482 -13.67 -40.98 4.31
C LYS B 482 -14.42 -40.77 3.00
N MET B 483 -15.75 -40.76 3.07
CA MET B 483 -16.57 -40.62 1.88
C MET B 483 -16.53 -39.18 1.38
N GLY B 484 -17.09 -38.95 0.19
CA GLY B 484 -17.16 -37.63 -0.38
C GLY B 484 -18.43 -36.89 0.00
N VAL B 485 -19.53 -37.63 0.16
CA VAL B 485 -20.82 -37.04 0.48
C VAL B 485 -21.70 -38.12 1.10
N ASP B 486 -22.75 -37.70 1.79
CA ASP B 486 -23.68 -38.67 2.38
C ASP B 486 -24.42 -39.45 1.31
N GLU B 487 -25.06 -40.54 1.75
CA GLU B 487 -25.80 -41.42 0.85
C GLU B 487 -26.52 -40.67 -0.27
N TYR B 488 -27.40 -39.74 0.11
CA TYR B 488 -28.18 -38.96 -0.83
C TYR B 488 -28.81 -37.80 -0.09
N SER B 489 -29.20 -36.75 -0.81
CA SER B 489 -29.91 -35.59 -0.21
C SER B 489 -31.36 -35.99 0.05
N SER B 490 -31.89 -35.83 1.27
CA SER B 490 -33.25 -36.31 1.65
C SER B 490 -34.34 -35.82 0.68
N THR B 491 -35.55 -36.40 0.74
CA THR B 491 -36.66 -36.05 -0.17
C THR B 491 -38.01 -36.03 0.55
N GLU B 492 -38.26 -35.03 1.39
CA GLU B 492 -39.57 -34.85 2.07
C GLU B 492 -39.50 -33.71 3.08
N ARG B 493 -40.38 -32.72 2.98
CA ARG B 493 -40.47 -31.60 3.95
C ARG B 493 -41.71 -31.91 4.79
N VAL B 494 -41.61 -31.97 6.12
CA VAL B 494 -42.75 -32.44 6.97
C VAL B 494 -43.53 -31.30 7.63
N VAL B 495 -44.59 -31.63 8.38
CA VAL B 495 -45.42 -30.65 9.16
C VAL B 495 -44.96 -30.77 10.61
N VAL B 496 -45.21 -29.77 11.48
CA VAL B 496 -44.62 -29.79 12.81
C VAL B 496 -45.45 -28.88 13.71
N SER B 497 -45.22 -28.99 15.01
CA SER B 497 -45.74 -28.09 16.01
C SER B 497 -44.57 -27.47 16.76
N ILE B 498 -44.87 -26.44 17.54
CA ILE B 498 -43.85 -25.75 18.31
C ILE B 498 -44.43 -25.42 19.68
N ASP B 499 -43.66 -25.67 20.73
CA ASP B 499 -43.99 -25.18 22.04
C ASP B 499 -43.60 -23.72 22.16
N ARG B 500 -43.97 -23.11 23.29
CA ARG B 500 -43.55 -21.74 23.55
C ARG B 500 -42.03 -21.60 23.50
N PHE B 501 -41.30 -22.57 24.05
CA PHE B 501 -39.84 -22.52 24.10
C PHE B 501 -39.19 -23.13 22.86
N LEU B 502 -39.93 -23.19 21.75
CA LEU B 502 -39.42 -23.50 20.41
C LEU B 502 -38.95 -24.96 20.28
N ARG B 503 -39.63 -25.88 20.96
CA ARG B 503 -39.33 -27.31 20.88
C ARG B 503 -40.17 -27.91 19.76
N VAL B 504 -39.59 -27.95 18.55
CA VAL B 504 -40.31 -28.39 17.37
C VAL B 504 -40.58 -29.89 17.46
N ARG B 505 -41.70 -30.33 16.89
CA ARG B 505 -42.16 -31.70 17.02
C ARG B 505 -42.78 -32.12 15.69
N ASP B 506 -43.04 -33.42 15.53
CA ASP B 506 -43.56 -33.96 14.28
C ASP B 506 -44.97 -34.49 14.52
N GLN B 507 -45.57 -35.09 13.49
CA GLN B 507 -46.95 -35.53 13.59
C GLN B 507 -47.10 -36.71 14.55
N ARG B 508 -46.08 -37.58 14.63
CA ARG B 508 -46.18 -38.75 15.49
C ARG B 508 -46.10 -38.37 16.96
N GLY B 509 -45.08 -37.59 17.33
CA GLY B 509 -44.85 -37.27 18.74
C GLY B 509 -43.38 -37.15 19.08
N ASN B 510 -42.53 -37.58 18.16
CA ASN B 510 -41.09 -37.45 18.33
C ASN B 510 -40.68 -35.97 18.27
N VAL B 511 -39.43 -35.71 18.61
CA VAL B 511 -38.88 -34.36 18.66
C VAL B 511 -38.16 -34.10 17.35
N LEU B 512 -38.28 -32.88 16.84
CA LEU B 512 -37.64 -32.60 15.56
C LEU B 512 -36.61 -31.48 15.62
N LEU B 513 -36.85 -30.43 16.39
CA LEU B 513 -35.88 -29.34 16.53
C LEU B 513 -36.01 -28.72 17.91
N SER B 514 -35.03 -27.87 18.25
CA SER B 514 -34.94 -27.26 19.57
C SER B 514 -33.86 -26.17 19.51
N PRO B 515 -33.90 -25.20 20.42
CA PRO B 515 -32.88 -24.14 20.43
C PRO B 515 -31.50 -24.59 20.85
N GLU B 516 -31.31 -25.86 21.19
CA GLU B 516 -29.99 -26.38 21.52
C GLU B 516 -29.22 -26.89 20.31
N GLU B 517 -29.91 -27.18 19.20
CA GLU B 517 -29.23 -27.63 17.98
C GLU B 517 -28.57 -26.49 17.22
N VAL B 518 -29.10 -25.29 17.31
CA VAL B 518 -28.52 -24.15 16.54
C VAL B 518 -27.03 -24.25 16.77
N SER B 519 -26.28 -24.81 15.82
CA SER B 519 -24.83 -25.05 15.99
C SER B 519 -24.31 -24.18 17.13
N GLU B 520 -23.97 -22.92 16.84
CA GLU B 520 -23.44 -21.95 17.85
C GLU B 520 -22.39 -21.05 17.18
N THR B 521 -21.58 -21.60 16.27
CA THR B 521 -20.50 -20.85 15.57
C THR B 521 -20.94 -19.42 15.27
N GLN B 522 -20.07 -18.43 15.44
CA GLN B 522 -20.37 -17.03 15.14
C GLN B 522 -19.67 -16.68 13.83
N GLY B 523 -20.40 -16.78 12.71
CA GLY B 523 -19.84 -16.48 11.41
C GLY B 523 -19.99 -15.03 11.04
N THR B 524 -19.50 -14.69 9.85
CA THR B 524 -19.56 -13.35 9.30
C THR B 524 -20.42 -13.37 8.04
N GLU B 525 -21.43 -12.50 8.00
CA GLU B 525 -22.33 -12.45 6.85
C GLU B 525 -21.58 -11.99 5.61
N LYS B 526 -22.07 -12.45 4.45
CA LYS B 526 -21.55 -11.95 3.18
C LYS B 526 -22.25 -10.66 2.79
N LEU B 527 -23.57 -10.71 2.61
CA LEU B 527 -24.35 -9.51 2.38
C LEU B 527 -24.72 -8.87 3.71
N THR B 528 -24.88 -7.55 3.70
CA THR B 528 -25.21 -6.83 4.93
C THR B 528 -26.52 -7.37 5.50
N ILE B 529 -26.52 -7.61 6.81
CA ILE B 529 -27.70 -8.10 7.51
C ILE B 529 -28.52 -6.89 7.94
N THR B 530 -29.67 -6.68 7.29
CA THR B 530 -30.56 -5.59 7.67
C THR B 530 -31.43 -6.06 8.83
N TYR B 531 -30.77 -6.30 9.96
CA TYR B 531 -31.43 -6.77 11.17
C TYR B 531 -32.21 -5.61 11.79
N SER B 532 -33.31 -5.23 11.16
CA SER B 532 -34.17 -4.20 11.72
C SER B 532 -34.88 -4.74 12.96
N SER B 533 -34.70 -4.01 14.06
CA SER B 533 -35.30 -4.39 15.36
C SER B 533 -35.25 -3.14 16.23
N SER B 534 -34.19 -2.95 17.01
CA SER B 534 -34.00 -1.72 17.79
C SER B 534 -34.12 -0.59 16.77
N MET B 535 -33.48 -0.75 15.62
CA MET B 535 -33.61 0.22 14.50
C MET B 535 -35.12 0.39 14.35
N MET B 536 -35.71 1.36 15.04
CA MET B 536 -37.19 1.47 15.09
C MET B 536 -37.91 2.82 14.97
N TRP B 537 -39.14 2.90 15.49
CA TRP B 537 -40.00 4.10 15.39
C TRP B 537 -40.28 4.56 16.82
N GLU B 538 -39.32 4.38 17.72
CA GLU B 538 -39.53 4.74 19.14
C GLU B 538 -40.95 4.29 19.50
N VAL B 539 -41.74 5.19 20.09
CA VAL B 539 -43.16 4.85 20.33
C VAL B 539 -43.91 5.29 19.09
N ASN B 540 -43.36 6.26 18.37
CA ASN B 540 -44.01 6.77 17.14
C ASN B 540 -42.98 7.51 16.30
N GLY B 541 -42.06 6.79 15.67
CA GLY B 541 -41.01 7.40 14.83
C GLY B 541 -41.54 7.69 13.45
N PRO B 542 -40.72 8.05 12.46
CA PRO B 542 -41.19 8.20 11.09
C PRO B 542 -41.64 6.78 10.74
N GLU B 543 -40.84 5.78 11.12
CA GLU B 543 -41.22 4.37 10.91
C GLU B 543 -42.63 4.28 11.48
N SER B 544 -42.99 5.21 12.36
CA SER B 544 -44.37 5.34 12.87
C SER B 544 -45.03 6.46 12.04
N VAL B 545 -45.16 7.68 12.57
CA VAL B 545 -45.87 8.79 11.88
C VAL B 545 -45.82 8.57 10.37
N LEU B 546 -44.65 8.79 9.76
CA LEU B 546 -44.51 8.71 8.29
C LEU B 546 -44.81 7.30 7.79
N VAL B 547 -43.92 6.33 8.04
CA VAL B 547 -44.07 4.94 7.53
C VAL B 547 -45.53 4.50 7.69
N ASN B 548 -46.12 4.79 8.83
CA ASN B 548 -47.51 4.38 9.14
C ASN B 548 -48.50 5.12 8.24
N THR B 549 -48.35 6.43 8.07
CA THR B 549 -49.25 7.24 7.21
C THR B 549 -49.40 6.51 5.87
N TYR B 550 -48.28 6.22 5.19
CA TYR B 550 -48.29 5.53 3.92
C TYR B 550 -48.97 4.17 4.03
N GLN B 551 -48.86 3.51 5.18
CA GLN B 551 -49.56 2.25 5.40
C GLN B 551 -51.07 2.44 5.46
N TRP B 552 -51.54 3.49 6.14
CA TRP B 552 -52.96 3.79 6.18
C TRP B 552 -53.51 4.02 4.79
N ILE B 553 -52.85 4.88 4.01
CA ILE B 553 -53.35 5.14 2.66
C ILE B 553 -53.28 3.89 1.79
N ILE B 554 -52.35 2.97 2.09
CA ILE B 554 -52.34 1.70 1.39
C ILE B 554 -53.60 0.89 1.72
N ARG B 555 -53.90 0.75 3.01
CA ARG B 555 -55.03 -0.09 3.42
C ARG B 555 -56.35 0.47 2.91
N ASN B 556 -56.53 1.78 2.94
CA ASN B 556 -57.73 2.44 2.46
C ASN B 556 -57.62 2.86 0.99
N TRP B 557 -56.86 2.12 0.19
CA TRP B 557 -56.67 2.50 -1.20
C TRP B 557 -57.95 2.35 -2.00
N GLU B 558 -58.84 1.44 -1.59
CA GLU B 558 -60.00 1.10 -2.41
C GLU B 558 -60.98 2.26 -2.51
N THR B 559 -61.09 3.07 -1.46
CA THR B 559 -61.98 4.23 -1.45
C THR B 559 -61.24 5.55 -1.68
N VAL B 560 -59.93 5.59 -1.40
CA VAL B 560 -59.14 6.77 -1.74
C VAL B 560 -58.96 6.85 -3.26
N LYS B 561 -58.89 5.71 -3.94
CA LYS B 561 -58.68 5.71 -5.38
C LYS B 561 -59.88 6.31 -6.12
N ILE B 562 -61.07 6.23 -5.53
CA ILE B 562 -62.28 6.78 -6.15
C ILE B 562 -62.67 8.12 -5.53
N GLN B 563 -62.25 8.39 -4.29
CA GLN B 563 -62.40 9.73 -3.74
C GLN B 563 -61.39 10.69 -4.35
N TRP B 564 -60.24 10.17 -4.76
CA TRP B 564 -59.24 10.98 -5.45
C TRP B 564 -59.78 11.56 -6.76
N SER B 565 -60.70 10.85 -7.42
CA SER B 565 -61.22 11.30 -8.70
C SER B 565 -62.42 12.23 -8.54
N GLN B 566 -63.35 11.87 -7.67
CA GLN B 566 -64.55 12.66 -7.39
C GLN B 566 -64.45 13.25 -6.00
N ASN B 567 -64.61 14.56 -5.89
CA ASN B 567 -64.52 15.27 -4.62
C ASN B 567 -63.16 15.01 -3.97
N PRO B 568 -62.07 15.52 -4.56
CA PRO B 568 -60.74 15.29 -3.99
C PRO B 568 -60.37 16.29 -2.91
N THR B 569 -61.02 17.46 -2.91
CA THR B 569 -60.74 18.45 -1.88
C THR B 569 -61.11 17.95 -0.50
N MET B 570 -62.05 17.00 -0.41
CA MET B 570 -62.39 16.38 0.86
C MET B 570 -61.45 15.25 1.23
N LEU B 571 -60.49 14.90 0.36
CA LEU B 571 -59.45 13.94 0.68
C LEU B 571 -58.19 14.64 1.17
N TYR B 572 -57.88 15.81 0.61
CA TYR B 572 -56.70 16.54 1.05
C TYR B 572 -56.92 17.12 2.43
N ASN B 573 -58.10 17.71 2.66
CA ASN B 573 -58.45 18.27 3.96
C ASN B 573 -58.98 17.14 4.84
N LYS B 574 -58.06 16.27 5.24
CA LYS B 574 -58.37 15.05 5.96
C LYS B 574 -57.53 14.98 7.22
N MET B 575 -58.13 14.41 8.26
CA MET B 575 -57.57 14.42 9.60
C MET B 575 -56.42 13.42 9.78
N GLU B 576 -56.03 12.71 8.72
CA GLU B 576 -55.00 11.69 8.80
C GLU B 576 -53.63 12.20 8.34
N PHE B 577 -53.59 13.29 7.58
CA PHE B 577 -52.38 13.84 7.03
C PHE B 577 -51.82 15.00 7.85
N GLU B 578 -52.38 15.25 9.03
CA GLU B 578 -51.98 16.37 9.86
C GLU B 578 -50.69 16.12 10.65
N PRO B 579 -50.43 14.91 11.16
CA PRO B 579 -49.12 14.67 11.77
C PRO B 579 -47.98 14.75 10.78
N PHE B 580 -48.24 14.40 9.52
CA PHE B 580 -47.23 14.53 8.48
C PHE B 580 -46.85 15.98 8.27
N GLN B 581 -47.86 16.83 8.04
CA GLN B 581 -47.67 18.25 7.77
C GLN B 581 -46.85 18.97 8.82
N SER B 582 -46.84 18.48 10.06
CA SER B 582 -46.00 19.07 11.09
C SER B 582 -44.50 18.92 10.79
N LEU B 583 -44.13 18.02 9.89
CA LEU B 583 -42.74 17.80 9.53
C LEU B 583 -42.31 18.63 8.32
N VAL B 584 -43.21 18.84 7.37
CA VAL B 584 -42.93 19.75 6.26
C VAL B 584 -42.61 21.13 6.85
N PRO B 585 -41.59 21.85 6.37
CA PRO B 585 -41.32 23.18 6.94
C PRO B 585 -42.41 24.17 6.56
N LYS B 586 -42.70 25.08 7.50
CA LYS B 586 -43.83 25.98 7.36
C LYS B 586 -43.72 26.90 6.15
N ALA B 587 -42.53 27.05 5.58
CA ALA B 587 -42.33 27.97 4.47
C ALA B 587 -42.70 27.37 3.12
N ALA B 588 -42.59 26.05 2.98
CA ALA B 588 -42.73 25.37 1.69
C ALA B 588 -43.86 24.36 1.73
N ARG B 589 -44.90 24.65 2.51
CA ARG B 589 -46.07 23.77 2.54
C ARG B 589 -47.00 24.07 1.37
N GLY B 590 -47.36 25.33 1.20
CA GLY B 590 -48.32 25.68 0.16
C GLY B 590 -47.73 25.60 -1.23
N GLN B 591 -46.42 25.81 -1.36
CA GLN B 591 -45.78 25.66 -2.65
C GLN B 591 -45.84 24.21 -3.11
N TYR B 592 -45.44 23.30 -2.21
CA TYR B 592 -45.60 21.87 -2.46
C TYR B 592 -47.05 21.52 -2.78
N SER B 593 -47.99 22.12 -2.05
CA SER B 593 -49.39 21.78 -2.25
C SER B 593 -49.88 22.19 -3.64
N GLY B 594 -49.63 23.43 -4.04
CA GLY B 594 -50.00 23.86 -5.38
C GLY B 594 -49.34 23.02 -6.46
N PHE B 595 -48.04 22.77 -6.31
CA PHE B 595 -47.30 21.90 -7.21
C PHE B 595 -48.01 20.56 -7.38
N VAL B 596 -48.28 19.89 -6.26
CA VAL B 596 -48.82 18.53 -6.31
C VAL B 596 -50.25 18.51 -6.82
N ARG B 597 -51.05 19.49 -6.43
CA ARG B 597 -52.44 19.53 -6.90
C ARG B 597 -52.50 19.79 -8.40
N THR B 598 -51.61 20.64 -8.93
CA THR B 598 -51.58 20.84 -10.37
C THR B 598 -51.13 19.56 -11.08
N LEU B 599 -50.12 18.89 -10.52
CA LEU B 599 -49.72 17.56 -10.99
C LEU B 599 -50.91 16.62 -11.11
N PHE B 600 -51.61 16.37 -10.00
CA PHE B 600 -52.73 15.46 -10.02
C PHE B 600 -53.84 15.91 -10.96
N GLN B 601 -54.06 17.22 -11.08
CA GLN B 601 -55.16 17.69 -11.92
C GLN B 601 -54.88 17.43 -13.39
N GLN B 602 -53.68 17.78 -13.86
CA GLN B 602 -53.34 17.48 -15.23
C GLN B 602 -53.05 16.00 -15.45
N MET B 603 -52.85 15.23 -14.38
CA MET B 603 -52.81 13.78 -14.48
C MET B 603 -54.22 13.20 -14.68
N ARG B 604 -55.24 13.88 -14.15
CA ARG B 604 -56.61 13.51 -14.43
C ARG B 604 -57.04 13.96 -15.83
N ASP B 605 -56.53 15.09 -16.30
CA ASP B 605 -56.99 15.66 -17.56
C ASP B 605 -56.68 14.74 -18.74
N VAL B 606 -55.40 14.45 -18.95
CA VAL B 606 -54.99 13.60 -20.06
C VAL B 606 -55.23 12.14 -19.70
N LEU B 607 -55.75 11.37 -20.65
CA LEU B 607 -56.10 9.98 -20.43
C LEU B 607 -54.94 9.07 -20.80
N GLY B 608 -54.86 7.94 -20.10
CA GLY B 608 -53.80 6.98 -20.28
C GLY B 608 -52.61 7.17 -19.37
N THR B 609 -52.74 8.00 -18.34
CA THR B 609 -51.66 8.28 -17.40
C THR B 609 -52.19 8.02 -16.01
N PHE B 610 -51.62 7.02 -15.32
CA PHE B 610 -52.02 6.70 -13.96
C PHE B 610 -50.92 5.87 -13.33
N ASP B 611 -50.36 6.37 -12.22
CA ASP B 611 -49.32 5.69 -11.48
C ASP B 611 -49.71 5.76 -10.02
N THR B 612 -50.03 4.60 -9.44
CA THR B 612 -50.49 4.57 -8.06
C THR B 612 -49.40 5.00 -7.10
N VAL B 613 -48.14 4.76 -7.45
CA VAL B 613 -47.05 5.17 -6.57
C VAL B 613 -46.99 6.69 -6.41
N GLN B 614 -47.19 7.43 -7.50
CA GLN B 614 -47.16 8.89 -7.41
C GLN B 614 -48.27 9.41 -6.49
N ILE B 615 -49.46 8.86 -6.63
CA ILE B 615 -50.59 9.30 -5.81
C ILE B 615 -50.34 8.94 -4.35
N ILE B 616 -49.82 7.74 -4.10
CA ILE B 616 -49.53 7.31 -2.74
C ILE B 616 -48.38 8.10 -2.14
N LYS B 617 -47.51 8.68 -2.98
CA LYS B 617 -46.33 9.41 -2.52
C LYS B 617 -46.63 10.86 -2.19
N LEU B 618 -47.39 11.52 -3.03
CA LEU B 618 -47.49 12.98 -3.00
C LEU B 618 -48.75 13.48 -2.30
N LEU B 619 -49.60 12.61 -1.78
CA LEU B 619 -50.82 13.09 -1.13
C LEU B 619 -50.55 13.78 0.19
N PRO B 620 -49.71 13.26 1.09
CA PRO B 620 -49.43 13.98 2.35
C PRO B 620 -48.87 15.36 2.18
N PHE B 621 -48.37 15.72 0.99
CA PHE B 621 -47.88 17.06 0.71
C PHE B 621 -48.96 17.99 0.17
N ALA B 622 -50.06 17.44 -0.33
CA ALA B 622 -51.18 18.23 -0.79
C ALA B 622 -52.20 18.52 0.30
N ALA B 623 -51.93 18.11 1.54
CA ALA B 623 -52.83 18.40 2.64
C ALA B 623 -52.92 19.89 2.91
N ALA B 624 -51.80 20.60 2.79
CA ALA B 624 -51.68 21.95 3.32
C ALA B 624 -52.53 22.92 2.52
N PRO B 625 -52.74 24.13 3.04
CA PRO B 625 -53.38 25.17 2.25
C PRO B 625 -52.56 25.50 1.02
N PRO B 626 -53.17 25.74 -0.15
CA PRO B 626 -52.38 25.93 -1.35
C PRO B 626 -51.89 27.36 -1.55
N LYS B 627 -50.58 27.51 -1.68
CA LYS B 627 -49.96 28.75 -2.15
C LYS B 627 -49.46 28.51 -3.56
N GLN B 628 -49.79 29.41 -4.47
CA GLN B 628 -49.37 29.25 -5.85
C GLN B 628 -47.92 29.66 -6.02
N SER B 629 -47.37 29.31 -7.17
CA SER B 629 -45.94 29.50 -7.44
C SER B 629 -45.69 29.22 -8.91
N ARG B 630 -44.45 29.44 -9.32
CA ARG B 630 -44.03 29.29 -10.71
C ARG B 630 -42.88 28.32 -10.90
N MET B 631 -42.24 27.87 -9.82
CA MET B 631 -41.02 27.09 -9.92
C MET B 631 -41.35 25.60 -9.90
N GLN B 632 -40.30 24.77 -9.80
CA GLN B 632 -40.42 23.34 -9.89
C GLN B 632 -39.45 22.70 -8.91
N PHE B 633 -39.70 21.43 -8.61
CA PHE B 633 -38.96 20.72 -7.59
C PHE B 633 -38.51 19.37 -8.13
N SER B 634 -37.31 18.96 -7.71
CA SER B 634 -36.81 17.62 -7.95
C SER B 634 -37.01 16.70 -6.77
N SER B 635 -37.24 17.26 -5.58
CA SER B 635 -37.47 16.48 -4.39
C SER B 635 -38.38 17.28 -3.46
N LEU B 636 -38.72 16.67 -2.34
CA LEU B 636 -39.63 17.25 -1.36
C LEU B 636 -39.08 16.91 0.01
N THR B 637 -38.76 17.93 0.79
CA THR B 637 -38.07 17.73 2.05
C THR B 637 -39.06 17.47 3.18
N VAL B 638 -38.67 16.59 4.09
CA VAL B 638 -39.42 16.31 5.30
C VAL B 638 -38.41 16.21 6.43
N ASN B 639 -38.70 16.85 7.56
CA ASN B 639 -37.73 17.00 8.64
C ASN B 639 -37.77 15.80 9.56
N VAL B 640 -36.71 14.99 9.47
CA VAL B 640 -36.60 13.72 10.23
C VAL B 640 -35.24 13.73 10.90
N ARG B 641 -35.17 14.16 12.18
CA ARG B 641 -33.91 14.25 12.95
C ARG B 641 -33.20 15.57 12.62
N GLY B 642 -33.92 16.70 12.62
CA GLY B 642 -33.35 18.01 12.27
C GLY B 642 -32.66 17.92 10.92
N SER B 643 -32.93 16.87 10.16
CA SER B 643 -32.30 16.61 8.88
C SER B 643 -33.38 16.52 7.82
N GLY B 644 -33.14 17.12 6.67
CA GLY B 644 -34.12 17.12 5.61
C GLY B 644 -34.00 15.91 4.72
N MET B 645 -34.82 14.89 4.98
CA MET B 645 -34.90 13.75 4.08
C MET B 645 -35.68 14.16 2.84
N ARG B 646 -35.08 13.93 1.69
CA ARG B 646 -35.64 14.35 0.42
C ARG B 646 -36.34 13.16 -0.23
N ILE B 647 -37.61 13.36 -0.58
CA ILE B 647 -38.41 12.36 -1.27
C ILE B 647 -38.47 12.77 -2.73
N LEU B 648 -37.98 11.90 -3.61
CA LEU B 648 -37.87 12.25 -5.02
C LEU B 648 -39.19 12.05 -5.72
N VAL B 649 -39.62 13.09 -6.43
CA VAL B 649 -40.85 13.02 -7.21
C VAL B 649 -40.76 11.88 -8.21
N ARG B 650 -39.80 11.96 -9.12
CA ARG B 650 -39.56 10.94 -10.13
C ARG B 650 -38.67 9.86 -9.55
N GLY B 651 -39.20 8.65 -9.44
CA GLY B 651 -38.40 7.50 -9.10
C GLY B 651 -38.35 7.20 -7.62
N ASN B 652 -37.55 6.19 -7.32
CA ASN B 652 -37.41 5.67 -5.98
C ASN B 652 -36.37 6.45 -5.20
N SER B 653 -36.27 6.15 -3.92
CA SER B 653 -35.32 6.79 -3.03
C SER B 653 -35.00 5.82 -1.90
N PRO B 654 -34.00 6.14 -1.08
CA PRO B 654 -33.80 5.35 0.14
C PRO B 654 -34.94 5.47 1.13
N VAL B 655 -35.74 6.53 1.05
CA VAL B 655 -36.87 6.72 1.94
C VAL B 655 -38.18 6.19 1.38
N PHE B 656 -38.29 6.07 0.06
CA PHE B 656 -39.51 5.61 -0.60
C PHE B 656 -39.11 4.80 -1.81
N ASN B 657 -39.26 3.48 -1.73
CA ASN B 657 -38.95 2.61 -2.85
C ASN B 657 -40.02 1.54 -3.00
N TYR B 658 -40.57 1.43 -4.20
CA TYR B 658 -41.54 0.40 -4.57
C TYR B 658 -40.85 -0.63 -5.45
N ASN B 659 -40.64 -1.83 -4.91
CA ASN B 659 -40.10 -2.91 -5.72
C ASN B 659 -41.13 -3.36 -6.74
N LYS B 660 -40.68 -3.47 -7.99
CA LYS B 660 -41.53 -3.91 -9.08
C LYS B 660 -41.62 -5.43 -9.19
N ALA B 661 -40.84 -6.17 -8.40
CA ALA B 661 -40.81 -7.62 -8.48
C ALA B 661 -41.78 -8.26 -7.48
N THR B 662 -41.57 -8.01 -6.19
CA THR B 662 -42.44 -8.53 -5.14
C THR B 662 -43.55 -7.55 -4.76
N LYS B 663 -43.62 -6.39 -5.39
CA LYS B 663 -44.70 -5.42 -5.27
C LYS B 663 -44.82 -4.80 -3.88
N ARG B 664 -43.88 -5.05 -2.98
CA ARG B 664 -43.91 -4.42 -1.67
C ARG B 664 -43.47 -2.97 -1.77
N LEU B 665 -44.14 -2.10 -1.02
CA LEU B 665 -43.68 -0.75 -0.77
C LEU B 665 -42.86 -0.73 0.51
N THR B 666 -41.88 0.15 0.54
CA THR B 666 -40.90 0.19 1.63
C THR B 666 -40.63 1.65 1.99
N VAL B 667 -40.92 2.00 3.23
CA VAL B 667 -40.63 3.32 3.78
C VAL B 667 -39.55 3.16 4.83
N LEU B 668 -38.40 3.79 4.59
CA LEU B 668 -37.36 3.97 5.60
C LEU B 668 -36.80 2.65 6.09
N GLY B 669 -36.92 1.59 5.30
CA GLY B 669 -36.53 0.27 5.71
C GLY B 669 -37.63 -0.54 6.35
N LYS B 670 -38.85 -0.02 6.39
CA LYS B 670 -39.98 -0.70 7.01
C LYS B 670 -41.04 -0.94 5.95
N ASP B 671 -41.53 -2.17 5.87
CA ASP B 671 -42.62 -2.50 4.96
C ASP B 671 -43.85 -1.69 5.30
N ALA B 672 -44.60 -1.29 4.26
CA ALA B 672 -45.80 -0.49 4.42
C ALA B 672 -46.91 -0.98 3.51
N GLY B 673 -46.94 -2.27 3.22
CA GLY B 673 -48.06 -2.88 2.54
C GLY B 673 -47.74 -3.30 1.12
N ALA B 674 -48.36 -4.39 0.70
CA ALA B 674 -48.31 -4.81 -0.69
C ALA B 674 -49.27 -3.96 -1.50
N LEU B 675 -48.84 -3.62 -2.71
CA LEU B 675 -49.54 -2.69 -3.58
C LEU B 675 -50.08 -3.46 -4.78
N THR B 676 -51.30 -3.13 -5.20
CA THR B 676 -52.07 -3.96 -6.11
C THR B 676 -52.05 -3.37 -7.50
N GLU B 677 -52.41 -4.20 -8.49
CA GLU B 677 -52.24 -3.88 -9.90
C GLU B 677 -53.57 -3.38 -10.44
N ASP B 678 -53.66 -2.07 -10.65
CA ASP B 678 -54.83 -1.52 -11.31
C ASP B 678 -54.75 -1.83 -12.80
N PRO B 679 -55.81 -2.33 -13.44
CA PRO B 679 -55.73 -2.62 -14.88
C PRO B 679 -55.63 -1.37 -15.73
N ASP B 680 -56.08 -0.22 -15.25
CA ASP B 680 -55.99 1.03 -15.99
C ASP B 680 -54.62 1.70 -15.86
N GLU B 681 -53.63 1.02 -15.28
CA GLU B 681 -52.29 1.57 -15.18
C GLU B 681 -51.73 1.81 -16.57
N GLY B 682 -51.56 3.08 -16.95
CA GLY B 682 -51.02 3.40 -18.25
C GLY B 682 -49.58 2.96 -18.38
N THR B 683 -49.36 1.87 -19.12
CA THR B 683 -48.02 1.38 -19.43
C THR B 683 -47.58 1.88 -20.81
N ALA B 684 -47.59 3.21 -20.94
CA ALA B 684 -47.28 3.89 -22.18
C ALA B 684 -45.96 4.66 -22.13
N GLY B 685 -45.23 4.58 -21.03
CA GLY B 685 -44.00 5.32 -20.89
C GLY B 685 -44.18 6.79 -20.58
N VAL B 686 -45.41 7.28 -20.54
CA VAL B 686 -45.67 8.70 -20.32
C VAL B 686 -45.86 8.94 -18.84
N GLU B 687 -45.42 10.11 -18.38
CA GLU B 687 -45.44 10.49 -16.97
C GLU B 687 -45.88 11.95 -16.91
N SER B 688 -47.15 12.16 -16.56
CA SER B 688 -47.76 13.48 -16.56
C SER B 688 -47.71 14.17 -15.21
N ALA B 689 -47.13 13.53 -14.18
CA ALA B 689 -47.13 14.02 -12.82
C ALA B 689 -45.73 14.09 -12.26
N VAL B 690 -44.80 14.65 -13.03
CA VAL B 690 -43.43 14.89 -12.59
C VAL B 690 -43.05 16.36 -12.70
N LEU B 691 -43.40 16.99 -13.82
CA LEU B 691 -43.16 18.41 -14.05
C LEU B 691 -44.49 19.15 -13.97
N ARG B 692 -44.41 20.48 -13.83
CA ARG B 692 -45.61 21.25 -13.57
C ARG B 692 -46.47 21.38 -14.81
N GLY B 693 -45.94 22.01 -15.86
CA GLY B 693 -46.67 22.23 -17.08
C GLY B 693 -46.09 21.48 -18.27
N PHE B 694 -45.48 20.33 -18.00
CA PHE B 694 -44.82 19.54 -19.02
C PHE B 694 -45.14 18.07 -18.83
N LEU B 695 -45.20 17.36 -19.95
CA LEU B 695 -45.30 15.91 -19.99
C LEU B 695 -43.92 15.32 -20.22
N ILE B 696 -43.85 14.00 -20.17
CA ILE B 696 -42.60 13.25 -20.39
C ILE B 696 -42.94 12.20 -21.44
N LEU B 697 -42.52 12.42 -22.68
CA LEU B 697 -42.90 11.55 -23.78
C LEU B 697 -42.12 10.24 -23.79
N GLY B 698 -40.95 10.21 -23.17
CA GLY B 698 -40.16 8.99 -23.16
C GLY B 698 -38.70 9.21 -22.82
N LYS B 699 -37.81 8.64 -23.62
CA LYS B 699 -36.38 8.77 -23.43
C LYS B 699 -35.81 9.84 -24.35
N GLU B 700 -34.52 10.09 -24.22
CA GLU B 700 -33.89 11.20 -24.91
C GLU B 700 -33.73 10.91 -26.40
N ASP B 701 -33.57 11.98 -27.16
CA ASP B 701 -33.20 11.91 -28.56
C ASP B 701 -32.33 13.11 -28.88
N ARG B 702 -31.31 12.88 -29.71
CA ARG B 702 -30.28 13.89 -29.94
C ARG B 702 -30.70 14.97 -30.94
N ARG B 703 -31.97 14.98 -31.38
CA ARG B 703 -32.40 15.95 -32.37
C ARG B 703 -32.66 17.32 -31.76
N TYR B 704 -33.30 17.37 -30.60
CA TYR B 704 -33.78 18.61 -30.02
C TYR B 704 -32.73 19.31 -29.17
N GLY B 705 -31.46 18.93 -29.27
CA GLY B 705 -30.39 19.68 -28.67
C GLY B 705 -29.91 19.10 -27.35
N PRO B 706 -29.02 19.81 -26.67
CA PRO B 706 -28.46 19.28 -25.42
C PRO B 706 -29.47 19.27 -24.29
N ALA B 707 -29.06 18.78 -23.12
CA ALA B 707 -29.96 18.55 -22.00
C ALA B 707 -30.11 19.84 -21.20
N LEU B 708 -31.26 20.50 -21.37
CA LEU B 708 -31.64 21.59 -20.48
C LEU B 708 -31.81 21.07 -19.06
N SER B 709 -31.91 22.00 -18.11
CA SER B 709 -32.02 21.67 -16.69
C SER B 709 -33.35 22.19 -16.16
N ILE B 710 -33.69 21.72 -14.96
CA ILE B 710 -35.01 21.94 -14.38
C ILE B 710 -35.31 23.43 -14.23
N ASN B 711 -34.30 24.21 -13.84
CA ASN B 711 -34.51 25.60 -13.47
C ASN B 711 -34.35 26.57 -14.65
N GLU B 712 -34.40 26.06 -15.87
CA GLU B 712 -34.25 26.89 -17.07
C GLU B 712 -35.21 26.42 -18.15
N LEU B 713 -36.47 26.17 -17.77
CA LEU B 713 -37.49 25.66 -18.66
C LEU B 713 -38.59 26.65 -18.99
N SER B 714 -38.65 27.79 -18.29
CA SER B 714 -39.65 28.80 -18.62
C SER B 714 -39.40 29.45 -19.98
N ASN B 715 -38.18 29.31 -20.53
CA ASN B 715 -37.89 29.86 -21.84
C ASN B 715 -38.76 29.24 -22.92
N LEU B 716 -39.18 28.00 -22.75
CA LEU B 716 -39.93 27.30 -23.78
C LEU B 716 -41.34 27.88 -23.90
N ALA B 717 -42.12 27.34 -24.83
CA ALA B 717 -43.42 27.89 -25.17
C ALA B 717 -44.33 26.74 -25.60
N LYS B 718 -45.41 27.06 -26.30
CA LYS B 718 -46.40 26.07 -26.68
C LYS B 718 -45.80 25.03 -27.63
N GLY B 719 -46.08 23.77 -27.35
CA GLY B 719 -45.74 22.68 -28.24
C GLY B 719 -44.25 22.46 -28.46
N GLU B 720 -43.42 23.06 -27.62
CA GLU B 720 -41.98 23.03 -27.81
C GLU B 720 -41.42 21.82 -27.07
N LYS B 721 -41.16 20.75 -27.80
CA LYS B 721 -40.48 19.61 -27.23
C LYS B 721 -39.06 20.00 -26.83
N ALA B 722 -38.47 19.22 -25.93
CA ALA B 722 -37.11 19.51 -25.50
C ALA B 722 -36.59 18.33 -24.70
N ASN B 723 -35.30 18.38 -24.39
CA ASN B 723 -34.63 17.40 -23.54
C ASN B 723 -34.35 18.02 -22.19
N VAL B 724 -34.43 17.19 -21.15
CA VAL B 724 -34.19 17.62 -19.77
C VAL B 724 -33.45 16.50 -19.06
N LEU B 725 -32.43 16.85 -18.28
CA LEU B 725 -31.76 15.90 -17.41
C LEU B 725 -32.33 16.09 -16.01
N ILE B 726 -32.88 15.00 -15.47
CA ILE B 726 -33.52 14.99 -14.16
C ILE B 726 -33.22 13.66 -13.51
N GLY B 727 -33.72 13.50 -12.29
CA GLY B 727 -33.55 12.27 -11.59
C GLY B 727 -32.09 11.97 -11.34
N GLN B 728 -31.81 10.70 -11.10
CA GLN B 728 -30.44 10.24 -10.93
C GLN B 728 -29.78 10.22 -12.30
N GLY B 729 -29.41 11.40 -12.78
CA GLY B 729 -28.62 11.57 -13.99
C GLY B 729 -29.22 10.91 -15.21
N ASP B 730 -30.52 11.12 -15.42
CA ASP B 730 -31.25 10.51 -16.52
C ASP B 730 -31.85 11.60 -17.38
N VAL B 731 -31.62 11.51 -18.69
CA VAL B 731 -32.15 12.46 -19.65
C VAL B 731 -33.44 11.91 -20.22
N VAL B 732 -34.40 12.81 -20.47
CA VAL B 732 -35.72 12.45 -20.96
C VAL B 732 -36.17 13.55 -21.92
N LEU B 733 -37.20 13.25 -22.68
CA LEU B 733 -37.85 14.20 -23.56
C LEU B 733 -39.13 14.69 -22.89
N VAL B 734 -39.45 15.96 -23.11
CA VAL B 734 -40.62 16.59 -22.50
C VAL B 734 -41.30 17.46 -23.54
N MET B 735 -42.54 17.82 -23.23
CA MET B 735 -43.42 18.54 -24.13
C MET B 735 -44.31 19.45 -23.30
N LYS B 736 -44.42 20.72 -23.70
CA LYS B 736 -45.30 21.65 -23.03
C LYS B 736 -46.74 21.46 -23.51
N ARG B 737 -47.67 22.03 -22.74
CA ARG B 737 -49.09 21.85 -22.95
C ARG B 737 -49.74 23.11 -23.51
N TYR E 1 -25.13 28.68 8.66
CA TYR E 1 -24.50 28.84 9.97
C TYR E 1 -23.49 29.98 9.95
N SER E 2 -23.64 30.91 10.88
CA SER E 2 -22.75 32.06 10.99
C SER E 2 -21.98 32.00 12.30
N PRO E 3 -20.66 31.85 12.25
CA PRO E 3 -19.88 31.72 13.50
C PRO E 3 -20.05 32.92 14.42
N THR E 4 -20.08 32.68 15.72
CA THR E 4 -20.21 33.75 16.70
C THR E 4 -19.40 33.45 17.95
N PRO E 6 -18.06 34.23 21.46
CA PRO E 6 -18.42 35.02 22.64
C PRO E 6 -17.43 36.14 22.92
N SER E 7 -16.15 35.88 22.68
CA SER E 7 -15.11 36.89 22.81
C SER E 7 -15.09 37.79 21.58
N TYR E 8 -16.15 37.73 20.78
CA TYR E 8 -16.24 38.45 19.51
C TYR E 8 -15.69 39.86 19.62
N SER E 9 -16.15 40.61 20.62
CA SER E 9 -15.78 42.00 20.76
C SER E 9 -15.94 42.73 19.43
N PRO E 10 -17.07 42.57 18.75
CA PRO E 10 -17.23 43.21 17.44
C PRO E 10 -17.24 44.73 17.53
N THR E 11 -17.45 45.25 18.73
CA THR E 11 -17.50 46.69 18.95
C THR E 11 -16.36 47.15 19.85
N PRO E 13 -12.84 46.76 19.54
CA PRO E 13 -11.83 47.51 18.79
C PRO E 13 -12.44 48.61 17.95
N SER E 14 -11.90 49.82 18.04
CA SER E 14 -12.38 50.92 17.22
C SER E 14 -12.12 50.70 15.74
N TYR E 15 -11.11 49.90 15.40
CA TYR E 15 -10.79 49.62 14.01
C TYR E 15 -9.91 48.37 13.92
N SER E 16 -10.11 47.56 12.90
CA SER E 16 -9.24 46.41 12.73
C SER E 16 -7.86 46.89 12.32
N PRO E 17 -6.82 46.59 13.10
CA PRO E 17 -5.48 47.09 12.75
C PRO E 17 -4.97 46.58 11.41
N THR E 18 -5.34 45.37 11.01
CA THR E 18 -4.83 44.78 9.77
C THR E 18 -5.64 45.24 8.57
N PRO E 20 -8.05 47.86 7.71
CA PRO E 20 -8.70 49.13 8.00
C PRO E 20 -9.62 49.58 6.87
N SER E 21 -9.93 50.87 6.83
CA SER E 21 -10.79 51.45 5.81
C SER E 21 -10.11 52.53 4.98
N TYR E 22 -9.27 53.36 5.62
CA TYR E 22 -8.54 54.44 4.96
C TYR E 22 -9.31 55.09 3.82
N SER E 23 -9.56 54.34 2.75
CA SER E 23 -10.16 54.87 1.53
C SER E 23 -11.54 55.45 1.82
N PRO E 24 -11.95 56.49 1.10
CA PRO E 24 -13.30 57.02 1.28
C PRO E 24 -14.39 56.01 0.98
N THR E 25 -14.11 55.04 0.11
CA THR E 25 -15.05 53.97 -0.22
C THR E 25 -16.44 54.50 -0.54
N MET F 1 -7.74 36.29 27.49
CA MET F 1 -7.47 34.82 27.47
C MET F 1 -6.29 34.49 26.57
N ASP F 2 -5.37 33.68 27.09
CA ASP F 2 -4.21 33.20 26.34
C ASP F 2 -4.53 31.79 25.86
N VAL F 3 -4.93 31.67 24.58
CA VAL F 3 -5.28 30.37 24.04
C VAL F 3 -4.11 29.41 24.22
N ASN F 4 -4.42 28.17 24.56
CA ASN F 4 -3.40 27.21 24.98
C ASN F 4 -3.84 25.82 24.53
N PRO F 5 -3.48 25.43 23.30
CA PRO F 5 -3.99 24.14 22.78
C PRO F 5 -3.65 22.96 23.67
N THR F 6 -2.48 22.95 24.29
CA THR F 6 -2.09 21.81 25.11
C THR F 6 -3.00 21.64 26.31
N LEU F 7 -3.74 22.68 26.71
CA LEU F 7 -4.69 22.54 27.81
C LEU F 7 -5.89 21.71 27.43
N LEU F 8 -6.06 21.37 26.16
CA LEU F 8 -7.16 20.52 25.74
C LEU F 8 -7.05 19.12 26.32
N PHE F 9 -5.86 18.69 26.75
CA PHE F 9 -5.69 17.35 27.26
C PHE F 9 -6.19 17.20 28.70
N LEU F 10 -6.62 18.29 29.34
CA LEU F 10 -7.26 18.15 30.63
C LEU F 10 -8.57 17.38 30.52
N LYS F 11 -9.21 17.41 29.36
CA LYS F 11 -10.48 16.73 29.14
C LYS F 11 -10.36 15.58 28.16
N VAL F 12 -9.81 15.82 26.97
CA VAL F 12 -9.64 14.75 25.99
C VAL F 12 -8.46 13.88 26.40
N PRO F 13 -8.64 12.58 26.58
CA PRO F 13 -7.49 11.73 26.92
C PRO F 13 -6.40 11.85 25.88
N ALA F 14 -5.14 11.76 26.34
CA ALA F 14 -4.01 12.03 25.46
C ALA F 14 -4.06 11.18 24.20
N GLN F 15 -4.44 9.91 24.33
CA GLN F 15 -4.44 9.04 23.17
C GLN F 15 -5.39 9.53 22.08
N ASN F 16 -6.60 9.93 22.48
CA ASN F 16 -7.60 10.33 21.49
C ASN F 16 -7.14 11.53 20.68
N ALA F 17 -6.68 12.58 21.36
CA ALA F 17 -6.21 13.79 20.71
C ALA F 17 -4.71 13.76 20.46
N ILE F 18 -4.13 12.58 20.25
CA ILE F 18 -2.68 12.49 20.09
C ILE F 18 -2.24 13.05 18.75
N SER F 19 -3.15 13.14 17.79
CA SER F 19 -2.79 13.71 16.49
C SER F 19 -2.36 15.16 16.59
N THR F 20 -2.74 15.84 17.68
CA THR F 20 -2.40 17.25 17.83
C THR F 20 -0.90 17.44 18.02
N THR F 21 -0.22 16.47 18.64
CA THR F 21 1.18 16.60 19.01
C THR F 21 2.13 16.03 17.95
N PHE F 22 1.72 16.02 16.69
CA PHE F 22 2.54 15.53 15.58
C PHE F 22 2.75 16.67 14.61
N PRO F 23 3.84 17.42 14.73
CA PRO F 23 4.07 18.52 13.78
C PRO F 23 4.53 18.03 12.43
N TYR F 24 3.67 17.26 11.75
CA TYR F 24 3.96 16.72 10.44
C TYR F 24 3.39 17.57 9.32
N THR F 25 3.37 18.89 9.49
CA THR F 25 2.90 19.79 8.45
C THR F 25 4.00 20.69 7.91
N GLY F 26 5.17 20.70 8.54
CA GLY F 26 6.28 21.53 8.10
C GLY F 26 7.42 20.70 7.53
N ASP F 27 8.31 21.38 6.84
CA ASP F 27 9.39 20.69 6.15
C ASP F 27 10.23 19.90 7.15
N PRO F 28 10.50 18.62 6.90
CA PRO F 28 11.33 17.86 7.82
C PRO F 28 12.76 18.36 7.77
N PRO F 29 13.52 18.20 8.85
CA PRO F 29 14.91 18.64 8.83
C PRO F 29 15.71 17.89 7.77
N TYR F 30 16.57 18.63 7.07
CA TYR F 30 17.39 18.07 6.01
C TYR F 30 18.86 18.33 6.29
N SER F 31 19.68 17.30 6.07
CA SER F 31 21.12 17.46 6.21
C SER F 31 21.62 18.46 5.20
N HIS F 32 22.41 19.42 5.67
CA HIS F 32 22.84 20.56 4.86
C HIS F 32 24.25 20.40 4.31
N GLY F 33 24.83 19.22 4.39
CA GLY F 33 26.19 19.05 3.94
C GLY F 33 26.70 17.63 4.02
N THR F 34 27.91 17.47 4.55
CA THR F 34 28.63 16.22 4.46
C THR F 34 28.30 15.30 5.63
N GLY F 35 28.13 14.03 5.31
CA GLY F 35 27.84 13.04 6.32
C GLY F 35 29.11 12.42 6.89
N THR F 36 30.25 13.07 6.67
CA THR F 36 31.51 12.59 7.22
C THR F 36 31.73 13.05 8.65
N GLY F 37 30.87 13.90 9.19
CA GLY F 37 30.99 14.29 10.58
C GLY F 37 30.19 13.37 11.47
N TYR F 38 29.17 12.72 10.90
CA TYR F 38 28.39 11.74 11.63
C TYR F 38 28.94 10.34 11.48
N THR F 39 29.57 10.02 10.35
CA THR F 39 30.14 8.69 10.18
C THR F 39 31.31 8.46 11.13
N MET F 40 32.18 9.45 11.29
CA MET F 40 33.28 9.30 12.23
C MET F 40 32.75 9.16 13.65
N ASP F 41 31.69 9.92 13.98
CA ASP F 41 31.09 9.78 15.29
C ASP F 41 30.50 8.38 15.49
N THR F 42 29.85 7.84 14.47
CA THR F 42 29.31 6.49 14.58
C THR F 42 30.41 5.47 14.78
N VAL F 43 31.50 5.59 14.03
CA VAL F 43 32.61 4.66 14.19
C VAL F 43 33.19 4.76 15.59
N ASN F 44 33.42 5.98 16.07
CA ASN F 44 33.99 6.16 17.39
C ASN F 44 33.07 5.59 18.47
N ARG F 45 31.77 5.87 18.37
CA ARG F 45 30.84 5.36 19.37
C ARG F 45 30.77 3.84 19.34
N THR F 46 30.78 3.25 18.15
CA THR F 46 30.75 1.80 18.05
C THR F 46 31.98 1.20 18.70
N HIS F 47 33.14 1.82 18.51
CA HIS F 47 34.35 1.35 19.17
C HIS F 47 34.40 1.74 20.65
N GLN F 48 33.51 2.61 21.11
CA GLN F 48 33.50 3.03 22.51
C GLN F 48 32.54 2.21 23.37
N TYR F 49 31.54 1.58 22.75
CA TYR F 49 30.69 0.63 23.47
C TYR F 49 31.29 -0.76 23.53
N SER F 50 32.49 -0.94 22.98
CA SER F 50 33.12 -2.25 22.93
C SER F 50 34.61 -2.19 23.23
N GLU F 51 35.08 -1.08 23.80
CA GLU F 51 36.52 -0.88 23.95
C GLU F 51 37.16 -2.00 24.77
N LYS F 52 36.45 -2.54 25.75
CA LYS F 52 37.01 -3.63 26.54
C LYS F 52 37.18 -4.91 25.71
N GLY F 53 36.62 -4.97 24.52
CA GLY F 53 36.73 -6.14 23.67
C GLY F 53 38.16 -6.48 23.34
N ARG F 54 38.35 -7.54 22.55
CA ARG F 54 39.67 -8.07 22.25
C ARG F 54 40.13 -7.56 20.88
N TRP F 55 41.13 -6.69 20.86
CA TRP F 55 41.65 -6.17 19.61
C TRP F 55 42.38 -7.26 18.83
N THR F 56 42.55 -7.01 17.54
CA THR F 56 43.26 -7.93 16.66
C THR F 56 43.63 -7.18 15.38
N THR F 57 44.10 -7.91 14.38
CA THR F 57 44.51 -7.30 13.12
C THR F 57 44.18 -8.28 11.99
N ASN F 58 43.20 -7.93 11.17
CA ASN F 58 42.85 -8.77 10.04
C ASN F 58 44.06 -8.97 9.13
N THR F 59 44.28 -10.21 8.72
CA THR F 59 45.47 -10.58 7.96
C THR F 59 45.28 -10.50 6.46
N GLU F 60 44.08 -10.19 5.98
CA GLU F 60 43.81 -10.04 4.57
C GLU F 60 43.57 -8.59 4.17
N THR F 61 42.63 -7.91 4.82
CA THR F 61 42.46 -6.49 4.59
C THR F 61 43.55 -5.66 5.25
N GLY F 62 44.25 -6.24 6.23
CA GLY F 62 45.33 -5.55 6.91
C GLY F 62 44.88 -4.36 7.73
N ALA F 63 43.72 -4.47 8.40
CA ALA F 63 43.20 -3.39 9.20
C ALA F 63 42.84 -3.89 10.59
N PRO F 64 42.95 -3.04 11.61
CA PRO F 64 42.59 -3.48 12.96
C PRO F 64 41.10 -3.76 13.09
N GLN F 65 40.79 -4.74 13.93
CA GLN F 65 39.41 -5.15 14.15
C GLN F 65 39.18 -5.42 15.63
N LEU F 66 37.94 -5.24 16.05
CA LEU F 66 37.54 -5.40 17.44
C LEU F 66 36.60 -6.58 17.58
N ASN F 67 36.78 -7.36 18.65
CA ASN F 67 36.02 -8.58 18.87
C ASN F 67 35.45 -8.57 20.28
N PRO F 68 34.30 -7.93 20.49
CA PRO F 68 33.74 -7.84 21.85
C PRO F 68 33.04 -9.10 22.34
N ILE F 69 32.61 -9.97 21.43
CA ILE F 69 31.86 -11.15 21.84
C ILE F 69 32.57 -11.85 22.99
N ASP F 70 31.78 -12.45 23.89
CA ASP F 70 32.32 -13.13 25.06
C ASP F 70 33.25 -12.22 25.85
N GLY F 71 32.99 -10.92 25.82
CA GLY F 71 33.74 -9.98 26.61
C GLY F 71 33.26 -9.94 28.04
N PRO F 72 33.94 -9.13 28.85
CA PRO F 72 33.56 -9.03 30.27
C PRO F 72 32.13 -8.54 30.42
N LEU F 73 31.43 -9.11 31.39
CA LEU F 73 30.03 -8.75 31.56
C LEU F 73 29.92 -7.28 31.93
N PRO F 74 28.93 -6.55 31.42
CA PRO F 74 28.82 -5.13 31.75
C PRO F 74 28.61 -4.91 33.24
N GLU F 75 29.22 -3.85 33.75
CA GLU F 75 29.14 -3.51 35.17
C GLU F 75 28.32 -2.25 35.44
N ASP F 76 28.01 -1.47 34.41
CA ASP F 76 27.17 -0.28 34.55
C ASP F 76 26.06 -0.34 33.53
N ASN F 77 25.01 0.44 33.77
CA ASN F 77 23.86 0.45 32.87
C ASN F 77 24.18 1.03 31.50
N GLU F 78 25.33 1.68 31.33
CA GLU F 78 25.68 2.28 30.05
C GLU F 78 25.60 1.23 28.95
N PRO F 79 25.45 1.64 27.68
CA PRO F 79 25.34 0.64 26.60
C PRO F 79 26.55 -0.27 26.56
N SER F 80 26.31 -1.54 26.27
CA SER F 80 27.35 -2.56 26.22
C SER F 80 27.13 -3.43 25.00
N GLY F 81 28.20 -3.67 24.25
CA GLY F 81 28.12 -4.53 23.09
C GLY F 81 28.70 -5.91 23.33
N TYR F 82 28.89 -6.27 24.59
CA TYR F 82 29.57 -7.51 24.95
C TYR F 82 28.55 -8.65 25.02
N ALA F 83 28.03 -9.00 23.85
CA ALA F 83 27.12 -10.13 23.75
C ALA F 83 27.84 -11.42 24.12
N GLN F 84 27.11 -12.33 24.74
CA GLN F 84 27.64 -13.61 25.17
C GLN F 84 27.13 -14.69 24.21
N THR F 85 28.06 -15.45 23.62
CA THR F 85 27.66 -16.44 22.63
C THR F 85 26.82 -17.55 23.26
N ASP F 86 27.18 -17.98 24.47
CA ASP F 86 26.41 -19.03 25.13
C ASP F 86 24.97 -18.58 25.35
N CYS F 87 24.77 -17.35 25.78
CA CYS F 87 23.43 -16.86 26.02
C CYS F 87 22.63 -16.75 24.72
N VAL F 88 23.28 -16.30 23.64
CA VAL F 88 22.59 -16.20 22.36
C VAL F 88 22.14 -17.59 21.91
N LEU F 89 23.02 -18.57 22.03
CA LEU F 89 22.64 -19.93 21.62
C LEU F 89 21.56 -20.49 22.53
N GLU F 90 21.59 -20.17 23.82
CA GLU F 90 20.49 -20.61 24.68
C GLU F 90 19.17 -20.01 24.25
N ALA F 91 19.17 -18.72 23.91
CA ALA F 91 17.95 -18.08 23.45
C ALA F 91 17.43 -18.76 22.19
N MET F 92 18.33 -19.03 21.23
CA MET F 92 17.90 -19.67 20.00
C MET F 92 17.39 -21.09 20.25
N ALA F 93 18.07 -21.84 21.11
CA ALA F 93 17.66 -23.22 21.38
C ALA F 93 16.29 -23.26 22.05
N PHE F 94 16.06 -22.37 23.03
CA PHE F 94 14.75 -22.32 23.65
C PHE F 94 13.69 -21.87 22.66
N LEU F 95 14.03 -20.95 21.76
CA LEU F 95 13.08 -20.56 20.72
C LEU F 95 12.70 -21.75 19.85
N GLU F 96 13.69 -22.56 19.48
CA GLU F 96 13.39 -23.74 18.67
C GLU F 96 12.54 -24.74 19.45
N GLU F 97 12.84 -24.93 20.74
CA GLU F 97 12.06 -25.87 21.54
C GLU F 97 10.60 -25.43 21.65
N SER F 98 10.37 -24.13 21.83
CA SER F 98 9.00 -23.65 21.98
C SER F 98 8.24 -23.74 20.66
N HIS F 99 8.94 -23.67 19.53
CA HIS F 99 8.34 -23.74 18.20
C HIS F 99 9.01 -24.86 17.42
N PRO F 100 8.64 -26.11 17.67
CA PRO F 100 9.35 -27.22 17.01
C PRO F 100 9.30 -27.11 15.50
N GLY F 101 10.44 -27.41 14.87
CA GLY F 101 10.50 -27.49 13.43
C GLY F 101 10.48 -26.16 12.70
N ILE F 102 10.62 -25.04 13.40
CA ILE F 102 10.63 -23.74 12.73
C ILE F 102 11.85 -23.62 11.83
N PHE F 103 13.02 -23.98 12.36
CA PHE F 103 14.25 -23.78 11.60
C PHE F 103 14.35 -24.75 10.43
N GLU F 104 13.89 -25.99 10.60
CA GLU F 104 13.94 -26.95 9.50
C GLU F 104 13.09 -26.47 8.32
N ASN F 105 11.85 -26.06 8.59
CA ASN F 105 10.98 -25.61 7.51
C ASN F 105 11.50 -24.33 6.88
N SER F 106 12.02 -23.41 7.70
CA SER F 106 12.58 -22.19 7.14
C SER F 106 13.75 -22.50 6.22
N CYS F 107 14.61 -23.44 6.63
CA CYS F 107 15.75 -23.80 5.80
C CYS F 107 15.29 -24.46 4.50
N LEU F 108 14.25 -25.30 4.55
CA LEU F 108 13.75 -25.90 3.32
C LEU F 108 13.27 -24.83 2.35
N GLU F 109 12.45 -23.90 2.85
CA GLU F 109 11.92 -22.86 1.97
C GLU F 109 13.05 -22.02 1.39
N THR F 110 14.03 -21.67 2.21
CA THR F 110 15.13 -20.85 1.72
C THR F 110 16.02 -21.62 0.75
N MET F 111 16.16 -22.94 0.94
CA MET F 111 16.91 -23.73 -0.03
C MET F 111 16.23 -23.69 -1.39
N GLU F 112 14.90 -23.82 -1.40
CA GLU F 112 14.18 -23.68 -2.67
C GLU F 112 14.42 -22.30 -3.27
N VAL F 113 14.31 -21.26 -2.45
CA VAL F 113 14.43 -19.90 -2.97
C VAL F 113 15.83 -19.66 -3.56
N VAL F 114 16.87 -20.09 -2.84
CA VAL F 114 18.23 -19.84 -3.29
C VAL F 114 18.55 -20.67 -4.54
N GLN F 115 18.05 -21.91 -4.60
CA GLN F 115 18.25 -22.68 -5.82
C GLN F 115 17.48 -22.10 -7.00
N GLN F 116 16.44 -21.30 -6.74
CA GLN F 116 15.58 -20.79 -7.82
C GLN F 116 15.89 -19.37 -8.25
N THR F 117 16.43 -18.53 -7.37
CA THR F 117 16.54 -17.10 -7.66
C THR F 117 17.51 -16.84 -8.81
N ARG F 118 17.25 -15.75 -9.53
CA ARG F 118 18.04 -15.34 -10.69
C ARG F 118 18.79 -14.06 -10.39
N VAL F 119 19.81 -13.79 -11.22
CA VAL F 119 20.65 -12.62 -11.01
C VAL F 119 19.84 -11.34 -11.15
N ASP F 120 18.75 -11.38 -11.92
CA ASP F 120 17.97 -10.16 -12.14
C ASP F 120 17.39 -9.61 -10.86
N LYS F 121 17.30 -10.42 -9.80
CA LYS F 121 16.67 -9.95 -8.58
C LYS F 121 17.49 -8.86 -7.90
N LEU F 122 18.81 -8.82 -8.14
CA LEU F 122 19.63 -7.78 -7.54
C LEU F 122 19.35 -6.42 -8.16
N THR F 123 18.63 -6.35 -9.27
CA THR F 123 18.30 -5.07 -9.86
C THR F 123 17.21 -4.35 -9.07
N GLN F 124 16.29 -5.11 -8.46
CA GLN F 124 15.23 -4.50 -7.68
C GLN F 124 15.76 -4.04 -6.33
N GLY F 125 16.56 -2.97 -6.33
CA GLY F 125 17.11 -2.43 -5.11
C GLY F 125 17.30 -0.93 -5.25
N ARG F 126 17.63 -0.31 -4.12
CA ARG F 126 17.84 1.13 -4.09
C ARG F 126 19.29 1.44 -4.49
N GLN F 127 19.73 2.67 -4.23
CA GLN F 127 21.09 3.06 -4.54
C GLN F 127 22.07 2.08 -3.91
N THR F 128 23.11 1.72 -4.67
CA THR F 128 24.19 0.88 -4.18
C THR F 128 25.51 1.48 -4.61
N TYR F 129 26.54 1.20 -3.83
CA TYR F 129 27.90 1.67 -4.10
C TYR F 129 28.57 0.67 -5.03
N ASP F 130 28.84 1.10 -6.27
CA ASP F 130 29.51 0.21 -7.20
C ASP F 130 31.02 0.40 -7.09
N TRP F 131 31.72 -0.72 -6.91
CA TRP F 131 33.13 -0.70 -6.58
C TRP F 131 34.02 -0.38 -7.76
N THR F 132 33.46 -0.09 -8.93
CA THR F 132 34.26 0.18 -10.12
C THR F 132 34.37 1.65 -10.44
N LEU F 133 33.52 2.50 -9.86
CA LEU F 133 33.59 3.94 -10.05
C LEU F 133 33.76 4.71 -8.74
N ASN F 134 33.63 4.05 -7.59
CA ASN F 134 33.68 4.71 -6.29
C ASN F 134 32.63 5.81 -6.20
N ARG F 135 31.43 5.51 -6.71
CA ARG F 135 30.30 6.42 -6.63
C ARG F 135 29.06 5.60 -6.32
N ASN F 136 27.93 6.28 -6.16
CA ASN F 136 26.65 5.63 -5.94
C ASN F 136 25.90 5.59 -7.26
N GLN F 137 25.60 4.37 -7.72
CA GLN F 137 24.89 4.17 -8.96
C GLN F 137 23.65 3.32 -8.69
N PRO F 138 22.59 3.48 -9.49
CA PRO F 138 21.42 2.63 -9.30
C PRO F 138 21.77 1.16 -9.27
N ALA F 139 20.89 0.31 -8.75
CA ALA F 139 21.24 -1.09 -8.59
C ALA F 139 21.57 -1.73 -9.93
N ALA F 140 20.74 -1.48 -10.94
CA ALA F 140 20.95 -2.11 -12.24
C ALA F 140 22.28 -1.71 -12.84
N THR F 141 22.63 -0.42 -12.78
CA THR F 141 23.89 0.04 -13.35
C THR F 141 25.08 -0.60 -12.64
N ALA F 142 25.03 -0.65 -11.31
CA ALA F 142 26.13 -1.26 -10.56
C ALA F 142 26.26 -2.74 -10.90
N LEU F 143 25.13 -3.45 -10.99
CA LEU F 143 25.18 -4.86 -11.33
C LEU F 143 25.75 -5.07 -12.74
N ALA F 144 25.35 -4.22 -13.69
CA ALA F 144 25.86 -4.35 -15.05
C ALA F 144 27.36 -4.10 -15.10
N ASN F 145 27.83 -3.07 -14.38
CA ASN F 145 29.27 -2.81 -14.35
C ASN F 145 30.02 -3.98 -13.72
N THR F 146 29.50 -4.52 -12.62
CA THR F 146 30.16 -5.63 -11.95
C THR F 146 30.25 -6.83 -12.88
N ILE F 147 29.15 -7.15 -13.57
CA ILE F 147 29.17 -8.31 -14.46
C ILE F 147 30.10 -8.08 -15.64
N GLU F 148 30.15 -6.85 -16.15
CA GLU F 148 31.08 -6.54 -17.23
C GLU F 148 32.52 -6.75 -16.80
N VAL F 149 32.87 -6.26 -15.60
CA VAL F 149 34.23 -6.44 -15.12
C VAL F 149 34.55 -7.92 -14.89
N PHE F 150 33.59 -8.66 -14.33
CA PHE F 150 33.82 -10.08 -14.11
C PHE F 150 34.06 -10.81 -15.43
N ARG F 151 33.25 -10.55 -16.44
CA ARG F 151 33.47 -11.18 -17.73
C ARG F 151 34.81 -10.78 -18.31
N SER F 152 35.17 -9.51 -18.19
CA SER F 152 36.44 -9.06 -18.75
C SER F 152 37.62 -9.74 -18.09
N ASN F 153 37.55 -9.95 -16.78
CA ASN F 153 38.69 -10.45 -16.02
C ASN F 153 38.73 -11.96 -15.91
N GLY F 154 37.86 -12.69 -16.61
CA GLY F 154 37.92 -14.14 -16.69
C GLY F 154 36.82 -14.84 -15.91
N LEU F 155 36.14 -14.13 -15.03
CA LEU F 155 35.01 -14.69 -14.29
C LEU F 155 33.79 -14.72 -15.20
N THR F 156 33.27 -15.91 -15.50
CA THR F 156 32.14 -16.03 -16.39
C THR F 156 31.09 -17.05 -15.95
N ALA F 157 31.17 -17.56 -14.72
CA ALA F 157 30.19 -18.54 -14.27
C ALA F 157 28.82 -17.94 -14.03
N ASN F 158 28.73 -16.61 -13.92
CA ASN F 158 27.42 -15.98 -13.73
C ASN F 158 26.58 -16.00 -14.98
N GLU F 159 27.14 -16.37 -16.13
CA GLU F 159 26.36 -16.41 -17.37
C GLU F 159 25.26 -17.45 -17.30
N SER F 160 25.33 -18.38 -16.35
CA SER F 160 24.25 -19.35 -16.19
C SER F 160 22.92 -18.68 -15.85
N GLY F 161 22.96 -17.50 -15.23
CA GLY F 161 21.77 -16.73 -14.93
C GLY F 161 21.27 -16.84 -13.51
N ARG F 162 21.66 -17.88 -12.78
CA ARG F 162 21.26 -18.01 -11.39
C ARG F 162 22.06 -17.06 -10.52
N LEU F 163 21.47 -16.64 -9.40
CA LEU F 163 22.17 -15.73 -8.50
C LEU F 163 23.32 -16.43 -7.80
N ILE F 164 23.14 -17.70 -7.43
CA ILE F 164 24.18 -18.41 -6.71
C ILE F 164 25.43 -18.55 -7.57
N ASP F 165 25.25 -18.67 -8.88
CA ASP F 165 26.41 -18.70 -9.77
C ASP F 165 27.16 -17.37 -9.74
N PHE F 166 26.42 -16.26 -9.72
CA PHE F 166 27.08 -14.96 -9.59
C PHE F 166 27.81 -14.86 -8.26
N LEU F 167 27.25 -15.45 -7.20
CA LEU F 167 27.95 -15.45 -5.91
C LEU F 167 29.24 -16.26 -5.99
N LYS F 168 29.20 -17.40 -6.68
CA LYS F 168 30.43 -18.16 -6.89
C LYS F 168 31.45 -17.31 -7.62
N ASP F 169 31.01 -16.55 -8.63
CA ASP F 169 31.92 -15.63 -9.32
C ASP F 169 32.49 -14.60 -8.36
N VAL F 170 31.66 -14.06 -7.48
CA VAL F 170 32.12 -13.05 -6.54
C VAL F 170 33.21 -13.62 -5.64
N MET F 171 32.99 -14.83 -5.12
CA MET F 171 33.99 -15.43 -4.24
C MET F 171 35.26 -15.76 -4.99
N GLU F 172 35.15 -16.31 -6.20
CA GLU F 172 36.34 -16.61 -6.98
C GLU F 172 37.10 -15.35 -7.35
N SER F 173 36.41 -14.20 -7.43
CA SER F 173 37.08 -12.96 -7.76
C SER F 173 38.11 -12.58 -6.69
N MET F 174 37.74 -12.71 -5.42
CA MET F 174 38.62 -12.25 -4.35
C MET F 174 39.95 -13.00 -4.34
N ASP F 175 39.98 -14.20 -4.92
CA ASP F 175 41.23 -14.94 -5.06
C ASP F 175 42.02 -14.55 -6.30
N LYS F 176 41.41 -13.81 -7.24
CA LYS F 176 42.11 -13.42 -8.44
C LYS F 176 43.36 -12.63 -8.09
N GLU F 177 44.45 -12.92 -8.80
CA GLU F 177 45.73 -12.31 -8.45
C GLU F 177 45.68 -10.80 -8.57
N GLU F 178 45.04 -10.29 -9.62
CA GLU F 178 44.97 -8.83 -9.81
C GLU F 178 43.82 -8.53 -10.76
N MET F 179 42.76 -7.90 -10.25
CA MET F 179 41.67 -7.43 -11.07
C MET F 179 42.09 -6.18 -11.84
N GLU F 180 41.37 -5.91 -12.93
CA GLU F 180 41.57 -4.69 -13.70
C GLU F 180 40.24 -4.18 -14.20
N ILE F 181 40.10 -2.85 -14.24
CA ILE F 181 38.89 -2.20 -14.72
C ILE F 181 39.28 -1.16 -15.76
N THR F 182 38.29 -0.76 -16.56
CA THR F 182 38.51 0.09 -17.73
C THR F 182 37.63 1.34 -17.65
N THR F 183 37.64 2.00 -16.49
CA THR F 183 36.84 3.20 -16.32
C THR F 183 37.35 4.33 -17.18
N HIS F 184 36.43 5.21 -17.59
CA HIS F 184 36.77 6.33 -18.47
C HIS F 184 37.23 7.52 -17.62
N PHE F 185 37.72 8.57 -18.28
CA PHE F 185 38.14 9.78 -17.61
C PHE F 185 37.46 11.00 -18.23
N GLY F 206 38.27 7.17 -25.39
CA GLY F 206 39.37 7.51 -24.50
C GLY F 206 39.14 7.00 -23.10
N LYS F 207 39.86 5.94 -22.73
CA LYS F 207 39.71 5.34 -21.41
C LYS F 207 41.04 4.74 -21.00
N LYS F 208 41.17 4.51 -19.69
CA LYS F 208 42.40 4.00 -19.10
C LYS F 208 42.10 2.68 -18.40
N LYS F 209 43.13 1.85 -18.26
CA LYS F 209 43.03 0.58 -17.57
C LYS F 209 43.71 0.71 -16.21
N GLN F 210 42.91 0.66 -15.15
CA GLN F 210 43.42 0.72 -13.79
C GLN F 210 43.39 -0.68 -13.18
N ARG F 211 44.55 -1.14 -12.71
CA ARG F 211 44.71 -2.48 -12.17
C ARG F 211 44.74 -2.40 -10.64
N LEU F 212 43.91 -3.22 -10.00
CA LEU F 212 43.81 -3.26 -8.55
C LEU F 212 44.42 -4.57 -8.06
N ASN F 213 45.42 -4.45 -7.19
CA ASN F 213 46.02 -5.64 -6.59
C ASN F 213 45.00 -6.34 -5.71
N LYS F 214 45.38 -7.49 -5.16
CA LYS F 214 44.44 -8.31 -4.42
C LYS F 214 43.88 -7.56 -3.22
N ARG F 215 44.76 -6.96 -2.42
CA ARG F 215 44.31 -6.29 -1.21
C ARG F 215 43.44 -5.09 -1.52
N SER F 216 43.81 -4.31 -2.54
CA SER F 216 43.02 -3.13 -2.89
C SER F 216 41.61 -3.53 -3.31
N TYR F 217 41.49 -4.52 -4.19
CA TYR F 217 40.17 -4.97 -4.60
C TYR F 217 39.40 -5.53 -3.43
N LEU F 218 40.06 -6.29 -2.55
CA LEU F 218 39.36 -6.86 -1.42
C LEU F 218 38.82 -5.77 -0.50
N ILE F 219 39.62 -4.74 -0.25
CA ILE F 219 39.14 -3.63 0.58
C ILE F 219 38.01 -2.89 -0.12
N ARG F 220 38.05 -2.83 -1.45
CA ARG F 220 36.99 -2.14 -2.18
C ARG F 220 35.70 -2.95 -2.22
N ALA F 221 35.80 -4.27 -2.13
CA ALA F 221 34.60 -5.11 -2.15
C ALA F 221 33.88 -5.07 -0.81
N LEU F 222 34.63 -4.98 0.28
CA LEU F 222 34.05 -4.95 1.62
C LEU F 222 33.60 -3.55 2.04
N THR F 223 33.95 -2.52 1.28
CA THR F 223 33.68 -1.16 1.71
C THR F 223 32.19 -0.84 1.68
N LEU F 224 31.78 0.03 2.60
CA LEU F 224 30.41 0.52 2.70
C LEU F 224 30.43 2.02 2.46
N ASN F 225 29.50 2.51 1.66
CA ASN F 225 29.40 3.94 1.39
C ASN F 225 28.36 4.56 2.31
N THR F 226 28.75 5.66 2.95
CA THR F 226 27.94 6.30 3.97
C THR F 226 27.52 7.68 3.50
N MET F 227 26.22 7.94 3.50
CA MET F 227 25.67 9.25 3.21
C MET F 227 24.71 9.65 4.33
N THR F 228 24.60 10.96 4.55
CA THR F 228 23.73 11.45 5.60
C THR F 228 22.27 11.15 5.27
N LYS F 229 21.47 10.96 6.32
CA LYS F 229 20.07 10.62 6.17
C LYS F 229 19.24 11.90 6.11
N ASP F 230 18.30 11.94 5.16
CA ASP F 230 17.50 13.12 4.91
C ASP F 230 16.02 12.82 5.16
N ALA F 231 15.29 13.86 5.56
CA ALA F 231 13.85 13.77 5.79
C ALA F 231 13.54 12.81 6.93
N GLU F 232 14.12 13.10 8.09
CA GLU F 232 13.91 12.32 9.29
C GLU F 232 13.03 13.09 10.25
N ARG F 233 11.98 12.44 10.75
CA ARG F 233 11.01 13.05 11.64
C ARG F 233 11.25 12.56 13.06
N GLY F 234 11.28 13.49 14.01
CA GLY F 234 11.33 13.12 15.40
C GLY F 234 12.73 13.03 15.98
N LYS F 235 13.70 13.69 15.34
CA LYS F 235 15.05 13.73 15.88
C LYS F 235 15.62 15.12 15.65
N LEU F 236 16.35 15.61 16.65
CA LEU F 236 17.03 16.90 16.55
C LEU F 236 18.41 16.79 15.92
N LYS F 237 19.05 15.63 16.00
CA LYS F 237 20.39 15.42 15.47
C LYS F 237 20.33 14.47 14.27
N ARG F 238 21.01 14.85 13.20
CA ARG F 238 21.01 14.05 11.98
C ARG F 238 21.77 12.74 12.21
N ARG F 239 21.32 11.69 11.52
CA ARG F 239 21.99 10.40 11.55
C ARG F 239 22.80 10.18 10.29
N ALA F 240 23.40 8.98 10.19
CA ALA F 240 24.11 8.55 9.01
C ALA F 240 23.58 7.19 8.57
N ILE F 241 23.39 7.01 7.27
CA ILE F 241 22.86 5.78 6.70
C ILE F 241 23.85 5.30 5.65
N ALA F 242 24.08 3.99 5.62
CA ALA F 242 25.07 3.38 4.73
C ALA F 242 24.39 2.47 3.73
N THR F 243 25.00 2.35 2.55
CA THR F 243 24.51 1.49 1.49
C THR F 243 25.59 0.50 1.07
N PRO F 244 25.31 -0.79 1.05
CA PRO F 244 26.36 -1.78 0.82
C PRO F 244 26.75 -1.90 -0.64
N GLY F 245 27.94 -2.44 -0.87
CA GLY F 245 28.43 -2.64 -2.20
C GLY F 245 27.56 -3.63 -2.96
N MET F 246 28.10 -4.09 -4.10
CA MET F 246 27.37 -5.03 -4.94
C MET F 246 27.78 -6.47 -4.73
N GLN F 247 28.95 -6.72 -4.14
CA GLN F 247 29.32 -8.10 -3.83
C GLN F 247 28.55 -8.65 -2.64
N ILE F 248 28.29 -7.82 -1.63
CA ILE F 248 27.61 -8.26 -0.43
C ILE F 248 26.09 -8.27 -0.57
N ARG F 249 25.57 -7.82 -1.71
CA ARG F 249 24.12 -7.69 -1.85
C ARG F 249 23.44 -9.05 -1.87
N GLY F 250 23.97 -10.02 -2.63
CA GLY F 250 23.29 -11.29 -2.78
C GLY F 250 23.24 -12.10 -1.49
N PHE F 251 24.36 -12.15 -0.76
CA PHE F 251 24.37 -12.88 0.49
C PHE F 251 23.40 -12.28 1.49
N VAL F 252 23.36 -10.94 1.57
CA VAL F 252 22.40 -10.28 2.42
C VAL F 252 20.99 -10.64 1.99
N TYR F 253 20.75 -10.73 0.68
CA TYR F 253 19.42 -11.11 0.20
C TYR F 253 19.03 -12.48 0.72
N PHE F 254 19.93 -13.45 0.61
CA PHE F 254 19.59 -14.81 1.06
C PHE F 254 19.36 -14.85 2.57
N VAL F 255 20.22 -14.17 3.34
CA VAL F 255 20.04 -14.15 4.78
C VAL F 255 18.73 -13.50 5.16
N GLU F 256 18.38 -12.39 4.49
CA GLU F 256 17.12 -11.72 4.77
C GLU F 256 15.94 -12.62 4.42
N THR F 257 16.05 -13.37 3.32
CA THR F 257 14.99 -14.31 2.99
C THR F 257 14.79 -15.34 4.09
N LEU F 258 15.89 -15.88 4.61
CA LEU F 258 15.76 -16.86 5.69
C LEU F 258 15.14 -16.23 6.94
N ALA F 259 15.59 -15.02 7.29
CA ALA F 259 15.06 -14.37 8.48
C ALA F 259 13.58 -14.06 8.33
N ARG F 260 13.16 -13.62 7.14
CA ARG F 260 11.74 -13.38 6.90
C ARG F 260 10.93 -14.67 6.99
N SER F 261 11.46 -15.75 6.43
CA SER F 261 10.76 -17.02 6.54
C SER F 261 10.58 -17.42 7.99
N ILE F 262 11.60 -17.20 8.82
CA ILE F 262 11.49 -17.56 10.24
C ILE F 262 10.49 -16.65 10.93
N CYS F 263 10.56 -15.35 10.68
CA CYS F 263 9.69 -14.41 11.39
C CYS F 263 8.22 -14.61 11.03
N GLU F 264 7.94 -14.98 9.78
CA GLU F 264 6.55 -15.18 9.38
C GLU F 264 5.88 -16.30 10.17
N LYS F 265 6.67 -17.20 10.76
CA LYS F 265 6.14 -18.30 11.55
C LYS F 265 6.07 -17.99 13.05
N LEU F 266 6.49 -16.79 13.46
CA LEU F 266 6.51 -16.41 14.87
C LEU F 266 5.35 -15.48 15.16
N GLU F 267 4.56 -15.82 16.18
CA GLU F 267 3.41 -15.00 16.53
C GLU F 267 3.84 -13.69 17.17
N GLN F 268 5.03 -13.65 17.75
CA GLN F 268 5.51 -12.48 18.48
C GLN F 268 6.40 -11.57 17.66
N SER F 269 6.60 -11.88 16.37
CA SER F 269 7.42 -11.07 15.49
C SER F 269 6.51 -10.26 14.59
N GLY F 270 6.61 -8.94 14.69
CA GLY F 270 5.71 -8.08 13.94
C GLY F 270 6.33 -7.48 12.70
N LEU F 271 7.61 -7.73 12.48
CA LEU F 271 8.33 -7.05 11.40
C LEU F 271 7.81 -7.42 10.01
N PRO F 272 7.64 -8.69 9.66
CA PRO F 272 7.38 -9.05 8.26
C PRO F 272 5.95 -8.79 7.78
N VAL F 273 5.14 -8.06 8.53
CA VAL F 273 3.75 -7.84 8.20
C VAL F 273 3.47 -6.34 8.14
N GLY F 274 2.27 -6.00 7.67
CA GLY F 274 1.87 -4.62 7.52
C GLY F 274 1.32 -4.03 8.82
N GLY F 275 0.81 -2.81 8.70
CA GLY F 275 0.33 -2.11 9.88
C GLY F 275 -0.86 -2.79 10.52
N ASN F 276 -1.85 -3.17 9.71
CA ASN F 276 -3.07 -3.74 10.28
C ASN F 276 -2.81 -5.08 10.94
N GLU F 277 -1.92 -5.89 10.35
CA GLU F 277 -1.59 -7.16 11.00
C GLU F 277 -0.81 -6.93 12.28
N LYS F 278 0.01 -5.88 12.33
CA LYS F 278 0.64 -5.51 13.61
C LYS F 278 -0.43 -5.17 14.65
N LYS F 279 -1.44 -4.39 14.26
CA LYS F 279 -2.53 -4.07 15.17
C LYS F 279 -3.19 -5.35 15.67
N ALA F 280 -3.48 -6.27 14.75
CA ALA F 280 -4.15 -7.51 15.13
C ALA F 280 -3.30 -8.30 16.11
N LYS F 281 -2.01 -8.47 15.82
CA LYS F 281 -1.13 -9.25 16.69
C LYS F 281 -1.05 -8.61 18.07
N LEU F 282 -0.88 -7.29 18.13
CA LEU F 282 -0.72 -6.64 19.42
C LEU F 282 -2.00 -6.73 20.24
N ALA F 283 -3.15 -6.54 19.59
CA ALA F 283 -4.42 -6.69 20.30
C ALA F 283 -4.59 -8.11 20.82
N ASN F 284 -4.23 -9.10 20.00
CA ASN F 284 -4.32 -10.49 20.46
C ASN F 284 -3.45 -10.74 21.68
N VAL F 285 -2.22 -10.22 21.65
CA VAL F 285 -1.32 -10.42 22.77
C VAL F 285 -1.87 -9.77 24.04
N VAL F 286 -2.37 -8.54 23.91
CA VAL F 286 -2.91 -7.85 25.08
C VAL F 286 -4.11 -8.61 25.64
N ARG F 287 -5.00 -9.06 24.77
CA ARG F 287 -6.15 -9.82 25.24
C ARG F 287 -5.71 -11.10 25.95
N LYS F 288 -4.74 -11.81 25.36
CA LYS F 288 -4.27 -13.04 25.97
C LYS F 288 -3.69 -12.79 27.35
N MET F 289 -2.89 -11.74 27.50
CA MET F 289 -2.20 -11.50 28.77
C MET F 289 -3.15 -10.94 29.82
N MET F 290 -3.72 -9.77 29.56
CA MET F 290 -4.52 -9.09 30.59
C MET F 290 -5.76 -9.88 30.96
N THR F 291 -6.50 -10.39 29.98
CA THR F 291 -7.77 -11.03 30.26
C THR F 291 -7.58 -12.35 30.99
N ASN F 292 -6.68 -13.21 30.50
CA ASN F 292 -6.50 -14.53 31.10
C ASN F 292 -6.04 -14.44 32.54
N SER F 293 -5.41 -13.33 32.94
CA SER F 293 -4.99 -13.18 34.32
C SER F 293 -6.20 -13.12 35.24
N GLN F 294 -6.07 -13.76 36.40
CA GLN F 294 -7.13 -13.75 37.38
C GLN F 294 -7.22 -12.37 38.02
N ASP F 295 -8.15 -12.24 38.98
CA ASP F 295 -8.33 -10.95 39.65
C ASP F 295 -7.07 -10.55 40.42
N THR F 296 -6.46 -11.51 41.12
CA THR F 296 -5.38 -11.17 42.03
C THR F 296 -4.11 -10.75 41.29
N GLU F 297 -3.81 -11.38 40.16
CA GLU F 297 -2.60 -11.04 39.42
C GLU F 297 -2.66 -9.60 38.91
N LEU F 298 -1.51 -8.94 38.94
CA LEU F 298 -1.34 -7.62 38.37
C LEU F 298 -0.85 -7.74 36.93
N SER F 299 -0.87 -6.62 36.23
CA SER F 299 -0.33 -6.55 34.88
C SER F 299 0.35 -5.21 34.69
N PHE F 300 1.34 -5.18 33.81
CA PHE F 300 2.09 -3.95 33.55
C PHE F 300 2.66 -4.02 32.15
N THR F 301 2.39 -3.01 31.33
CA THR F 301 2.84 -2.95 29.96
C THR F 301 3.99 -1.96 29.86
N ILE F 302 5.14 -2.42 29.39
CA ILE F 302 6.32 -1.59 29.22
C ILE F 302 6.36 -1.15 27.77
N THR F 303 6.19 0.14 27.52
CA THR F 303 6.28 0.69 26.17
C THR F 303 7.69 1.18 25.90
N GLY F 304 8.66 0.28 26.01
CA GLY F 304 10.05 0.66 25.98
C GLY F 304 10.58 0.91 24.59
N ASP F 305 11.90 1.02 24.51
CA ASP F 305 12.58 1.28 23.26
C ASP F 305 14.07 1.06 23.49
N ASN F 306 14.71 0.36 22.56
CA ASN F 306 16.13 0.03 22.72
C ASN F 306 17.00 1.17 22.21
N THR F 307 18.07 1.45 22.94
CA THR F 307 19.00 2.51 22.57
C THR F 307 20.20 1.93 21.84
N LYS F 308 20.70 2.67 20.86
CA LYS F 308 21.85 2.25 20.07
C LYS F 308 21.69 0.80 19.61
N TRP F 309 20.61 0.56 18.89
CA TRP F 309 20.31 -0.78 18.44
C TRP F 309 21.35 -1.28 17.45
N ASN F 310 21.71 -0.45 16.47
CA ASN F 310 22.63 -0.89 15.43
C ASN F 310 24.05 -1.03 15.96
N GLU F 311 24.47 -0.14 16.85
CA GLU F 311 25.85 -0.12 17.33
C GLU F 311 26.17 -1.25 18.29
N ASN F 312 25.29 -2.24 18.43
CA ASN F 312 25.55 -3.34 19.35
C ASN F 312 25.23 -4.72 18.78
N GLN F 313 24.58 -4.82 17.64
CA GLN F 313 24.31 -6.12 17.03
C GLN F 313 25.57 -6.56 16.30
N ASN F 314 26.46 -7.21 17.02
CA ASN F 314 27.71 -7.66 16.44
C ASN F 314 27.44 -8.73 15.40
N PRO F 315 28.01 -8.63 14.19
CA PRO F 315 27.72 -9.63 13.16
C PRO F 315 28.12 -11.05 13.55
N ARG F 316 29.07 -11.20 14.48
CA ARG F 316 29.46 -12.54 14.89
C ARG F 316 28.31 -13.26 15.58
N MET F 317 27.45 -12.52 16.28
CA MET F 317 26.24 -13.13 16.83
C MET F 317 25.31 -13.56 15.71
N PHE F 318 25.23 -12.80 14.64
CA PHE F 318 24.43 -13.23 13.50
C PHE F 318 25.00 -14.49 12.90
N LEU F 319 26.33 -14.62 12.86
CA LEU F 319 26.93 -15.86 12.36
C LEU F 319 26.60 -17.03 13.28
N ALA F 320 26.63 -16.82 14.60
CA ALA F 320 26.24 -17.87 15.52
C ALA F 320 24.79 -18.30 15.30
N MET F 321 23.90 -17.31 15.13
CA MET F 321 22.50 -17.64 14.86
C MET F 321 22.36 -18.40 13.54
N ILE F 322 23.07 -17.97 12.50
CA ILE F 322 22.96 -18.62 11.20
C ILE F 322 23.50 -20.04 11.24
N THR F 323 24.50 -20.28 12.09
CA THR F 323 25.02 -21.63 12.22
C THR F 323 24.10 -22.51 13.05
N TYR F 324 23.40 -21.92 14.03
CA TYR F 324 22.45 -22.73 14.80
C TYR F 324 21.17 -22.98 14.03
N ILE F 325 20.78 -22.07 13.14
CA ILE F 325 19.58 -22.27 12.34
C ILE F 325 19.81 -23.39 11.33
N THR F 326 20.99 -23.43 10.73
CA THR F 326 21.30 -24.33 9.62
C THR F 326 21.96 -25.61 10.08
N ARG F 327 21.61 -26.11 11.26
CA ARG F 327 22.10 -27.41 11.70
C ARG F 327 21.39 -28.52 10.95
N ASN F 328 22.17 -29.48 10.46
CA ASN F 328 21.64 -30.63 9.73
C ASN F 328 21.09 -30.21 8.37
N GLN F 329 21.83 -29.36 7.68
CA GLN F 329 21.49 -28.90 6.34
C GLN F 329 22.68 -29.12 5.41
N PRO F 330 22.45 -29.16 4.10
CA PRO F 330 23.56 -29.39 3.18
C PRO F 330 24.64 -28.33 3.36
N GLU F 331 25.89 -28.76 3.23
CA GLU F 331 27.02 -27.87 3.52
C GLU F 331 26.99 -26.64 2.63
N TRP F 332 26.61 -26.80 1.36
CA TRP F 332 26.60 -25.67 0.44
C TRP F 332 25.64 -24.59 0.93
N PHE F 333 24.45 -24.98 1.38
CA PHE F 333 23.49 -24.01 1.88
C PHE F 333 24.03 -23.31 3.11
N ARG F 334 24.64 -24.07 4.01
CA ARG F 334 25.20 -23.48 5.22
C ARG F 334 26.25 -22.43 4.86
N ASN F 335 27.13 -22.75 3.90
CA ASN F 335 28.18 -21.81 3.52
C ASN F 335 27.59 -20.56 2.88
N VAL F 336 26.65 -20.73 1.94
CA VAL F 336 26.13 -19.57 1.24
C VAL F 336 25.35 -18.67 2.18
N LEU F 337 24.76 -19.26 3.23
CA LEU F 337 24.08 -18.42 4.23
C LEU F 337 25.08 -17.75 5.16
N SER F 338 26.16 -18.45 5.54
CA SER F 338 27.12 -17.90 6.50
C SER F 338 28.00 -16.84 5.88
N ILE F 339 28.11 -16.78 4.56
CA ILE F 339 29.05 -15.83 3.94
C ILE F 339 28.69 -14.39 4.26
N ALA F 340 27.41 -14.09 4.54
CA ALA F 340 27.03 -12.69 4.73
C ALA F 340 27.59 -12.12 6.02
N PRO F 341 27.35 -12.71 7.19
CA PRO F 341 27.99 -12.19 8.41
C PRO F 341 29.50 -12.18 8.35
N ILE F 342 30.12 -13.13 7.64
CA ILE F 342 31.57 -13.16 7.53
C ILE F 342 32.07 -11.94 6.78
N MET F 343 31.34 -11.50 5.76
CA MET F 343 31.72 -10.29 5.04
C MET F 343 31.38 -9.03 5.82
N PHE F 344 30.30 -9.06 6.60
CA PHE F 344 29.94 -7.86 7.36
C PHE F 344 30.84 -7.67 8.57
N SER F 345 31.48 -8.73 9.06
CA SER F 345 32.37 -8.59 10.20
C SER F 345 33.64 -7.85 9.86
N ASN F 346 34.02 -7.78 8.58
CA ASN F 346 35.25 -7.14 8.14
C ASN F 346 34.97 -5.86 7.36
N LYS F 347 33.74 -5.36 7.42
CA LYS F 347 33.36 -4.21 6.60
C LYS F 347 34.21 -2.99 6.95
N MET F 348 34.50 -2.20 5.93
CA MET F 348 35.15 -0.90 6.09
C MET F 348 34.13 0.17 5.71
N ALA F 349 33.95 1.16 6.57
CA ALA F 349 32.96 2.19 6.35
C ALA F 349 33.63 3.37 5.67
N ARG F 350 33.37 3.54 4.37
CA ARG F 350 33.89 4.70 3.66
C ARG F 350 33.37 5.97 4.30
N LEU F 351 34.27 6.91 4.56
CA LEU F 351 33.93 8.04 5.42
C LEU F 351 32.80 8.86 4.82
N GLY F 352 33.06 9.51 3.70
CA GLY F 352 32.02 10.30 3.05
C GLY F 352 32.63 11.41 2.22
N LYS F 353 31.80 12.43 1.98
CA LYS F 353 32.19 13.52 1.10
C LYS F 353 33.43 14.24 1.59
N GLY F 354 33.65 14.27 2.89
CA GLY F 354 34.76 15.00 3.45
C GLY F 354 34.37 16.43 3.78
N TYR F 355 35.06 16.99 4.77
CA TYR F 355 34.69 18.32 5.27
C TYR F 355 34.92 19.38 4.20
N MET F 356 34.56 20.61 4.53
CA MET F 356 34.79 21.76 3.67
C MET F 356 35.31 22.92 4.52
N PHE F 357 36.15 23.74 3.91
CA PHE F 357 36.83 24.82 4.62
C PHE F 357 36.36 26.16 4.08
N GLU F 358 36.87 27.23 4.69
CA GLU F 358 36.61 28.59 4.23
C GLU F 358 37.75 29.48 4.70
N SER F 359 37.81 30.68 4.14
CA SER F 359 38.79 31.68 4.53
C SER F 359 38.09 33.03 4.58
N LYS F 360 37.74 33.47 5.79
CA LYS F 360 37.06 34.75 5.94
C LYS F 360 37.93 35.89 5.44
N SER F 361 39.21 35.89 5.80
CA SER F 361 40.10 36.98 5.41
C SER F 361 40.35 36.96 3.90
N MET F 362 40.69 35.79 3.35
CA MET F 362 41.00 35.69 1.93
C MET F 362 39.77 35.56 1.06
N LYS F 363 38.59 35.31 1.65
CA LYS F 363 37.34 35.27 0.91
C LYS F 363 37.37 34.15 -0.14
N LEU F 364 37.53 32.93 0.33
CA LEU F 364 37.50 31.75 -0.54
C LEU F 364 37.21 30.53 0.30
N ARG F 365 36.80 29.45 -0.39
CA ARG F 365 36.46 28.19 0.23
C ARG F 365 37.09 27.05 -0.54
N THR F 366 37.36 25.96 0.16
CA THR F 366 37.98 24.79 -0.44
C THR F 366 37.30 23.54 0.08
N GLN F 367 37.33 22.49 -0.73
CA GLN F 367 36.77 21.19 -0.38
C GLN F 367 37.90 20.18 -0.32
N ILE F 368 38.00 19.46 0.79
CA ILE F 368 39.04 18.45 1.00
C ILE F 368 38.37 17.08 0.96
N PRO F 369 38.84 16.16 0.12
CA PRO F 369 38.25 14.82 0.13
C PRO F 369 38.44 14.15 1.47
N ALA F 370 37.49 13.28 1.83
CA ALA F 370 37.58 12.58 3.10
C ALA F 370 38.78 11.64 3.15
N GLU F 371 39.36 11.32 2.00
CA GLU F 371 40.49 10.40 1.97
C GLU F 371 41.69 10.97 2.72
N MET F 372 41.98 12.26 2.54
CA MET F 372 43.18 12.85 3.12
C MET F 372 42.99 13.28 4.57
N LEU F 373 41.96 12.78 5.26
CA LEU F 373 41.85 13.06 6.69
C LEU F 373 42.95 12.38 7.48
N ALA F 374 43.45 11.24 6.99
CA ALA F 374 44.52 10.54 7.70
C ALA F 374 45.83 11.31 7.62
N SER F 375 46.03 12.09 6.57
CA SER F 375 47.29 12.79 6.36
C SER F 375 47.21 14.29 6.67
N ILE F 376 46.03 14.89 6.59
CA ILE F 376 45.91 16.33 6.77
C ILE F 376 46.24 16.72 8.20
N ASP F 377 46.79 17.91 8.38
CA ASP F 377 47.08 18.42 9.70
C ASP F 377 45.79 18.77 10.43
N LEU F 378 45.87 18.80 11.76
CA LEU F 378 44.71 19.04 12.60
C LEU F 378 44.58 20.51 13.02
N LYS F 379 45.32 21.41 12.37
CA LYS F 379 45.24 22.82 12.74
C LYS F 379 44.07 23.54 12.09
N TYR F 380 43.28 22.85 11.27
CA TYR F 380 42.16 23.45 10.57
C TYR F 380 40.83 23.23 11.24
N PHE F 381 40.66 22.12 11.96
CA PHE F 381 39.36 21.70 12.42
C PHE F 381 38.96 22.39 13.72
N ASN F 382 37.76 22.09 14.18
CA ASN F 382 37.23 22.64 15.42
C ASN F 382 37.91 21.95 16.60
N ASP F 383 37.37 22.17 17.80
CA ASP F 383 37.83 21.45 18.98
C ASP F 383 37.16 20.10 19.13
N SER F 384 36.11 19.81 18.36
CA SER F 384 35.41 18.53 18.39
C SER F 384 35.78 17.64 17.22
N THR F 385 35.79 18.20 16.00
CA THR F 385 36.24 17.42 14.86
C THR F 385 37.70 17.06 14.97
N ARG F 386 38.51 17.90 15.62
CA ARG F 386 39.91 17.53 15.85
C ARG F 386 40.01 16.29 16.71
N LYS F 387 39.22 16.22 17.79
CA LYS F 387 39.21 15.03 18.63
C LYS F 387 38.69 13.82 17.86
N LYS F 388 37.64 14.01 17.06
CA LYS F 388 37.09 12.90 16.30
C LYS F 388 38.13 12.33 15.33
N ILE F 389 38.85 13.21 14.62
CA ILE F 389 39.89 12.74 13.73
C ILE F 389 41.01 12.07 14.51
N GLU F 390 41.43 12.68 15.62
CA GLU F 390 42.51 12.10 16.42
C GLU F 390 42.16 10.69 16.89
N LYS F 391 40.88 10.45 17.17
CA LYS F 391 40.46 9.15 17.67
C LYS F 391 40.18 8.14 16.57
N ILE F 392 39.71 8.59 15.40
CA ILE F 392 39.42 7.68 14.29
C ILE F 392 40.63 7.37 13.45
N ARG F 393 41.70 8.15 13.56
CA ARG F 393 42.86 7.96 12.69
C ARG F 393 43.45 6.55 12.78
N PRO F 394 43.60 5.94 13.95
CA PRO F 394 44.20 4.60 13.99
C PRO F 394 43.47 3.57 13.15
N LEU F 395 42.16 3.71 12.99
CA LEU F 395 41.36 2.73 12.26
C LEU F 395 41.39 2.94 10.75
N LEU F 396 41.85 4.10 10.28
CA LEU F 396 41.77 4.39 8.85
C LEU F 396 42.77 3.56 8.06
N ILE F 397 42.35 3.07 6.91
CA ILE F 397 43.22 2.37 5.99
C ILE F 397 42.79 2.68 4.56
N ASP F 398 43.64 3.38 3.82
CA ASP F 398 43.38 3.74 2.43
C ASP F 398 42.05 4.48 2.29
N GLY F 399 41.81 5.42 3.20
CA GLY F 399 40.64 6.27 3.12
C GLY F 399 39.36 5.66 3.62
N THR F 400 39.42 4.53 4.33
CA THR F 400 38.25 3.90 4.92
C THR F 400 38.60 3.42 6.32
N ALA F 401 37.59 3.40 7.19
CA ALA F 401 37.76 3.04 8.59
C ALA F 401 37.17 1.68 8.87
N SER F 402 37.90 0.85 9.61
CA SER F 402 37.38 -0.44 10.02
C SER F 402 36.20 -0.24 10.96
N LEU F 403 35.13 -0.99 10.72
CA LEU F 403 33.91 -0.87 11.52
C LEU F 403 33.39 -2.28 11.84
N SER F 404 34.28 -3.14 12.30
CA SER F 404 33.87 -4.53 12.57
C SER F 404 32.82 -4.65 13.66
N PRO F 405 32.97 -4.03 14.83
CA PRO F 405 32.18 -4.45 16.00
C PRO F 405 30.73 -3.98 16.02
N GLY F 406 30.17 -3.55 14.90
CA GLY F 406 28.77 -3.15 14.91
C GLY F 406 28.23 -3.10 13.51
N MET F 407 26.94 -2.83 13.41
CA MET F 407 26.31 -2.57 12.12
C MET F 407 26.29 -1.07 11.85
N MET F 408 25.96 -0.72 10.60
CA MET F 408 25.83 0.68 10.22
C MET F 408 24.37 1.13 10.25
N MET F 409 23.50 0.41 9.56
CA MET F 409 22.08 0.70 9.59
C MET F 409 21.32 -0.51 9.09
N GLY F 410 20.57 -1.16 9.96
CA GLY F 410 19.71 -2.25 9.53
C GLY F 410 20.46 -3.27 8.70
N MET F 411 19.88 -3.62 7.55
CA MET F 411 20.43 -4.60 6.62
C MET F 411 20.28 -6.02 7.18
N PHE F 412 19.87 -6.13 8.45
CA PHE F 412 19.58 -7.42 9.07
C PHE F 412 18.38 -7.33 9.98
N ASN F 413 17.47 -6.38 9.73
CA ASN F 413 16.39 -6.12 10.67
C ASN F 413 15.61 -7.39 11.00
N MET F 414 15.44 -8.26 10.01
CA MET F 414 14.69 -9.49 10.25
C MET F 414 15.38 -10.37 11.28
N LEU F 415 16.69 -10.55 11.15
CA LEU F 415 17.41 -11.41 12.09
C LEU F 415 17.47 -10.79 13.48
N SER F 416 17.67 -9.48 13.56
CA SER F 416 17.63 -8.80 14.85
C SER F 416 16.27 -8.97 15.50
N THR F 417 15.20 -8.88 14.72
CA THR F 417 13.88 -9.13 15.26
C THR F 417 13.72 -10.57 15.72
N VAL F 418 14.37 -11.52 15.04
CA VAL F 418 14.36 -12.90 15.52
C VAL F 418 15.00 -12.97 16.90
N LEU F 419 16.11 -12.28 17.08
CA LEU F 419 16.77 -12.26 18.40
C LEU F 419 15.85 -11.67 19.46
N GLY F 420 15.22 -10.54 19.13
CA GLY F 420 14.29 -9.93 20.07
C GLY F 420 13.15 -10.85 20.44
N VAL F 421 12.60 -11.55 19.43
CA VAL F 421 11.51 -12.47 19.69
C VAL F 421 11.98 -13.61 20.57
N SER F 422 13.22 -14.06 20.38
CA SER F 422 13.75 -15.13 21.23
C SER F 422 13.82 -14.67 22.68
N ILE F 423 14.31 -13.45 22.91
CA ILE F 423 14.42 -12.98 24.28
C ILE F 423 13.03 -12.77 24.89
N LEU F 424 12.06 -12.33 24.10
CA LEU F 424 10.69 -12.24 24.61
C LEU F 424 10.16 -13.63 24.96
N ASN F 425 10.41 -14.61 24.10
CA ASN F 425 9.95 -15.97 24.35
C ASN F 425 10.57 -16.55 25.60
N LEU F 426 11.78 -16.11 25.94
CA LEU F 426 12.55 -16.71 27.03
C LEU F 426 11.90 -16.51 28.40
N GLY F 427 10.71 -15.95 28.45
CA GLY F 427 10.00 -15.76 29.72
C GLY F 427 8.60 -16.32 29.75
N GLN F 428 8.40 -17.51 29.18
CA GLN F 428 7.08 -18.10 29.07
C GLN F 428 6.59 -18.76 30.35
N LYS F 429 7.26 -18.55 31.47
CA LYS F 429 6.92 -19.19 32.75
C LYS F 429 7.37 -20.64 32.77
N ARG F 430 7.83 -21.15 31.62
CA ARG F 430 8.51 -22.44 31.57
C ARG F 430 10.00 -22.27 31.73
N TYR F 431 10.54 -21.13 31.30
CA TYR F 431 11.94 -20.79 31.47
C TYR F 431 12.17 -19.80 32.61
N THR F 432 11.13 -19.13 33.09
CA THR F 432 11.26 -18.23 34.21
C THR F 432 11.36 -18.98 35.53
N LYS F 433 10.67 -20.11 35.64
CA LYS F 433 10.69 -20.93 36.85
C LYS F 433 10.33 -20.09 38.08
N THR F 434 9.41 -19.15 37.89
CA THR F 434 9.01 -18.25 38.95
C THR F 434 7.60 -17.75 38.64
N THR F 435 6.97 -17.16 39.66
CA THR F 435 5.59 -16.73 39.51
C THR F 435 5.45 -15.70 38.40
N TYR F 436 6.35 -14.72 38.35
CA TYR F 436 6.27 -13.69 37.33
C TYR F 436 6.58 -14.26 35.96
N TRP F 437 5.99 -13.67 34.93
CA TRP F 437 6.26 -14.05 33.56
C TRP F 437 5.90 -12.90 32.64
N TRP F 438 6.38 -12.97 31.40
CA TRP F 438 6.21 -11.86 30.47
C TRP F 438 6.12 -12.40 29.05
N ASP F 439 5.51 -11.61 28.19
CA ASP F 439 5.56 -11.81 26.75
C ASP F 439 5.24 -10.47 26.10
N GLY F 440 5.01 -10.49 24.79
CA GLY F 440 4.71 -9.26 24.09
C GLY F 440 4.97 -9.41 22.61
N LEU F 441 5.27 -8.29 21.97
CA LEU F 441 5.52 -8.23 20.54
C LEU F 441 6.79 -7.44 20.29
N GLN F 442 7.60 -7.91 19.35
CA GLN F 442 8.87 -7.30 19.01
C GLN F 442 8.88 -6.89 17.55
N SER F 443 9.20 -5.63 17.30
CA SER F 443 9.52 -5.13 15.97
C SER F 443 10.85 -4.40 16.06
N SER F 444 11.77 -4.74 15.15
CA SER F 444 13.16 -4.32 15.27
C SER F 444 13.28 -2.90 15.79
N ASP F 445 14.00 -2.74 16.90
CA ASP F 445 14.25 -1.48 17.59
C ASP F 445 13.07 -1.05 18.46
N ASP F 446 11.96 -1.78 18.49
CA ASP F 446 10.81 -1.39 19.27
C ASP F 446 10.15 -2.64 19.86
N PHE F 447 9.78 -2.58 21.13
CA PHE F 447 9.14 -3.70 21.79
C PHE F 447 8.05 -3.20 22.71
N ALA F 448 7.10 -4.09 23.00
CA ALA F 448 6.09 -3.87 24.01
C ALA F 448 6.02 -5.13 24.85
N LEU F 449 6.37 -5.02 26.12
CA LEU F 449 6.47 -6.17 27.02
C LEU F 449 5.42 -6.06 28.11
N ILE F 450 4.74 -7.17 28.37
CA ILE F 450 3.58 -7.21 29.26
C ILE F 450 3.91 -8.14 30.41
N VAL F 451 4.20 -7.59 31.58
CA VAL F 451 4.60 -8.38 32.74
C VAL F 451 3.38 -8.77 33.55
N ASN F 452 3.46 -9.90 34.23
CA ASN F 452 2.44 -10.35 35.16
C ASN F 452 3.11 -10.83 36.44
N ALA F 453 2.37 -10.77 37.54
CA ALA F 453 2.92 -11.18 38.82
C ALA F 453 1.82 -11.21 39.87
N PRO F 454 2.07 -11.76 41.05
CA PRO F 454 1.09 -11.68 42.13
C PRO F 454 1.27 -10.50 43.08
N ASN F 455 2.36 -9.77 42.97
CA ASN F 455 2.61 -8.60 43.80
C ASN F 455 3.58 -7.69 43.08
N HIS F 456 3.67 -6.45 43.56
CA HIS F 456 4.44 -5.45 42.84
C HIS F 456 5.92 -5.81 42.79
N GLU F 457 6.47 -6.32 43.90
CA GLU F 457 7.85 -6.76 43.87
C GLU F 457 8.06 -7.85 42.82
N GLY F 458 7.01 -8.63 42.53
CA GLY F 458 7.10 -9.59 41.43
C GLY F 458 7.32 -8.91 40.10
N ILE F 459 6.58 -7.83 39.84
CA ILE F 459 6.76 -7.07 38.61
C ILE F 459 8.17 -6.48 38.57
N GLN F 460 8.64 -5.97 39.71
CA GLN F 460 9.99 -5.42 39.75
C GLN F 460 11.03 -6.48 39.38
N ALA F 461 10.89 -7.67 39.96
CA ALA F 461 11.82 -8.76 39.65
C ALA F 461 11.73 -9.16 38.19
N GLY F 462 10.52 -9.23 37.64
CA GLY F 462 10.39 -9.57 36.23
C GLY F 462 11.05 -8.55 35.32
N VAL F 463 10.87 -7.27 35.62
CA VAL F 463 11.51 -6.24 34.80
C VAL F 463 13.02 -6.33 34.90
N ASP F 464 13.54 -6.53 36.12
CA ASP F 464 14.99 -6.67 36.27
C ASP F 464 15.50 -7.87 35.48
N ARG F 465 14.81 -9.00 35.57
CA ARG F 465 15.23 -10.18 34.84
C ARG F 465 15.26 -9.93 33.34
N PHE F 466 14.20 -9.29 32.81
CA PHE F 466 14.17 -9.01 31.38
C PHE F 466 15.31 -8.10 30.98
N TYR F 467 15.54 -7.05 31.77
CA TYR F 467 16.60 -6.11 31.42
C TYR F 467 17.96 -6.80 31.42
N ARG F 468 18.25 -7.59 32.44
CA ARG F 468 19.55 -8.26 32.52
C ARG F 468 19.71 -9.26 31.39
N THR F 469 18.67 -10.02 31.07
CA THR F 469 18.78 -10.97 29.98
C THR F 469 19.03 -10.26 28.65
N CYS F 470 18.32 -9.16 28.40
CA CYS F 470 18.57 -8.40 27.18
C CYS F 470 20.00 -7.88 27.16
N LYS F 471 20.51 -7.43 28.30
CA LYS F 471 21.89 -6.95 28.35
C LYS F 471 22.87 -8.07 28.01
N LEU F 472 22.60 -9.28 28.49
CA LEU F 472 23.44 -10.43 28.14
C LEU F 472 23.41 -10.68 26.64
N LEU F 473 22.24 -10.65 26.03
CA LEU F 473 22.13 -10.91 24.61
C LEU F 473 22.69 -9.78 23.76
N GLY F 474 23.13 -8.68 24.37
CA GLY F 474 23.75 -7.60 23.65
C GLY F 474 22.81 -6.54 23.13
N ILE F 475 21.58 -6.48 23.65
CA ILE F 475 20.62 -5.45 23.28
C ILE F 475 20.25 -4.69 24.55
N ASN F 476 20.26 -3.36 24.48
CA ASN F 476 20.07 -2.50 25.62
C ASN F 476 18.71 -1.83 25.55
N MET F 477 17.98 -1.84 26.65
CA MET F 477 16.77 -1.05 26.77
C MET F 477 17.15 0.39 27.08
N SER F 478 16.44 1.33 26.44
CA SER F 478 16.65 2.74 26.70
C SER F 478 15.85 3.14 27.93
N LYS F 479 16.55 3.56 28.99
CA LYS F 479 15.87 3.89 30.23
C LYS F 479 15.33 5.31 30.25
N LYS F 480 15.66 6.13 29.25
CA LYS F 480 15.15 7.48 29.16
C LYS F 480 13.98 7.62 28.20
N LYS F 481 13.47 6.51 27.66
CA LYS F 481 12.31 6.56 26.79
C LYS F 481 11.35 5.42 27.05
N SER F 482 11.36 4.84 28.26
CA SER F 482 10.51 3.72 28.60
C SER F 482 9.80 4.02 29.92
N TYR F 483 8.53 3.71 29.98
CA TYR F 483 7.75 3.80 31.21
C TYR F 483 6.91 2.56 31.36
N ILE F 484 6.60 2.21 32.61
CA ILE F 484 5.81 1.03 32.93
C ILE F 484 4.54 1.50 33.62
N ASN F 485 3.40 1.10 33.08
CA ASN F 485 2.11 1.48 33.65
C ASN F 485 1.16 0.30 33.55
N ARG F 486 0.15 0.29 34.42
CA ARG F 486 -0.82 -0.79 34.42
C ARG F 486 -1.32 -1.05 33.00
N THR F 487 -1.58 -2.31 32.70
CA THR F 487 -1.93 -2.68 31.34
C THR F 487 -3.20 -1.96 30.90
N GLY F 488 -3.33 -1.78 29.59
CA GLY F 488 -4.32 -0.89 29.03
C GLY F 488 -3.63 0.14 28.17
N THR F 489 -3.62 1.39 28.60
CA THR F 489 -2.89 2.42 27.88
C THR F 489 -1.46 1.95 27.62
N PHE F 490 -1.04 2.05 26.36
CA PHE F 490 0.35 1.81 25.99
C PHE F 490 0.53 2.22 24.54
N GLU F 491 1.79 2.23 24.11
CA GLU F 491 2.16 2.68 22.77
C GLU F 491 3.13 1.68 22.16
N PHE F 492 3.18 1.65 20.82
CA PHE F 492 4.07 0.74 20.13
C PHE F 492 4.31 1.26 18.72
N THR F 493 5.54 1.69 18.45
CA THR F 493 5.94 2.26 17.16
C THR F 493 4.83 3.14 16.58
N SER F 494 4.31 4.03 17.42
CA SER F 494 3.34 5.04 17.01
C SER F 494 1.98 4.44 16.65
N PHE F 495 1.58 3.38 17.36
CA PHE F 495 0.24 2.84 17.29
C PHE F 495 -0.32 2.90 18.71
N PHE F 496 -0.88 4.04 19.09
CA PHE F 496 -1.33 4.22 20.46
C PHE F 496 -2.54 3.35 20.74
N TYR F 497 -2.62 2.84 21.97
CA TYR F 497 -3.64 1.86 22.34
C TYR F 497 -4.23 2.27 23.67
N ARG F 498 -5.52 2.59 23.67
CA ARG F 498 -6.27 2.93 24.87
C ARG F 498 -7.53 2.06 24.87
N TYR F 499 -7.44 0.87 25.46
CA TYR F 499 -8.54 -0.08 25.48
C TYR F 499 -9.08 -0.31 24.06
N GLY F 500 -8.17 -0.33 23.10
CA GLY F 500 -8.52 -0.42 21.69
C GLY F 500 -7.78 0.62 20.89
N PHE F 501 -7.14 0.21 19.80
CA PHE F 501 -6.27 1.11 19.06
C PHE F 501 -7.02 2.35 18.61
N VAL F 502 -6.40 3.50 18.81
CA VAL F 502 -6.92 4.79 18.37
C VAL F 502 -6.13 5.24 17.15
N ALA F 503 -6.83 5.72 16.14
CA ALA F 503 -6.21 6.07 14.87
C ALA F 503 -5.71 7.51 14.95
N ASN F 504 -4.40 7.68 14.89
CA ASN F 504 -3.80 9.01 14.77
C ASN F 504 -3.63 9.32 13.30
N PHE F 505 -4.23 10.42 12.86
CA PHE F 505 -4.30 10.78 11.45
C PHE F 505 -3.12 11.62 10.99
N SER F 506 -2.27 12.09 11.91
CA SER F 506 -1.20 13.00 11.53
C SER F 506 0.01 12.31 10.94
N MET F 507 0.10 10.98 11.04
CA MET F 507 1.21 10.27 10.40
C MET F 507 1.01 10.15 8.89
N GLU F 508 -0.22 9.96 8.45
CA GLU F 508 -0.52 9.82 7.03
C GLU F 508 -0.79 11.15 6.35
N LEU F 509 -0.66 12.27 7.06
CA LEU F 509 -0.90 13.56 6.45
C LEU F 509 0.00 13.84 5.25
N PRO F 510 1.29 13.51 5.27
CA PRO F 510 2.15 13.84 4.12
C PRO F 510 1.71 13.18 2.82
N SER F 511 0.88 12.15 2.86
CA SER F 511 0.52 11.41 1.65
C SER F 511 -0.56 12.08 0.82
N PHE F 512 -1.21 13.12 1.33
CA PHE F 512 -2.41 13.62 0.67
C PHE F 512 -2.10 14.45 -0.56
N GLY F 513 -1.00 15.19 -0.57
CA GLY F 513 -0.68 16.04 -1.70
C GLY F 513 -0.58 15.25 -3.00
N VAL F 514 -0.36 15.96 -4.11
CA VAL F 514 -0.17 15.28 -5.38
C VAL F 514 1.16 14.54 -5.35
N SER F 515 1.12 13.22 -5.61
CA SER F 515 2.32 12.41 -5.49
C SER F 515 3.40 12.90 -6.45
N GLY F 516 3.01 13.19 -7.69
CA GLY F 516 3.92 13.76 -8.65
C GLY F 516 4.38 12.84 -9.78
N ILE F 517 3.71 11.72 -10.00
CA ILE F 517 4.09 10.84 -11.09
C ILE F 517 3.65 11.42 -12.43
N ASN F 518 2.34 11.55 -12.61
CA ASN F 518 1.75 12.20 -13.78
C ASN F 518 0.28 12.43 -13.47
N GLU F 519 -0.46 12.92 -14.45
CA GLU F 519 -1.82 13.39 -14.20
C GLU F 519 -2.74 12.26 -13.77
N SER F 520 -2.93 11.25 -14.63
CA SER F 520 -3.82 10.15 -14.29
C SER F 520 -3.33 9.43 -13.04
N ALA F 521 -2.03 9.18 -12.96
CA ALA F 521 -1.48 8.52 -11.77
C ALA F 521 -1.76 9.34 -10.52
N ASP F 522 -1.57 10.66 -10.59
CA ASP F 522 -1.82 11.49 -9.41
C ASP F 522 -3.28 11.45 -9.00
N MET F 523 -4.20 11.54 -9.95
CA MET F 523 -5.61 11.49 -9.59
C MET F 523 -5.94 10.17 -8.90
N SER F 524 -5.53 9.06 -9.51
CA SER F 524 -5.82 7.76 -8.93
C SER F 524 -5.20 7.62 -7.55
N ILE F 525 -3.96 8.06 -7.40
CA ILE F 525 -3.25 7.89 -6.14
C ILE F 525 -3.90 8.72 -5.05
N GLY F 526 -4.29 9.96 -5.35
CA GLY F 526 -4.91 10.79 -4.34
C GLY F 526 -6.25 10.24 -3.89
N VAL F 527 -7.09 9.84 -4.84
CA VAL F 527 -8.40 9.31 -4.44
C VAL F 527 -8.21 8.00 -3.66
N THR F 528 -7.25 7.17 -4.07
CA THR F 528 -7.00 5.93 -3.34
C THR F 528 -6.51 6.21 -1.92
N VAL F 529 -5.67 7.22 -1.76
CA VAL F 529 -5.20 7.57 -0.41
C VAL F 529 -6.35 8.03 0.46
N ILE F 530 -7.25 8.85 -0.10
CA ILE F 530 -8.40 9.30 0.68
C ILE F 530 -9.25 8.11 1.09
N LYS F 531 -9.51 7.20 0.16
CA LYS F 531 -10.31 6.01 0.49
C LYS F 531 -9.64 5.20 1.60
N ASN F 532 -8.35 4.93 1.46
CA ASN F 532 -7.65 4.11 2.43
C ASN F 532 -7.68 4.74 3.81
N ASN F 533 -7.44 6.06 3.88
CA ASN F 533 -7.50 6.71 5.18
C ASN F 533 -8.90 6.69 5.75
N MET F 534 -9.93 6.72 4.90
CA MET F 534 -11.29 6.53 5.41
C MET F 534 -11.44 5.14 6.00
N ILE F 535 -10.78 4.14 5.41
CA ILE F 535 -10.93 2.77 5.88
C ILE F 535 -10.16 2.56 7.18
N ASN F 536 -8.88 2.95 7.20
CA ASN F 536 -7.99 2.57 8.30
C ASN F 536 -7.92 3.63 9.39
N ASN F 537 -7.49 4.84 9.05
CA ASN F 537 -7.22 5.88 10.02
C ASN F 537 -8.48 6.64 10.45
N ASP F 538 -9.67 6.07 10.23
CA ASP F 538 -10.92 6.67 10.68
C ASP F 538 -11.01 8.14 10.31
N LEU F 539 -11.01 8.40 9.01
CA LEU F 539 -11.27 9.72 8.46
C LEU F 539 -12.76 9.86 8.21
N GLY F 540 -13.38 10.87 8.80
CA GLY F 540 -14.81 11.01 8.73
C GLY F 540 -15.31 11.39 7.37
N PRO F 541 -16.62 11.27 7.15
CA PRO F 541 -17.18 11.68 5.84
C PRO F 541 -16.91 13.13 5.49
N ALA F 542 -17.25 14.07 6.37
CA ALA F 542 -17.06 15.48 6.06
C ALA F 542 -15.58 15.80 5.85
N THR F 543 -14.72 15.24 6.69
CA THR F 543 -13.29 15.46 6.52
C THR F 543 -12.81 14.85 5.21
N ALA F 544 -13.35 13.69 4.83
CA ALA F 544 -12.98 13.11 3.55
C ALA F 544 -13.38 14.01 2.40
N GLN F 545 -14.57 14.60 2.47
CA GLN F 545 -15.00 15.51 1.41
C GLN F 545 -14.10 16.74 1.34
N MET F 546 -13.73 17.30 2.50
CA MET F 546 -12.85 18.46 2.46
C MET F 546 -11.47 18.10 1.96
N ALA F 547 -10.99 16.90 2.30
CA ALA F 547 -9.71 16.45 1.75
C ALA F 547 -9.80 16.29 0.24
N LEU F 548 -10.93 15.79 -0.25
CA LEU F 548 -11.11 15.65 -1.69
C LEU F 548 -11.09 17.01 -2.38
N GLN F 549 -11.81 17.99 -1.82
CA GLN F 549 -11.83 19.31 -2.41
C GLN F 549 -10.44 19.93 -2.40
N LEU F 550 -9.72 19.83 -1.28
CA LEU F 550 -8.38 20.39 -1.22
C LEU F 550 -7.44 19.69 -2.19
N PHE F 551 -7.57 18.38 -2.34
CA PHE F 551 -6.70 17.67 -3.27
C PHE F 551 -6.98 18.11 -4.70
N ILE F 552 -8.25 18.28 -5.06
CA ILE F 552 -8.56 18.74 -6.41
C ILE F 552 -7.99 20.14 -6.63
N LYS F 553 -8.12 21.00 -5.62
CA LYS F 553 -7.58 22.36 -5.73
C LYS F 553 -6.06 22.32 -5.96
N ASP F 554 -5.36 21.53 -5.16
CA ASP F 554 -3.91 21.43 -5.31
C ASP F 554 -3.54 20.83 -6.66
N TYR F 555 -4.27 19.81 -7.09
CA TYR F 555 -3.97 19.15 -8.36
C TYR F 555 -4.14 20.13 -9.52
N ARG F 556 -5.23 20.89 -9.52
CA ARG F 556 -5.41 21.90 -10.56
C ARG F 556 -4.30 22.94 -10.51
N TYR F 557 -3.94 23.41 -9.31
CA TYR F 557 -2.92 24.44 -9.21
C TYR F 557 -1.54 23.93 -9.63
N THR F 558 -1.31 22.62 -9.56
CA THR F 558 -0.02 22.07 -9.95
C THR F 558 0.06 21.71 -11.42
N TYR F 559 -1.02 21.22 -12.00
CA TYR F 559 -1.03 20.81 -13.41
C TYR F 559 -1.64 21.86 -14.32
N ARG F 560 -1.92 23.06 -13.82
CA ARG F 560 -2.46 24.15 -14.61
C ARG F 560 -3.76 23.77 -15.32
N CYS F 561 -4.39 22.70 -14.90
CA CYS F 561 -5.60 22.20 -15.55
C CYS F 561 -6.83 22.73 -14.82
N HIS F 562 -7.02 24.04 -14.92
CA HIS F 562 -8.18 24.67 -14.28
C HIS F 562 -9.45 24.37 -15.07
N ARG F 563 -10.59 24.75 -14.50
CA ARG F 563 -11.87 24.25 -14.99
C ARG F 563 -12.23 24.76 -16.37
N GLY F 564 -11.51 25.74 -16.90
CA GLY F 564 -11.84 26.26 -18.23
C GLY F 564 -12.81 27.42 -18.20
N ASP F 565 -13.93 27.27 -17.48
CA ASP F 565 -14.84 28.38 -17.28
C ASP F 565 -14.11 29.59 -16.70
N THR F 566 -13.17 29.34 -15.80
CA THR F 566 -12.45 30.43 -15.16
C THR F 566 -11.59 31.17 -16.17
N GLN F 567 -11.29 32.43 -15.84
CA GLN F 567 -10.43 33.27 -16.66
C GLN F 567 -8.97 33.18 -16.23
N ILE F 568 -8.56 32.06 -15.66
CA ILE F 568 -7.18 31.90 -15.22
C ILE F 568 -6.25 32.03 -16.42
N GLN F 569 -5.13 32.71 -16.22
CA GLN F 569 -4.13 32.92 -17.26
C GLN F 569 -2.89 32.15 -16.87
N THR F 570 -2.58 31.10 -17.62
CA THR F 570 -1.40 30.29 -17.37
C THR F 570 -0.83 29.83 -18.71
N ARG F 571 0.32 29.15 -18.64
CA ARG F 571 0.98 28.69 -19.85
C ARG F 571 0.13 27.68 -20.61
N ARG F 572 -0.87 27.09 -19.97
CA ARG F 572 -1.67 26.03 -20.55
C ARG F 572 -3.14 26.39 -20.69
N SER F 573 -3.54 27.60 -20.25
CA SER F 573 -4.95 27.91 -20.16
C SER F 573 -5.59 28.10 -21.53
N PHE F 574 -4.84 28.61 -22.50
CA PHE F 574 -5.43 28.97 -23.78
C PHE F 574 -6.15 27.79 -24.41
N GLU F 575 -5.45 26.67 -24.59
CA GLU F 575 -6.08 25.56 -25.28
C GLU F 575 -6.89 24.67 -24.37
N ILE F 576 -6.72 24.76 -23.04
CA ILE F 576 -7.72 24.18 -22.15
C ILE F 576 -9.07 24.86 -22.36
N LYS F 577 -9.07 26.18 -22.45
CA LYS F 577 -10.28 26.93 -22.76
C LYS F 577 -10.80 26.56 -24.14
N LYS F 578 -9.89 26.45 -25.12
CA LYS F 578 -10.31 26.09 -26.48
C LYS F 578 -11.00 24.74 -26.50
N LEU F 579 -10.40 23.74 -25.84
CA LEU F 579 -11.01 22.42 -25.78
C LEU F 579 -12.35 22.46 -25.06
N TRP F 580 -12.43 23.22 -23.96
CA TRP F 580 -13.71 23.34 -23.26
C TRP F 580 -14.78 23.89 -24.19
N GLU F 581 -14.44 24.94 -24.95
CA GLU F 581 -15.40 25.52 -25.88
C GLU F 581 -15.80 24.50 -26.95
N GLN F 582 -14.83 23.74 -27.45
CA GLN F 582 -15.12 22.80 -28.54
C GLN F 582 -16.10 21.72 -28.11
N THR F 583 -15.96 21.21 -26.89
CA THR F 583 -16.69 20.03 -26.47
C THR F 583 -18.18 20.30 -26.36
N ARG F 584 -18.97 19.24 -26.50
CA ARG F 584 -20.43 19.32 -26.39
C ARG F 584 -20.90 19.01 -24.97
N SER F 585 -20.56 17.83 -24.45
CA SER F 585 -20.89 17.45 -23.08
C SER F 585 -19.73 17.87 -22.20
N LYS F 586 -19.77 19.12 -21.73
CA LYS F 586 -18.67 19.66 -20.95
C LYS F 586 -18.52 18.95 -19.61
N ALA F 587 -19.51 18.16 -19.20
CA ALA F 587 -19.46 17.43 -17.94
C ALA F 587 -18.79 16.08 -18.07
N GLY F 588 -17.98 15.89 -19.10
CA GLY F 588 -17.31 14.62 -19.32
C GLY F 588 -15.81 14.75 -19.42
N LEU F 589 -15.32 15.99 -19.55
CA LEU F 589 -13.90 16.21 -19.63
C LEU F 589 -13.21 15.70 -18.36
N LEU F 590 -12.02 15.14 -18.52
CA LEU F 590 -11.22 14.77 -17.36
C LEU F 590 -10.77 16.01 -16.61
N VAL F 591 -10.68 15.89 -15.29
CA VAL F 591 -10.21 17.01 -14.47
C VAL F 591 -8.86 17.49 -14.97
N SER F 592 -8.10 16.62 -15.63
CA SER F 592 -6.82 17.01 -16.19
C SER F 592 -6.97 17.90 -17.42
N ASP F 593 -8.14 17.85 -18.08
CA ASP F 593 -8.41 18.67 -19.26
C ASP F 593 -9.39 19.81 -18.96
N GLY F 594 -9.62 20.10 -17.68
CA GLY F 594 -10.49 21.19 -17.30
C GLY F 594 -11.93 20.82 -17.05
N GLY F 595 -12.24 19.54 -16.92
CA GLY F 595 -13.59 19.12 -16.67
C GLY F 595 -13.98 19.31 -15.22
N PRO F 596 -15.27 19.16 -14.96
CA PRO F 596 -15.75 19.25 -13.58
C PRO F 596 -15.33 18.05 -12.75
N ASN F 597 -15.33 18.24 -11.44
CA ASN F 597 -15.04 17.17 -10.50
C ASN F 597 -16.34 16.46 -10.15
N LEU F 598 -16.36 15.14 -10.31
CA LEU F 598 -17.57 14.35 -10.07
C LEU F 598 -17.40 13.34 -8.94
N TYR F 599 -16.28 13.35 -8.24
CA TYR F 599 -16.10 12.42 -7.13
C TYR F 599 -16.95 12.81 -5.94
N ASN F 600 -17.13 11.86 -5.03
CA ASN F 600 -17.77 12.09 -3.75
C ASN F 600 -17.34 10.96 -2.83
N ILE F 601 -18.03 10.82 -1.69
CA ILE F 601 -17.69 9.75 -0.76
C ILE F 601 -18.03 8.37 -1.32
N ARG F 602 -18.77 8.29 -2.42
CA ARG F 602 -19.20 7.01 -2.96
C ARG F 602 -18.51 6.61 -4.24
N ASN F 603 -17.69 7.50 -4.83
CA ASN F 603 -17.02 7.20 -6.09
C ASN F 603 -15.51 7.06 -5.93
N LEU F 604 -14.99 7.02 -4.71
CA LEU F 604 -13.56 7.07 -4.52
C LEU F 604 -12.84 5.82 -5.02
N HIS F 605 -13.55 4.72 -5.24
CA HIS F 605 -12.93 3.46 -5.63
C HIS F 605 -13.00 3.22 -7.13
N ILE F 606 -13.46 4.19 -7.90
CA ILE F 606 -13.65 4.06 -9.35
C ILE F 606 -12.65 4.99 -10.03
N PRO F 607 -11.79 4.49 -10.93
CA PRO F 607 -10.86 5.39 -11.62
C PRO F 607 -11.61 6.43 -12.44
N GLU F 608 -10.99 7.60 -12.56
CA GLU F 608 -11.71 8.76 -13.10
C GLU F 608 -12.22 8.49 -14.51
N VAL F 609 -11.33 8.06 -15.42
CA VAL F 609 -11.74 7.93 -16.81
C VAL F 609 -12.83 6.90 -16.95
N CYS F 610 -12.85 5.88 -16.09
CA CYS F 610 -13.94 4.92 -16.09
C CYS F 610 -15.21 5.54 -15.51
N LEU F 611 -15.07 6.62 -14.73
CA LEU F 611 -16.23 7.24 -14.10
C LEU F 611 -17.03 8.07 -15.10
N LYS F 612 -16.35 8.80 -15.97
CA LYS F 612 -16.99 9.72 -16.90
C LYS F 612 -17.23 9.10 -18.27
N TRP F 613 -17.22 7.78 -18.37
CA TRP F 613 -17.34 7.14 -19.69
C TRP F 613 -18.69 7.45 -20.33
N GLU F 614 -19.76 7.42 -19.55
CA GLU F 614 -21.08 7.68 -20.11
C GLU F 614 -21.22 9.12 -20.58
N LEU F 615 -20.53 10.05 -19.93
CA LEU F 615 -20.69 11.47 -20.20
C LEU F 615 -19.73 12.00 -21.26
N MET F 616 -18.92 11.14 -21.87
CA MET F 616 -17.86 11.57 -22.76
C MET F 616 -18.38 11.70 -24.19
N ASP F 617 -17.83 12.67 -24.92
CA ASP F 617 -18.11 12.78 -26.34
C ASP F 617 -17.33 11.72 -27.12
N GLU F 618 -17.91 11.28 -28.23
CA GLU F 618 -17.27 10.24 -29.03
C GLU F 618 -15.92 10.72 -29.54
N ASP F 619 -15.85 11.95 -30.02
CA ASP F 619 -14.58 12.48 -30.55
C ASP F 619 -13.54 12.59 -29.44
N TYR F 620 -13.91 13.23 -28.33
CA TYR F 620 -12.97 13.37 -27.22
C TYR F 620 -12.60 12.01 -26.64
N GLN F 621 -13.58 11.12 -26.54
CA GLN F 621 -13.31 9.78 -26.04
C GLN F 621 -12.31 9.06 -26.93
N GLY F 622 -12.46 9.17 -28.25
CA GLY F 622 -11.52 8.53 -29.15
C GLY F 622 -10.14 9.13 -29.08
N ARG F 623 -10.04 10.46 -29.06
CA ARG F 623 -8.73 11.10 -29.01
C ARG F 623 -8.02 10.78 -27.70
N LEU F 624 -8.77 10.74 -26.60
CA LEU F 624 -8.15 10.60 -25.29
C LEU F 624 -7.40 9.28 -25.17
N CYS F 625 -8.11 8.16 -25.23
CA CYS F 625 -7.54 6.84 -25.03
C CYS F 625 -7.24 6.23 -26.40
N ASN F 626 -6.19 6.74 -27.03
CA ASN F 626 -5.78 6.31 -28.37
C ASN F 626 -4.42 5.63 -28.24
N PRO F 627 -4.30 4.33 -28.53
CA PRO F 627 -2.99 3.68 -28.40
C PRO F 627 -1.92 4.30 -29.27
N LEU F 628 -2.29 4.91 -30.39
CA LEU F 628 -1.31 5.48 -31.30
C LEU F 628 -0.62 6.71 -30.71
N ASN F 629 -1.16 7.28 -29.64
CA ASN F 629 -0.61 8.52 -29.12
C ASN F 629 0.82 8.29 -28.64
N PRO F 630 1.71 9.28 -28.78
CA PRO F 630 3.12 9.09 -28.39
C PRO F 630 3.44 9.41 -26.94
N PHE F 631 2.45 9.54 -26.06
CA PHE F 631 2.69 9.88 -24.66
C PHE F 631 2.66 8.68 -23.73
N VAL F 632 1.75 7.73 -23.96
CA VAL F 632 1.69 6.55 -23.10
C VAL F 632 3.07 5.88 -23.07
N SER F 633 3.49 5.48 -21.87
CA SER F 633 4.79 4.87 -21.66
C SER F 633 4.71 3.36 -21.50
N HIS F 634 3.59 2.74 -21.91
CA HIS F 634 3.42 1.30 -21.81
C HIS F 634 3.59 0.84 -20.37
N LYS F 635 3.02 1.60 -19.43
CA LYS F 635 3.01 1.24 -18.02
C LYS F 635 4.41 1.24 -17.43
N GLU F 636 4.51 1.05 -16.12
CA GLU F 636 5.80 1.02 -15.45
C GLU F 636 5.73 0.16 -14.18
N MET F 655 2.75 1.86 -3.47
CA MET F 655 1.30 1.88 -3.31
C MET F 655 0.63 1.45 -4.61
N GLU F 656 -0.38 0.58 -4.49
CA GLU F 656 -1.13 0.10 -5.65
C GLU F 656 -2.24 1.08 -5.97
N TYR F 657 -2.01 1.92 -6.98
CA TYR F 657 -3.01 2.87 -7.44
C TYR F 657 -3.64 2.33 -8.71
N ASP F 658 -4.97 2.29 -8.73
CA ASP F 658 -5.68 1.76 -9.89
C ASP F 658 -5.65 2.78 -11.03
N ALA F 659 -5.05 2.40 -12.14
CA ALA F 659 -4.81 3.31 -13.25
C ALA F 659 -5.43 2.78 -14.53
N VAL F 660 -5.71 3.70 -15.44
CA VAL F 660 -6.24 3.39 -16.77
C VAL F 660 -5.34 4.08 -17.79
N ALA F 661 -4.88 3.32 -18.78
CA ALA F 661 -4.02 3.89 -19.81
C ALA F 661 -4.73 5.04 -20.51
N THR F 662 -4.01 6.13 -20.71
CA THR F 662 -4.58 7.33 -21.30
C THR F 662 -3.44 8.26 -21.68
N THR F 663 -3.74 9.22 -22.57
CA THR F 663 -2.72 10.16 -22.99
C THR F 663 -2.12 10.94 -21.83
N HIS F 664 -2.82 11.01 -20.70
CA HIS F 664 -2.33 11.69 -19.52
C HIS F 664 -1.38 10.83 -18.70
N SER F 665 -0.86 9.75 -19.26
CA SER F 665 0.09 8.88 -18.57
C SER F 665 1.52 9.14 -19.00
N TRP F 666 1.82 10.33 -19.52
CA TRP F 666 3.17 10.64 -19.94
C TRP F 666 4.13 10.50 -18.76
N ILE F 667 5.42 10.54 -19.08
CA ILE F 667 6.46 10.40 -18.06
C ILE F 667 7.32 11.66 -18.03
N PRO F 668 7.76 12.11 -16.86
CA PRO F 668 8.56 13.34 -16.81
C PRO F 668 9.98 13.13 -17.29
N LYS F 669 10.63 14.24 -17.62
CA LYS F 669 11.99 14.21 -18.12
C LYS F 669 12.96 13.86 -17.00
N ARG F 670 14.25 13.77 -17.33
CA ARG F 670 15.31 13.56 -16.36
C ARG F 670 16.18 14.80 -16.29
N ASN F 671 17.06 14.85 -15.28
CA ASN F 671 17.71 16.11 -14.95
C ASN F 671 18.78 16.48 -15.98
N ARG F 672 19.33 15.50 -16.69
CA ARG F 672 20.32 15.74 -17.73
C ARG F 672 21.58 16.40 -17.18
N SER F 673 21.88 16.19 -15.91
CA SER F 673 23.04 16.83 -15.29
C SER F 673 24.35 16.12 -15.61
N ILE F 674 24.30 14.91 -16.19
CA ILE F 674 25.52 14.16 -16.46
C ILE F 674 26.34 14.84 -17.55
N LEU F 675 25.68 15.56 -18.47
CA LEU F 675 26.35 16.01 -19.68
C LEU F 675 27.64 16.74 -19.38
N ASN F 676 27.66 17.56 -18.33
CA ASN F 676 28.87 18.30 -18.01
C ASN F 676 29.99 17.38 -17.56
N THR F 677 29.66 16.31 -16.85
CA THR F 677 30.66 15.45 -16.23
C THR F 677 31.40 14.66 -17.31
N SER F 678 32.37 13.85 -16.86
CA SER F 678 33.14 13.01 -17.76
C SER F 678 32.42 11.72 -18.12
N GLN F 679 31.32 11.39 -17.45
CA GLN F 679 30.53 10.21 -17.78
C GLN F 679 29.46 10.54 -18.82
N ARG F 680 29.88 11.18 -19.91
CA ARG F 680 28.99 11.40 -21.03
C ARG F 680 28.72 10.12 -21.81
N GLY F 681 29.72 9.25 -21.92
CA GLY F 681 29.60 8.06 -22.75
C GLY F 681 28.52 7.10 -22.29
N ILE F 682 28.10 7.19 -21.03
CA ILE F 682 27.10 6.25 -20.54
C ILE F 682 25.77 6.44 -21.26
N LEU F 683 25.47 7.67 -21.70
CA LEU F 683 24.22 7.92 -22.41
C LEU F 683 24.18 7.16 -23.74
N GLU F 684 25.30 7.10 -24.46
CA GLU F 684 25.33 6.30 -25.68
C GLU F 684 25.09 4.83 -25.35
N ASP F 685 25.64 4.35 -24.24
CA ASP F 685 25.39 2.98 -23.83
C ASP F 685 23.90 2.76 -23.58
N GLU F 686 23.26 3.71 -22.92
CA GLU F 686 21.82 3.58 -22.70
C GLU F 686 21.06 3.55 -24.02
N GLN F 687 21.42 4.43 -24.94
CA GLN F 687 20.73 4.45 -26.24
C GLN F 687 20.86 3.10 -26.95
N MET F 688 22.08 2.58 -27.01
CA MET F 688 22.31 1.31 -27.70
C MET F 688 21.58 0.17 -27.00
N TYR F 689 21.62 0.14 -25.66
CA TYR F 689 20.92 -0.91 -24.93
C TYR F 689 19.43 -0.85 -25.19
N GLN F 690 18.86 0.35 -25.21
CA GLN F 690 17.42 0.49 -25.46
C GLN F 690 17.08 0.04 -26.88
N LYS F 691 17.91 0.39 -27.86
CA LYS F 691 17.66 -0.08 -29.22
C LYS F 691 17.64 -1.60 -29.28
N CYS F 692 18.66 -2.23 -28.70
CA CYS F 692 18.75 -3.68 -28.75
C CYS F 692 17.57 -4.34 -28.04
N CYS F 693 17.21 -3.83 -26.86
CA CYS F 693 16.11 -4.43 -26.11
C CYS F 693 14.78 -4.22 -26.81
N ASN F 694 14.59 -3.08 -27.48
CA ASN F 694 13.37 -2.88 -28.26
C ASN F 694 13.30 -3.86 -29.41
N LEU F 695 14.41 -4.09 -30.11
CA LEU F 695 14.41 -5.09 -31.17
C LEU F 695 14.06 -6.47 -30.62
N PHE F 696 14.66 -6.83 -29.49
CA PHE F 696 14.36 -8.12 -28.88
C PHE F 696 12.88 -8.22 -28.53
N GLU F 697 12.34 -7.17 -27.91
CA GLU F 697 10.89 -7.12 -27.65
C GLU F 697 10.11 -7.39 -28.93
N LYS F 698 10.56 -6.80 -30.03
CA LYS F 698 9.90 -7.03 -31.31
C LYS F 698 9.91 -8.52 -31.66
N PHE F 699 11.05 -9.18 -31.43
CA PHE F 699 11.15 -10.60 -31.78
C PHE F 699 10.34 -11.48 -30.83
N PHE F 700 10.53 -11.30 -29.53
CA PHE F 700 9.87 -12.14 -28.52
C PHE F 700 8.76 -11.34 -27.85
N PRO F 701 7.48 -11.62 -28.14
CA PRO F 701 6.42 -10.81 -27.55
C PRO F 701 6.41 -10.82 -26.03
N SER F 702 6.78 -11.93 -25.41
CA SER F 702 6.62 -12.10 -23.97
C SER F 702 7.75 -11.49 -23.17
N SER F 703 8.77 -10.92 -23.80
CA SER F 703 9.89 -10.38 -23.04
C SER F 703 9.44 -9.27 -22.09
N SER F 704 8.54 -8.41 -22.56
CA SER F 704 8.05 -7.33 -21.71
C SER F 704 7.27 -7.87 -20.51
N TYR F 705 6.41 -8.85 -20.74
CA TYR F 705 5.56 -9.35 -19.66
C TYR F 705 6.36 -10.11 -18.62
N ARG F 706 7.01 -11.19 -19.03
CA ARG F 706 7.82 -12.01 -18.14
C ARG F 706 9.27 -11.93 -18.57
N ARG F 707 10.16 -11.77 -17.61
CA ARG F 707 11.58 -11.58 -17.93
C ARG F 707 12.08 -12.74 -18.77
N PRO F 708 12.89 -12.49 -19.81
CA PRO F 708 13.34 -13.58 -20.66
C PRO F 708 14.47 -14.35 -20.00
N VAL F 709 14.32 -15.67 -19.92
CA VAL F 709 15.34 -16.54 -19.38
C VAL F 709 16.06 -17.22 -20.54
N GLY F 710 17.17 -17.86 -20.22
CA GLY F 710 17.99 -18.49 -21.24
C GLY F 710 19.40 -17.96 -21.23
N ILE F 711 20.34 -18.71 -21.79
CA ILE F 711 21.76 -18.36 -21.78
C ILE F 711 22.35 -18.32 -23.17
N SER F 712 21.52 -18.33 -24.21
CA SER F 712 22.01 -18.16 -25.57
C SER F 712 22.13 -16.68 -25.89
N SER F 713 23.23 -16.33 -26.57
CA SER F 713 23.45 -14.94 -26.94
C SER F 713 22.23 -14.38 -27.66
N MET F 714 22.08 -13.05 -27.61
CA MET F 714 20.87 -12.44 -28.14
C MET F 714 20.75 -12.66 -29.65
N VAL F 715 21.85 -12.55 -30.38
CA VAL F 715 21.79 -12.72 -31.83
C VAL F 715 21.35 -14.13 -32.17
N GLU F 716 21.90 -15.13 -31.47
CA GLU F 716 21.55 -16.51 -31.79
C GLU F 716 20.09 -16.77 -31.52
N ALA F 717 19.57 -16.25 -30.41
CA ALA F 717 18.14 -16.43 -30.12
C ALA F 717 17.28 -15.76 -31.18
N MET F 718 17.63 -14.54 -31.58
CA MET F 718 16.85 -13.84 -32.58
C MET F 718 16.85 -14.61 -33.91
N VAL F 719 18.02 -15.08 -34.32
CA VAL F 719 18.13 -15.81 -35.59
C VAL F 719 17.36 -17.11 -35.53
N SER F 720 17.46 -17.85 -34.43
CA SER F 720 16.72 -19.10 -34.31
C SER F 720 15.23 -18.85 -34.35
N ARG F 721 14.75 -17.82 -33.65
CA ARG F 721 13.33 -17.52 -33.68
C ARG F 721 12.90 -17.14 -35.10
N ALA F 722 13.70 -16.34 -35.80
CA ALA F 722 13.34 -15.96 -37.16
C ALA F 722 13.26 -17.19 -38.05
N ARG F 723 14.23 -18.08 -37.96
CA ARG F 723 14.24 -19.27 -38.80
C ARG F 723 13.02 -20.14 -38.53
N ILE F 724 12.71 -20.38 -37.25
CA ILE F 724 11.57 -21.23 -36.94
C ILE F 724 10.27 -20.57 -37.37
N ASP F 725 10.15 -19.26 -37.18
CA ASP F 725 8.94 -18.55 -37.59
C ASP F 725 8.74 -18.68 -39.09
N ALA F 726 9.80 -18.44 -39.87
CA ALA F 726 9.69 -18.57 -41.32
C ALA F 726 9.34 -20.00 -41.70
N ARG F 727 9.95 -20.98 -41.03
CA ARG F 727 9.67 -22.38 -41.34
C ARG F 727 8.20 -22.69 -41.15
N ILE F 728 7.63 -22.30 -39.99
CA ILE F 728 6.25 -22.63 -39.72
C ILE F 728 5.31 -21.87 -40.64
N ASP F 729 5.63 -20.61 -40.95
CA ASP F 729 4.80 -19.85 -41.88
C ASP F 729 4.78 -20.50 -43.25
N PHE F 730 5.95 -20.90 -43.75
CA PHE F 730 6.01 -21.56 -45.06
C PHE F 730 5.28 -22.89 -45.05
N GLU F 731 5.41 -23.65 -43.95
CA GLU F 731 4.74 -24.94 -43.86
C GLU F 731 3.23 -24.78 -44.00
N SER F 732 2.66 -23.79 -43.28
CA SER F 732 1.23 -23.52 -43.37
C SER F 732 1.03 -22.06 -42.97
N GLY F 733 0.89 -21.19 -43.96
CA GLY F 733 0.78 -19.77 -43.69
C GLY F 733 0.94 -18.95 -44.95
N ARG F 734 1.40 -17.71 -44.77
CA ARG F 734 1.49 -16.78 -45.87
C ARG F 734 2.84 -16.84 -46.56
N ILE F 735 3.91 -17.10 -45.82
CA ILE F 735 5.26 -17.04 -46.39
C ILE F 735 5.37 -18.03 -47.53
N LYS F 736 5.94 -17.57 -48.64
CA LYS F 736 6.14 -18.37 -49.84
C LYS F 736 7.62 -18.70 -50.01
N LYS F 737 7.93 -19.37 -51.13
CA LYS F 737 9.29 -19.84 -51.35
C LYS F 737 10.27 -18.68 -51.49
N GLU F 738 9.88 -17.64 -52.23
CA GLU F 738 10.80 -16.51 -52.44
C GLU F 738 11.15 -15.83 -51.11
N GLU F 739 10.13 -15.51 -50.31
CA GLU F 739 10.38 -14.86 -49.04
C GLU F 739 11.15 -15.78 -48.09
N PHE F 740 10.84 -17.07 -48.12
CA PHE F 740 11.57 -18.02 -47.28
C PHE F 740 13.05 -18.03 -47.65
N ALA F 741 13.36 -18.06 -48.95
CA ALA F 741 14.75 -18.03 -49.37
C ALA F 741 15.42 -16.74 -48.96
N GLU F 742 14.74 -15.60 -49.15
CA GLU F 742 15.33 -14.32 -48.78
C GLU F 742 15.64 -14.26 -47.30
N ILE F 743 14.69 -14.68 -46.46
CA ILE F 743 14.89 -14.59 -45.01
C ILE F 743 15.98 -15.57 -44.58
N MET F 744 16.00 -16.76 -45.17
CA MET F 744 17.03 -17.73 -44.80
C MET F 744 18.43 -17.24 -45.18
N LYS F 745 18.58 -16.64 -46.36
CA LYS F 745 19.89 -16.13 -46.74
C LYS F 745 20.28 -14.94 -45.89
N ILE F 746 19.31 -14.09 -45.52
CA ILE F 746 19.62 -12.98 -44.63
C ILE F 746 20.09 -13.50 -43.27
N CYS F 747 19.43 -14.54 -42.76
CA CYS F 747 19.86 -15.13 -41.49
C CYS F 747 21.24 -15.76 -41.62
N SER F 748 21.52 -16.39 -42.78
CA SER F 748 22.84 -16.97 -42.99
C SER F 748 23.92 -15.90 -42.95
N THR F 749 23.69 -14.77 -43.63
CA THR F 749 24.70 -13.71 -43.60
C THR F 749 24.80 -13.07 -42.23
N ILE F 750 23.69 -12.99 -41.48
CA ILE F 750 23.76 -12.49 -40.11
C ILE F 750 24.63 -13.42 -39.26
N GLU F 751 24.45 -14.73 -39.41
CA GLU F 751 25.28 -15.68 -38.67
C GLU F 751 26.74 -15.53 -39.08
N GLU F 752 27.00 -15.34 -40.37
CA GLU F 752 28.37 -15.13 -40.83
C GLU F 752 28.98 -13.89 -40.17
N LEU F 753 28.21 -12.80 -40.12
CA LEU F 753 28.71 -11.59 -39.47
C LEU F 753 28.98 -11.83 -37.99
N ARG F 754 28.10 -12.58 -37.33
CA ARG F 754 28.33 -12.93 -35.93
C ARG F 754 29.64 -13.68 -35.76
N ARG F 755 29.85 -14.72 -36.57
CA ARG F 755 30.99 -15.62 -36.37
C ARG F 755 32.32 -14.91 -36.56
N GLN F 756 32.35 -13.82 -37.31
CA GLN F 756 33.59 -13.09 -37.52
C GLN F 756 34.21 -12.68 -36.19
#